data_9EVP
#
_entry.id   9EVP
#
_cell.length_a   1.00
_cell.length_b   1.00
_cell.length_c   1.00
_cell.angle_alpha   90.00
_cell.angle_beta   90.00
_cell.angle_gamma   90.00
#
_symmetry.space_group_name_H-M   'P 1'
#
loop_
_entity.id
_entity.type
_entity.pdbx_description
1 polymer 'Large T antigen'
2 polymer DNA
3 non-polymer 'PHOSPHOAMINOPHOSPHONIC ACID-ADENYLATE ESTER'
4 non-polymer 'MAGNESIUM ION'
#
loop_
_entity_poly.entity_id
_entity_poly.type
_entity_poly.pdbx_seq_one_letter_code
_entity_poly.pdbx_strand_id
1 'polypeptide(L)'
;KQVSWKLVTEYAMETKCDDVLLLLGMYLEFQYSFEMCLKCIKKEQPSHYKYHEKHYANAAIFADSKNQKTICQQAVDTVL
AKKRVDSLQLTREQMLTNRFNDLLDRMDIMFGSTGSADIEEWMAGVAWLHCLLPKMDSVVYDFLKCMVYNIPKKRYWLFK
GPIDSGKTTLAAALLELCGGKALNVNLPLDRLNFELGVAIDQFLVVFEDVKGTGGESRDLPSGQGINNLDNLRDYLDGSV
KVNLEKKHLNKRTQIFPPGIVTMNEYSVPKTLQARFVKQIDFRPKDYLKHCLERSEFLLEKRIIQSGIALLLMLIWYRPV
AEFAQSIQSRIVEWKERLDKEFSLSVYQKMKFNVAMGIGVLD
;
A,B,C,D,E,F
2 'polydeoxyribonucleotide' (DT)(DT)(DT)(DT)(DT)(DT)(DT) S
#
loop_
_chem_comp.id
_chem_comp.type
_chem_comp.name
_chem_comp.formula
ANP non-polymer 'PHOSPHOAMINOPHOSPHONIC ACID-ADENYLATE ESTER' 'C10 H17 N6 O12 P3'
DT DNA linking THYMIDINE-5'-MONOPHOSPHATE 'C10 H15 N2 O8 P'
MG non-polymer 'MAGNESIUM ION' 'Mg 2'
#
# COMPACT_ATOMS: atom_id res chain seq x y z
N LYS A 1 32.62 -28.79 -9.86
CA LYS A 1 32.26 -28.86 -8.45
C LYS A 1 31.41 -27.66 -8.02
N GLN A 2 31.23 -26.70 -8.92
CA GLN A 2 30.31 -25.59 -8.70
C GLN A 2 29.42 -25.36 -9.91
N VAL A 3 28.25 -24.78 -9.66
CA VAL A 3 27.29 -24.49 -10.71
C VAL A 3 27.82 -23.37 -11.61
N SER A 4 27.73 -23.58 -12.91
CA SER A 4 27.94 -22.50 -13.87
C SER A 4 26.64 -21.70 -13.99
N TRP A 5 26.66 -20.48 -13.46
CA TRP A 5 25.54 -19.57 -13.68
C TRP A 5 25.43 -19.18 -15.14
N LYS A 6 26.56 -19.24 -15.86
CA LYS A 6 26.63 -18.92 -17.28
C LYS A 6 25.87 -19.92 -18.14
N LEU A 7 26.05 -21.23 -17.89
CA LEU A 7 25.26 -22.23 -18.60
C LEU A 7 23.76 -22.08 -18.36
N VAL A 8 23.34 -21.75 -17.13
CA VAL A 8 21.92 -21.52 -16.88
C VAL A 8 21.41 -20.31 -17.64
N THR A 9 22.19 -19.22 -17.67
CA THR A 9 21.80 -18.05 -18.42
C THR A 9 21.74 -18.35 -19.92
N GLU A 10 22.69 -19.13 -20.41
CA GLU A 10 22.70 -19.59 -21.78
C GLU A 10 21.45 -20.40 -22.14
N TYR A 11 21.07 -21.34 -21.28
CA TYR A 11 19.81 -22.06 -21.48
C TYR A 11 18.59 -21.14 -21.51
N ALA A 12 18.52 -20.20 -20.58
CA ALA A 12 17.40 -19.27 -20.54
C ALA A 12 17.34 -18.39 -21.78
N MET A 13 18.49 -17.97 -22.29
CA MET A 13 18.56 -17.17 -23.51
C MET A 13 18.12 -17.98 -24.73
N GLU A 14 18.61 -19.20 -24.84
CA GLU A 14 18.22 -20.05 -25.96
C GLU A 14 16.75 -20.44 -25.90
N THR A 15 16.23 -20.64 -24.69
CA THR A 15 14.81 -20.94 -24.48
C THR A 15 13.93 -19.68 -24.50
N LYS A 16 14.53 -18.50 -24.36
CA LYS A 16 13.81 -17.22 -24.27
C LYS A 16 12.81 -17.17 -23.11
N CYS A 17 13.27 -17.62 -21.94
CA CYS A 17 12.43 -17.82 -20.76
C CYS A 17 12.40 -16.57 -19.88
N ASP A 18 11.24 -15.94 -19.74
CA ASP A 18 11.04 -14.75 -18.91
C ASP A 18 10.55 -15.06 -17.51
N ASP A 19 10.27 -16.31 -17.18
CA ASP A 19 9.67 -16.69 -15.91
C ASP A 19 10.66 -17.48 -15.07
N VAL A 20 10.86 -17.04 -13.84
CA VAL A 20 11.82 -17.65 -12.93
C VAL A 20 11.41 -19.07 -12.55
N LEU A 21 10.14 -19.30 -12.27
CA LEU A 21 9.70 -20.63 -11.87
C LEU A 21 9.72 -21.61 -13.04
N LEU A 22 9.38 -21.14 -14.24
CA LEU A 22 9.47 -21.99 -15.41
C LEU A 22 10.92 -22.45 -15.65
N LEU A 23 11.87 -21.51 -15.59
CA LEU A 23 13.28 -21.86 -15.72
C LEU A 23 13.75 -22.82 -14.62
N LEU A 24 13.40 -22.54 -13.37
CA LEU A 24 13.75 -23.46 -12.29
C LEU A 24 13.21 -24.86 -12.56
N GLY A 25 11.93 -24.95 -12.93
CA GLY A 25 11.33 -26.26 -13.19
C GLY A 25 11.98 -27.01 -14.35
N MET A 26 12.13 -26.34 -15.49
CA MET A 26 12.71 -27.00 -16.66
C MET A 26 14.16 -27.40 -16.43
N TYR A 27 14.93 -26.55 -15.77
CA TYR A 27 16.34 -26.89 -15.54
C TYR A 27 16.49 -28.04 -14.57
N LEU A 28 15.59 -28.16 -13.59
CA LEU A 28 15.63 -29.29 -12.67
C LEU A 28 15.32 -30.62 -13.35
N GLU A 29 14.52 -30.63 -14.41
CA GLU A 29 14.32 -31.87 -15.16
C GLU A 29 15.61 -32.45 -15.70
N PHE A 30 16.61 -31.62 -15.98
CA PHE A 30 17.88 -32.11 -16.51
C PHE A 30 18.76 -32.81 -15.48
N GLN A 31 18.41 -32.79 -14.20
CA GLN A 31 19.23 -33.46 -13.19
C GLN A 31 19.25 -34.99 -13.33
N TYR A 32 18.24 -35.59 -13.96
CA TYR A 32 18.17 -37.04 -14.14
C TYR A 32 18.97 -37.51 -15.37
N SER A 33 19.36 -38.79 -15.32
CA SER A 33 20.29 -39.35 -16.29
C SER A 33 19.78 -39.23 -17.72
N PHE A 34 20.66 -38.80 -18.62
CA PHE A 34 20.31 -38.63 -20.02
C PHE A 34 20.00 -39.96 -20.72
N GLU A 35 20.75 -41.02 -20.39
CA GLU A 35 20.59 -42.27 -21.12
C GLU A 35 19.23 -42.90 -20.90
N MET A 36 18.72 -42.83 -19.68
CA MET A 36 17.45 -43.42 -19.31
C MET A 36 16.27 -42.48 -19.51
N CYS A 37 16.49 -41.26 -19.99
CA CYS A 37 15.47 -40.21 -19.96
C CYS A 37 14.35 -40.52 -20.94
N LEU A 38 13.16 -40.81 -20.41
CA LEU A 38 11.98 -41.09 -21.22
C LEU A 38 11.56 -39.88 -22.06
N LYS A 39 11.68 -38.66 -21.53
CA LYS A 39 11.28 -37.48 -22.29
C LYS A 39 12.16 -37.26 -23.52
N CYS A 40 13.46 -37.52 -23.41
CA CYS A 40 14.33 -37.45 -24.57
C CYS A 40 14.02 -38.54 -25.58
N ILE A 41 13.63 -39.72 -25.11
CA ILE A 41 13.28 -40.81 -26.01
C ILE A 41 11.90 -40.59 -26.63
N LYS A 42 10.95 -40.08 -25.85
CA LYS A 42 9.61 -39.80 -26.33
C LYS A 42 9.52 -38.48 -27.12
N LYS A 43 10.50 -37.60 -26.98
CA LYS A 43 10.63 -36.32 -27.71
C LYS A 43 9.38 -35.44 -27.64
N GLU A 44 8.91 -35.25 -26.40
CA GLU A 44 7.71 -34.45 -26.15
C GLU A 44 7.93 -32.99 -26.52
N GLN A 45 8.89 -32.34 -25.89
CA GLN A 45 9.09 -30.89 -25.94
C GLN A 45 10.51 -30.55 -26.34
N PRO A 46 10.72 -29.67 -27.33
CA PRO A 46 12.08 -29.41 -27.79
C PRO A 46 12.96 -28.78 -26.72
N SER A 47 12.37 -27.92 -25.90
CA SER A 47 13.09 -27.31 -24.79
C SER A 47 13.71 -28.31 -23.84
N HIS A 48 13.23 -29.55 -23.81
CA HIS A 48 13.91 -30.61 -23.08
C HIS A 48 14.94 -31.35 -23.94
N TYR A 49 14.51 -32.00 -25.02
CA TYR A 49 15.39 -32.96 -25.67
C TYR A 49 16.54 -32.32 -26.43
N LYS A 50 16.43 -31.06 -26.86
CA LYS A 50 17.59 -30.42 -27.48
C LYS A 50 18.71 -30.15 -26.47
N TYR A 51 18.35 -29.95 -25.20
CA TYR A 51 19.24 -29.32 -24.24
C TYR A 51 19.68 -30.22 -23.09
N HIS A 52 18.95 -31.31 -22.82
CA HIS A 52 19.25 -32.16 -21.66
C HIS A 52 20.69 -32.65 -21.66
N GLU A 53 21.16 -33.23 -22.76
CA GLU A 53 22.50 -33.80 -22.80
C GLU A 53 23.58 -32.78 -22.50
N LYS A 54 23.43 -31.58 -23.05
CA LYS A 54 24.38 -30.50 -22.82
C LYS A 54 24.42 -30.04 -21.36
N HIS A 55 23.26 -29.93 -20.73
CA HIS A 55 23.17 -29.35 -19.39
C HIS A 55 23.23 -30.36 -18.25
N TYR A 56 23.19 -31.67 -18.53
CA TYR A 56 23.13 -32.69 -17.49
C TYR A 56 24.15 -32.53 -16.37
N ALA A 57 25.40 -32.24 -16.70
CA ALA A 57 26.42 -32.07 -15.66
C ALA A 57 26.08 -30.91 -14.74
N ASN A 58 25.77 -29.75 -15.32
CA ASN A 58 25.48 -28.57 -14.54
C ASN A 58 24.22 -28.73 -13.70
N ALA A 59 23.20 -29.38 -14.27
CA ALA A 59 21.94 -29.60 -13.57
C ALA A 59 22.08 -30.52 -12.36
N ALA A 60 22.97 -31.51 -12.41
CA ALA A 60 23.21 -32.32 -11.22
C ALA A 60 23.79 -31.47 -10.08
N ILE A 61 24.71 -30.58 -10.39
CA ILE A 61 25.28 -29.71 -9.36
C ILE A 61 24.26 -28.65 -8.92
N PHE A 62 23.44 -28.17 -9.85
CA PHE A 62 22.39 -27.20 -9.54
C PHE A 62 21.33 -27.78 -8.60
N ALA A 63 20.99 -29.06 -8.76
CA ALA A 63 20.05 -29.70 -7.85
C ALA A 63 20.56 -29.78 -6.40
N ASP A 64 21.87 -29.81 -6.17
CA ASP A 64 22.41 -29.77 -4.82
C ASP A 64 22.50 -28.37 -4.23
N SER A 65 22.38 -27.34 -5.06
CA SER A 65 22.67 -25.96 -4.69
C SER A 65 21.72 -25.39 -3.64
N LYS A 66 22.22 -24.41 -2.89
CA LYS A 66 21.48 -23.65 -1.89
C LYS A 66 21.03 -22.28 -2.40
N ASN A 67 21.32 -21.96 -3.66
CA ASN A 67 21.10 -20.64 -4.26
C ASN A 67 20.10 -20.64 -5.42
N GLN A 68 19.36 -21.72 -5.62
CA GLN A 68 18.71 -21.99 -6.91
C GLN A 68 17.90 -20.80 -7.44
N LYS A 69 17.05 -20.19 -6.61
CA LYS A 69 16.22 -19.10 -7.10
C LYS A 69 17.04 -17.88 -7.49
N THR A 70 18.16 -17.64 -6.81
CA THR A 70 19.04 -16.53 -7.16
C THR A 70 19.70 -16.74 -8.52
N ILE A 71 20.13 -17.97 -8.81
CA ILE A 71 20.70 -18.28 -10.12
C ILE A 71 19.67 -18.05 -11.22
N CYS A 72 18.46 -18.55 -11.02
CA CYS A 72 17.41 -18.35 -12.00
C CYS A 72 17.06 -16.87 -12.17
N GLN A 73 17.07 -16.10 -11.08
CA GLN A 73 16.74 -14.69 -11.20
C GLN A 73 17.73 -13.94 -12.07
N GLN A 74 19.03 -14.19 -11.90
CA GLN A 74 20.02 -13.53 -12.75
C GLN A 74 19.85 -13.91 -14.21
N ALA A 75 19.56 -15.18 -14.47
CA ALA A 75 19.30 -15.63 -15.82
C ALA A 75 18.08 -14.95 -16.43
N VAL A 76 16.97 -14.92 -15.69
CA VAL A 76 15.76 -14.28 -16.20
C VAL A 76 15.98 -12.79 -16.44
N ASP A 77 16.72 -12.13 -15.56
CA ASP A 77 17.04 -10.72 -15.79
C ASP A 77 17.93 -10.51 -17.02
N THR A 78 18.80 -11.47 -17.33
CA THR A 78 19.56 -11.40 -18.59
C THR A 78 18.63 -11.43 -19.80
N VAL A 79 17.60 -12.25 -19.76
CA VAL A 79 16.66 -12.33 -20.89
C VAL A 79 15.79 -11.08 -20.99
N LEU A 80 15.33 -10.56 -19.85
CA LEU A 80 14.62 -9.28 -19.85
C LEU A 80 15.51 -8.13 -20.29
N ALA A 81 16.80 -8.17 -19.96
CA ALA A 81 17.72 -7.14 -20.42
C ALA A 81 17.91 -7.15 -21.93
N LYS A 82 18.01 -8.33 -22.54
CA LYS A 82 18.10 -8.37 -24.01
C LYS A 82 16.84 -7.83 -24.67
N LYS A 83 15.67 -8.06 -24.08
CA LYS A 83 14.45 -7.45 -24.60
C LYS A 83 14.48 -5.93 -24.54
N ARG A 84 14.97 -5.36 -23.44
CA ARG A 84 15.13 -3.91 -23.34
C ARG A 84 16.07 -3.36 -24.40
N VAL A 85 17.23 -4.00 -24.54
CA VAL A 85 18.20 -3.61 -25.55
C VAL A 85 17.59 -3.66 -26.94
N ASP A 86 16.95 -4.77 -27.28
CA ASP A 86 16.34 -4.89 -28.61
C ASP A 86 15.22 -3.87 -28.82
N SER A 87 14.44 -3.59 -27.78
CA SER A 87 13.36 -2.61 -27.90
C SER A 87 13.87 -1.20 -28.15
N LEU A 88 14.98 -0.82 -27.54
CA LEU A 88 15.56 0.49 -27.79
C LEU A 88 16.41 0.57 -29.06
N GLN A 89 17.11 -0.49 -29.42
CA GLN A 89 18.01 -0.42 -30.56
C GLN A 89 17.38 -0.82 -31.91
N LEU A 90 16.53 -1.83 -31.96
CA LEU A 90 16.06 -2.31 -33.26
C LEU A 90 15.00 -1.41 -33.85
N THR A 91 15.00 -1.31 -35.18
CA THR A 91 13.90 -0.67 -35.88
C THR A 91 12.69 -1.59 -35.91
N ARG A 92 11.51 -0.97 -36.00
CA ARG A 92 10.25 -1.71 -35.92
C ARG A 92 10.10 -2.72 -37.04
N GLU A 93 10.69 -2.46 -38.20
CA GLU A 93 10.75 -3.45 -39.27
C GLU A 93 11.49 -4.71 -38.84
N GLN A 94 12.62 -4.55 -38.17
CA GLN A 94 13.40 -5.70 -37.71
C GLN A 94 12.65 -6.45 -36.61
N MET A 95 11.98 -5.73 -35.72
CA MET A 95 11.21 -6.38 -34.66
C MET A 95 10.12 -7.27 -35.23
N LEU A 96 9.35 -6.74 -36.17
CA LEU A 96 8.33 -7.55 -36.84
C LEU A 96 8.95 -8.71 -37.62
N THR A 97 10.10 -8.49 -38.27
CA THR A 97 10.79 -9.56 -38.98
C THR A 97 11.28 -10.67 -38.05
N ASN A 98 11.81 -10.30 -36.89
CA ASN A 98 12.21 -11.30 -35.91
C ASN A 98 11.02 -12.13 -35.45
N ARG A 99 9.87 -11.48 -35.22
CA ARG A 99 8.66 -12.19 -34.86
C ARG A 99 8.21 -13.15 -35.97
N PHE A 100 8.25 -12.70 -37.23
CA PHE A 100 7.89 -13.60 -38.32
C PHE A 100 8.83 -14.80 -38.40
N ASN A 101 10.12 -14.59 -38.16
CA ASN A 101 11.05 -15.72 -38.14
C ASN A 101 10.72 -16.71 -37.03
N ASP A 102 10.39 -16.21 -35.83
CA ASP A 102 9.95 -17.09 -34.75
C ASP A 102 8.69 -17.87 -35.12
N LEU A 103 7.70 -17.18 -35.70
CA LEU A 103 6.48 -17.85 -36.15
C LEU A 103 6.75 -18.87 -37.25
N LEU A 104 7.60 -18.54 -38.23
CA LEU A 104 7.91 -19.50 -39.28
C LEU A 104 8.64 -20.73 -38.76
N ASP A 105 9.56 -20.57 -37.81
CA ASP A 105 10.16 -21.74 -37.17
C ASP A 105 9.12 -22.63 -36.53
N ARG A 106 8.16 -22.03 -35.84
CA ARG A 106 7.07 -22.75 -35.23
C ARG A 106 6.19 -23.43 -36.27
N MET A 107 5.96 -22.79 -37.40
CA MET A 107 5.28 -23.45 -38.52
C MET A 107 6.05 -24.65 -39.07
N ASP A 108 7.37 -24.54 -39.21
CA ASP A 108 8.14 -25.67 -39.71
C ASP A 108 8.05 -26.88 -38.79
N ILE A 109 8.06 -26.67 -37.48
CA ILE A 109 7.87 -27.76 -36.53
C ILE A 109 6.46 -28.31 -36.65
N MET A 110 5.48 -27.42 -36.74
CA MET A 110 4.07 -27.76 -36.58
C MET A 110 3.48 -28.40 -37.84
N PHE A 111 3.87 -27.93 -39.01
CA PHE A 111 3.51 -28.58 -40.26
C PHE A 111 4.52 -29.62 -40.75
N GLY A 112 5.63 -29.81 -40.07
CA GLY A 112 6.56 -30.86 -40.44
C GLY A 112 6.02 -32.25 -40.19
N SER A 113 6.74 -33.24 -40.73
CA SER A 113 6.33 -34.63 -40.57
C SER A 113 6.46 -35.13 -39.13
N THR A 114 7.31 -34.48 -38.33
CA THR A 114 7.34 -34.70 -36.90
C THR A 114 6.24 -33.93 -36.18
N GLY A 115 5.55 -33.05 -36.88
CA GLY A 115 4.54 -32.19 -36.30
C GLY A 115 3.20 -32.89 -36.16
N SER A 116 2.16 -32.08 -36.04
CA SER A 116 0.82 -32.58 -35.78
C SER A 116 -0.29 -31.80 -36.49
N ALA A 117 0.01 -30.66 -37.12
CA ALA A 117 -1.01 -29.84 -37.77
C ALA A 117 -1.17 -30.24 -39.23
N ASP A 118 -2.40 -30.55 -39.61
CA ASP A 118 -2.77 -30.68 -41.00
C ASP A 118 -2.92 -29.29 -41.61
N ILE A 119 -2.12 -28.99 -42.63
CA ILE A 119 -2.19 -27.69 -43.28
C ILE A 119 -3.54 -27.42 -43.95
N GLU A 120 -4.29 -28.47 -44.27
CA GLU A 120 -5.63 -28.31 -44.81
C GLU A 120 -6.57 -27.62 -43.82
N GLU A 121 -6.45 -27.96 -42.53
CA GLU A 121 -7.28 -27.33 -41.52
C GLU A 121 -6.89 -25.88 -41.31
N TRP A 122 -5.60 -25.57 -41.36
CA TRP A 122 -5.13 -24.21 -41.22
C TRP A 122 -5.48 -23.33 -42.42
N MET A 123 -5.39 -23.88 -43.65
CA MET A 123 -5.89 -23.14 -44.80
C MET A 123 -7.40 -22.94 -44.81
N ALA A 124 -8.16 -23.87 -44.24
CA ALA A 124 -9.58 -23.60 -44.02
C ALA A 124 -9.77 -22.37 -43.12
N GLY A 125 -8.93 -22.22 -42.11
CA GLY A 125 -8.95 -21.00 -41.30
C GLY A 125 -8.71 -19.73 -42.11
N VAL A 126 -7.73 -19.76 -43.01
CA VAL A 126 -7.50 -18.63 -43.90
C VAL A 126 -8.76 -18.29 -44.69
N ALA A 127 -9.42 -19.30 -45.23
CA ALA A 127 -10.66 -19.05 -45.97
C ALA A 127 -11.72 -18.39 -45.09
N TRP A 128 -11.91 -18.89 -43.87
CA TRP A 128 -12.89 -18.33 -42.95
C TRP A 128 -12.54 -16.91 -42.52
N LEU A 129 -11.26 -16.63 -42.29
CA LEU A 129 -10.84 -15.28 -41.91
C LEU A 129 -10.95 -14.28 -43.05
N HIS A 130 -10.71 -14.70 -44.29
CA HIS A 130 -10.89 -13.79 -45.40
C HIS A 130 -12.35 -13.42 -45.64
N CYS A 131 -13.30 -14.23 -45.14
CA CYS A 131 -14.71 -13.86 -45.19
C CYS A 131 -15.12 -12.84 -44.14
N LEU A 132 -14.33 -12.67 -43.07
CA LEU A 132 -14.81 -11.92 -41.92
C LEU A 132 -14.92 -10.42 -42.22
N LEU A 133 -13.91 -9.85 -42.85
CA LEU A 133 -13.93 -8.45 -43.26
C LEU A 133 -13.60 -8.33 -44.74
N PRO A 134 -14.19 -7.38 -45.45
CA PRO A 134 -13.77 -7.11 -46.83
C PRO A 134 -12.28 -6.84 -46.95
N LYS A 135 -11.67 -7.46 -47.97
CA LYS A 135 -10.25 -7.29 -48.31
C LYS A 135 -9.34 -7.46 -47.10
N MET A 136 -9.58 -8.55 -46.38
CA MET A 136 -8.89 -8.80 -45.11
C MET A 136 -7.37 -8.74 -45.24
N ASP A 137 -6.82 -9.26 -46.33
CA ASP A 137 -5.37 -9.27 -46.47
C ASP A 137 -4.78 -7.88 -46.62
N SER A 138 -5.45 -6.98 -47.35
CA SER A 138 -5.02 -5.58 -47.33
C SER A 138 -5.23 -4.93 -45.97
N VAL A 139 -6.27 -5.33 -45.24
CA VAL A 139 -6.48 -4.81 -43.88
C VAL A 139 -5.39 -5.28 -42.92
N VAL A 140 -4.99 -6.55 -43.00
CA VAL A 140 -3.86 -7.02 -42.21
C VAL A 140 -2.58 -6.28 -42.59
N TYR A 141 -2.35 -6.11 -43.89
CA TYR A 141 -1.17 -5.40 -44.37
C TYR A 141 -1.18 -3.94 -43.93
N ASP A 142 -2.33 -3.27 -44.02
CA ASP A 142 -2.44 -1.90 -43.52
C ASP A 142 -2.17 -1.82 -42.03
N PHE A 143 -2.68 -2.78 -41.27
CA PHE A 143 -2.40 -2.82 -39.84
C PHE A 143 -0.91 -2.99 -39.56
N LEU A 144 -0.27 -3.91 -40.26
CA LEU A 144 1.16 -4.12 -40.09
C LEU A 144 1.96 -2.85 -40.41
N LYS A 145 1.68 -2.22 -41.55
CA LYS A 145 2.37 -0.97 -41.86
C LYS A 145 2.10 0.13 -40.84
N CYS A 146 0.88 0.21 -40.33
CA CYS A 146 0.58 1.18 -39.27
C CYS A 146 1.37 0.91 -38.00
N MET A 147 1.50 -0.35 -37.59
CA MET A 147 2.29 -0.65 -36.41
C MET A 147 3.79 -0.46 -36.65
N VAL A 148 4.24 -0.64 -37.89
CA VAL A 148 5.63 -0.36 -38.23
C VAL A 148 5.90 1.14 -38.35
N TYR A 149 5.10 1.87 -39.14
CA TYR A 149 5.18 3.33 -39.21
C TYR A 149 4.42 3.93 -38.04
N ASN A 150 5.08 3.93 -36.89
CA ASN A 150 4.46 4.35 -35.64
C ASN A 150 4.24 5.86 -35.59
N ILE A 151 3.36 6.39 -36.44
CA ILE A 151 3.16 7.83 -36.56
C ILE A 151 2.32 8.36 -35.39
N PRO A 152 2.84 9.25 -34.55
CA PRO A 152 2.06 9.79 -33.43
C PRO A 152 0.70 10.34 -33.81
N LYS A 153 -0.24 10.23 -32.87
CA LYS A 153 -1.68 10.39 -33.07
C LYS A 153 -2.28 9.31 -33.97
N LYS A 154 -1.52 8.81 -34.95
CA LYS A 154 -2.00 7.85 -35.92
C LYS A 154 -1.62 6.41 -35.57
N ARG A 155 -1.62 6.08 -34.28
CA ARG A 155 -1.06 4.83 -33.75
C ARG A 155 -2.10 3.77 -33.40
N TYR A 156 -3.37 4.14 -33.25
CA TYR A 156 -4.37 3.24 -32.68
C TYR A 156 -5.56 3.03 -33.60
N TRP A 157 -6.07 1.80 -33.59
CA TRP A 157 -7.23 1.36 -34.37
C TRP A 157 -8.36 0.95 -33.43
N LEU A 158 -9.59 1.23 -33.85
CA LEU A 158 -10.78 0.91 -33.06
C LEU A 158 -11.60 -0.17 -33.76
N PHE A 159 -11.85 -1.27 -33.06
CA PHE A 159 -12.74 -2.33 -33.53
C PHE A 159 -14.08 -2.18 -32.82
N LYS A 160 -15.15 -2.01 -33.58
CA LYS A 160 -16.48 -1.79 -33.02
C LYS A 160 -17.48 -2.74 -33.67
N GLY A 161 -18.53 -3.08 -32.94
CA GLY A 161 -19.50 -4.03 -33.41
C GLY A 161 -20.18 -4.75 -32.28
N PRO A 162 -21.34 -5.36 -32.54
CA PRO A 162 -22.08 -6.03 -31.47
C PRO A 162 -21.47 -7.34 -31.01
N ILE A 163 -22.18 -8.03 -30.12
CA ILE A 163 -21.73 -9.31 -29.60
C ILE A 163 -21.48 -10.32 -30.72
N ASP A 164 -20.41 -11.10 -30.57
CA ASP A 164 -20.03 -12.15 -31.51
C ASP A 164 -19.95 -11.66 -32.96
N SER A 165 -19.25 -10.54 -33.15
CA SER A 165 -19.02 -9.98 -34.46
C SER A 165 -17.60 -10.19 -34.97
N GLY A 166 -16.69 -10.68 -34.13
CA GLY A 166 -15.36 -11.07 -34.55
C GLY A 166 -14.26 -10.13 -34.09
N LYS A 167 -14.56 -9.19 -33.20
CA LYS A 167 -13.59 -8.20 -32.76
C LYS A 167 -12.41 -8.86 -32.06
N THR A 168 -12.70 -9.62 -31.00
CA THR A 168 -11.66 -10.29 -30.23
C THR A 168 -10.95 -11.34 -31.06
N THR A 169 -11.67 -12.00 -31.96
CA THR A 169 -11.08 -12.99 -32.85
C THR A 169 -9.93 -12.39 -33.66
N LEU A 170 -10.18 -11.28 -34.33
CA LEU A 170 -9.13 -10.68 -35.16
C LEU A 170 -8.06 -10.00 -34.31
N ALA A 171 -8.44 -9.35 -33.22
CA ALA A 171 -7.45 -8.73 -32.34
C ALA A 171 -6.50 -9.75 -31.73
N ALA A 172 -7.02 -10.90 -31.29
CA ALA A 172 -6.17 -11.95 -30.76
C ALA A 172 -5.22 -12.51 -31.83
N ALA A 173 -5.67 -12.59 -33.07
CA ALA A 173 -4.81 -13.07 -34.14
C ALA A 173 -3.74 -12.05 -34.52
N LEU A 174 -4.13 -10.78 -34.65
CA LEU A 174 -3.14 -9.74 -34.92
C LEU A 174 -2.15 -9.62 -33.78
N LEU A 175 -2.63 -9.73 -32.55
CA LEU A 175 -1.77 -9.76 -31.37
C LEU A 175 -0.72 -10.87 -31.43
N GLU A 176 -1.11 -12.09 -31.77
CA GLU A 176 -0.11 -13.15 -31.89
C GLU A 176 0.84 -12.88 -33.05
N LEU A 177 0.30 -12.45 -34.20
CA LEU A 177 1.14 -12.16 -35.35
C LEU A 177 2.20 -11.10 -35.04
N CYS A 178 1.80 -9.99 -34.44
CA CYS A 178 2.72 -8.88 -34.19
C CYS A 178 3.51 -9.03 -32.89
N GLY A 179 2.99 -9.80 -31.93
CA GLY A 179 3.51 -9.82 -30.58
C GLY A 179 3.03 -8.65 -29.75
N GLY A 180 2.62 -8.88 -28.52
CA GLY A 180 2.05 -7.82 -27.71
C GLY A 180 1.37 -8.39 -26.47
N LYS A 181 0.68 -7.50 -25.75
CA LYS A 181 -0.05 -7.85 -24.55
C LYS A 181 -1.47 -7.29 -24.59
N ALA A 182 -2.41 -8.04 -24.03
CA ALA A 182 -3.76 -7.54 -23.79
C ALA A 182 -3.85 -6.88 -22.42
N LEU A 183 -4.38 -5.66 -22.39
CA LEU A 183 -4.58 -4.91 -21.16
C LEU A 183 -6.07 -4.73 -20.86
N ASN A 184 -6.46 -4.97 -19.62
CA ASN A 184 -7.82 -4.67 -19.14
C ASN A 184 -7.78 -3.35 -18.37
N VAL A 185 -8.44 -2.34 -18.91
CA VAL A 185 -8.51 -1.01 -18.30
C VAL A 185 -9.88 -0.74 -17.69
N ASN A 186 -10.71 -1.75 -17.51
CA ASN A 186 -12.01 -1.52 -16.86
C ASN A 186 -11.89 -1.35 -15.35
N LEU A 187 -10.76 -1.75 -14.76
CA LEU A 187 -10.46 -1.50 -13.36
C LEU A 187 -10.17 -0.01 -13.08
N PRO A 188 -10.30 0.44 -11.83
CA PRO A 188 -10.06 1.87 -11.51
C PRO A 188 -8.61 2.31 -11.63
N LEU A 189 -8.45 3.62 -11.85
CA LEU A 189 -7.21 4.19 -12.40
C LEU A 189 -5.99 4.03 -11.51
N ASP A 190 -6.13 4.15 -10.19
CA ASP A 190 -4.96 3.97 -9.32
C ASP A 190 -4.38 2.55 -9.38
N ARG A 191 -5.21 1.55 -9.63
CA ARG A 191 -4.71 0.19 -9.79
C ARG A 191 -4.20 -0.12 -11.20
N LEU A 192 -4.49 0.72 -12.20
CA LEU A 192 -3.96 0.49 -13.54
C LEU A 192 -2.46 0.71 -13.66
N ASN A 193 -1.84 1.35 -12.67
CA ASN A 193 -0.40 1.64 -12.74
C ASN A 193 0.44 0.40 -13.05
N PHE A 194 0.22 -0.70 -12.34
CA PHE A 194 0.96 -1.93 -12.65
C PHE A 194 0.39 -2.70 -13.84
N GLU A 195 -0.88 -2.50 -14.18
CA GLU A 195 -1.41 -3.09 -15.41
C GLU A 195 -0.73 -2.49 -16.63
N LEU A 196 -0.68 -1.17 -16.69
CA LEU A 196 -0.04 -0.48 -17.81
C LEU A 196 1.45 -0.81 -17.91
N GLY A 197 2.09 -1.12 -16.80
CA GLY A 197 3.47 -1.59 -16.80
C GLY A 197 3.72 -2.88 -17.55
N VAL A 198 2.68 -3.64 -17.86
CA VAL A 198 2.86 -4.86 -18.66
C VAL A 198 3.28 -4.55 -20.10
N ALA A 199 2.99 -3.36 -20.60
CA ALA A 199 3.35 -2.92 -21.95
C ALA A 199 4.85 -2.67 -22.15
N ILE A 200 5.66 -2.81 -21.12
CA ILE A 200 7.10 -2.59 -21.22
C ILE A 200 7.72 -3.46 -22.32
N ASP A 201 8.33 -2.79 -23.30
CA ASP A 201 9.01 -3.37 -24.47
C ASP A 201 8.15 -4.26 -25.36
N GLN A 202 6.82 -4.16 -25.30
CA GLN A 202 5.94 -4.90 -26.19
C GLN A 202 5.73 -4.15 -27.50
N PHE A 203 5.47 -4.88 -28.58
CA PHE A 203 5.24 -4.25 -29.89
C PHE A 203 3.82 -3.73 -30.04
N LEU A 204 2.80 -4.55 -29.78
CA LEU A 204 1.41 -4.09 -29.68
C LEU A 204 0.92 -4.12 -28.25
N VAL A 205 -0.14 -3.36 -28.00
CA VAL A 205 -1.10 -3.68 -26.94
C VAL A 205 -2.51 -3.66 -27.50
N VAL A 206 -3.35 -4.52 -26.92
CA VAL A 206 -4.77 -4.56 -27.23
C VAL A 206 -5.52 -4.20 -25.96
N PHE A 207 -6.45 -3.29 -26.06
CA PHE A 207 -7.38 -2.96 -24.98
C PHE A 207 -8.67 -3.71 -25.24
N GLU A 208 -8.78 -4.88 -24.60
CA GLU A 208 -9.87 -5.81 -24.84
C GLU A 208 -11.16 -5.37 -24.17
N ASP A 209 -12.20 -5.22 -24.99
CA ASP A 209 -13.55 -4.86 -24.60
C ASP A 209 -13.63 -3.81 -23.50
N VAL A 210 -13.27 -2.57 -23.85
CA VAL A 210 -13.38 -1.48 -22.90
C VAL A 210 -14.84 -1.08 -22.77
N LYS A 211 -15.29 -0.93 -21.54
CA LYS A 211 -16.68 -0.58 -21.27
C LYS A 211 -16.86 0.94 -21.24
N GLY A 212 -17.90 1.42 -21.91
CA GLY A 212 -18.24 2.83 -21.92
C GLY A 212 -19.19 3.22 -20.82
N THR A 213 -19.55 4.50 -20.83
CA THR A 213 -20.69 5.03 -20.12
C THR A 213 -21.93 5.01 -21.03
N GLY A 214 -23.10 5.08 -20.42
CA GLY A 214 -24.33 5.02 -21.18
C GLY A 214 -24.53 3.66 -21.81
N GLY A 215 -25.35 3.63 -22.86
CA GLY A 215 -25.66 2.40 -23.55
C GLY A 215 -26.57 1.47 -22.79
N GLU A 216 -27.05 1.86 -21.62
CA GLU A 216 -28.00 1.01 -20.89
C GLU A 216 -29.31 0.83 -21.66
N SER A 217 -29.69 1.82 -22.47
CA SER A 217 -30.84 1.65 -23.36
C SER A 217 -30.59 0.61 -24.44
N ARG A 218 -29.34 0.24 -24.69
CA ARG A 218 -29.01 -0.88 -25.54
C ARG A 218 -28.67 -2.14 -24.74
N ASP A 219 -28.99 -2.14 -23.45
CA ASP A 219 -28.68 -3.24 -22.53
C ASP A 219 -27.18 -3.53 -22.41
N LEU A 220 -26.38 -2.48 -22.46
CA LEU A 220 -24.94 -2.60 -22.23
C LEU A 220 -24.60 -2.08 -20.83
N PRO A 221 -23.99 -2.87 -19.95
CA PRO A 221 -23.59 -2.34 -18.64
C PRO A 221 -22.50 -1.30 -18.75
N SER A 222 -22.56 -0.29 -17.88
CA SER A 222 -21.57 0.78 -17.81
C SER A 222 -20.28 0.33 -17.12
N GLY A 223 -19.21 1.06 -17.41
CA GLY A 223 -17.93 0.82 -16.74
C GLY A 223 -16.98 1.97 -17.00
N GLN A 224 -15.83 1.90 -16.34
CA GLN A 224 -14.85 2.99 -16.34
C GLN A 224 -13.87 2.97 -17.52
N GLY A 225 -13.92 1.96 -18.38
CA GLY A 225 -12.88 1.79 -19.39
C GLY A 225 -12.65 3.02 -20.27
N ILE A 226 -13.73 3.56 -20.85
CA ILE A 226 -13.61 4.72 -21.71
C ILE A 226 -13.04 5.91 -20.95
N ASN A 227 -13.56 6.17 -19.76
CA ASN A 227 -13.06 7.26 -18.93
C ASN A 227 -11.59 7.09 -18.53
N ASN A 228 -11.17 5.86 -18.20
CA ASN A 228 -9.75 5.59 -17.96
C ASN A 228 -8.87 5.86 -19.18
N LEU A 229 -9.28 5.41 -20.36
CA LEU A 229 -8.52 5.69 -21.58
C LEU A 229 -8.44 7.17 -21.87
N ASP A 230 -9.52 7.89 -21.67
CA ASP A 230 -9.51 9.33 -21.88
C ASP A 230 -8.62 10.06 -20.88
N ASN A 231 -8.30 9.43 -19.75
CA ASN A 231 -7.24 9.89 -18.86
C ASN A 231 -5.83 9.47 -19.26
N LEU A 232 -5.66 8.70 -20.35
CA LEU A 232 -4.36 8.20 -20.80
C LEU A 232 -3.96 8.71 -22.19
N ARG A 233 -4.38 9.92 -22.57
CA ARG A 233 -4.21 10.36 -23.96
C ARG A 233 -2.76 10.38 -24.45
N ASP A 234 -1.78 10.71 -23.61
CA ASP A 234 -0.41 10.63 -24.10
C ASP A 234 0.06 9.19 -24.34
N TYR A 235 -0.58 8.21 -23.72
CA TYR A 235 -0.26 6.81 -24.04
C TYR A 235 -0.83 6.41 -25.40
N LEU A 236 -2.00 6.91 -25.76
CA LEU A 236 -2.56 6.64 -27.08
C LEU A 236 -1.86 7.48 -28.15
N ASP A 237 -1.80 8.78 -27.93
CA ASP A 237 -1.20 9.70 -28.88
C ASP A 237 0.27 9.42 -29.11
N GLY A 238 1.00 9.07 -28.04
CA GLY A 238 2.38 8.64 -28.18
C GLY A 238 3.34 9.76 -28.51
N SER A 239 3.00 10.98 -28.12
CA SER A 239 3.83 12.15 -28.41
C SER A 239 5.03 12.29 -27.49
N VAL A 240 5.00 11.69 -26.30
CA VAL A 240 6.03 11.91 -25.29
C VAL A 240 6.14 10.67 -24.42
N LYS A 241 7.32 10.49 -23.82
CA LYS A 241 7.58 9.30 -23.01
C LYS A 241 6.80 9.31 -21.69
N VAL A 242 6.40 8.11 -21.28
CA VAL A 242 5.66 7.86 -20.05
C VAL A 242 6.43 6.85 -19.21
N ASN A 243 6.22 6.88 -17.90
CA ASN A 243 6.93 6.01 -16.98
C ASN A 243 6.09 4.77 -16.64
N LEU A 244 6.60 3.61 -17.01
CA LEU A 244 5.92 2.33 -16.82
C LEU A 244 6.62 1.56 -15.69
N GLU A 245 5.85 0.93 -14.82
CA GLU A 245 6.40 0.41 -13.57
C GLU A 245 6.07 -1.06 -13.32
N LYS A 246 7.08 -1.76 -12.80
CA LYS A 246 7.00 -3.16 -12.40
C LYS A 246 7.46 -3.27 -10.95
N LYS A 247 6.91 -4.24 -10.23
CA LYS A 247 7.22 -4.36 -8.80
C LYS A 247 8.68 -4.67 -8.54
N HIS A 248 9.24 -4.04 -7.49
CA HIS A 248 10.58 -4.34 -7.02
C HIS A 248 11.63 -4.23 -8.12
N LEU A 249 11.38 -3.34 -9.07
CA LEU A 249 12.26 -3.10 -10.20
C LEU A 249 12.11 -1.63 -10.55
N ASN A 250 13.16 -1.03 -11.09
CA ASN A 250 13.05 0.38 -11.44
C ASN A 250 12.10 0.56 -12.63
N LYS A 251 11.58 1.78 -12.76
CA LYS A 251 10.67 2.11 -13.85
C LYS A 251 11.38 2.10 -15.21
N ARG A 252 10.57 1.99 -16.26
CA ARG A 252 10.99 2.16 -17.65
C ARG A 252 10.35 3.40 -18.25
N THR A 253 11.16 4.30 -18.80
CA THR A 253 10.66 5.48 -19.51
C THR A 253 10.66 5.22 -21.00
N GLN A 254 9.47 5.04 -21.59
CA GLN A 254 9.34 4.71 -23.00
C GLN A 254 8.05 5.31 -23.57
N ILE A 255 7.95 5.32 -24.89
CA ILE A 255 6.69 5.62 -25.56
C ILE A 255 5.83 4.37 -25.54
N PHE A 256 4.59 4.52 -25.10
CA PHE A 256 3.71 3.36 -24.94
C PHE A 256 3.44 2.73 -26.31
N PRO A 257 3.32 1.39 -26.38
CA PRO A 257 3.10 0.72 -27.68
C PRO A 257 1.81 1.14 -28.39
N PRO A 258 1.76 1.00 -29.72
CA PRO A 258 0.51 1.14 -30.48
C PRO A 258 -0.41 -0.08 -30.37
N GLY A 259 -1.58 0.02 -30.99
CA GLY A 259 -2.42 -1.16 -31.19
C GLY A 259 -3.92 -0.86 -31.23
N ILE A 260 -4.69 -1.76 -30.62
CA ILE A 260 -6.11 -1.93 -30.91
C ILE A 260 -6.93 -1.66 -29.66
N VAL A 261 -7.97 -0.84 -29.81
CA VAL A 261 -9.05 -0.71 -28.83
C VAL A 261 -10.28 -1.43 -29.36
N THR A 262 -10.86 -2.32 -28.56
CA THR A 262 -12.03 -3.09 -28.97
C THR A 262 -13.19 -2.75 -28.05
N MET A 263 -14.38 -2.52 -28.61
CA MET A 263 -15.53 -2.24 -27.76
C MET A 263 -16.84 -2.57 -28.44
N ASN A 264 -17.86 -2.78 -27.61
CA ASN A 264 -19.20 -3.17 -28.02
C ASN A 264 -20.14 -1.95 -28.00
N GLU A 265 -20.19 -1.23 -29.13
CA GLU A 265 -21.25 -0.26 -29.43
C GLU A 265 -21.42 0.88 -28.41
N TYR A 266 -20.48 1.12 -27.51
CA TYR A 266 -20.55 2.28 -26.63
C TYR A 266 -20.33 3.59 -27.40
N SER A 267 -20.84 4.68 -26.83
CA SER A 267 -20.51 6.03 -27.32
C SER A 267 -19.09 6.41 -26.93
N VAL A 268 -18.33 6.94 -27.88
CA VAL A 268 -16.93 7.29 -27.67
C VAL A 268 -16.78 8.81 -27.63
N PRO A 269 -16.14 9.37 -26.60
CA PRO A 269 -15.84 10.81 -26.57
C PRO A 269 -15.08 11.31 -27.79
N LYS A 270 -15.38 12.55 -28.20
CA LYS A 270 -14.76 13.16 -29.37
C LYS A 270 -13.25 13.31 -29.24
N THR A 271 -12.75 13.59 -28.03
CA THR A 271 -11.32 13.66 -27.78
C THR A 271 -10.62 12.33 -27.98
N LEU A 272 -11.30 11.23 -27.68
CA LEU A 272 -10.76 9.89 -27.88
C LEU A 272 -10.88 9.46 -29.33
N GLN A 273 -12.02 9.78 -29.97
CA GLN A 273 -12.17 9.54 -31.41
C GLN A 273 -11.03 10.15 -32.23
N ALA A 274 -10.56 11.34 -31.83
CA ALA A 274 -9.47 12.00 -32.55
C ALA A 274 -8.16 11.21 -32.58
N ARG A 275 -8.05 10.13 -31.80
CA ARG A 275 -6.82 9.35 -31.70
C ARG A 275 -6.92 7.95 -32.29
N PHE A 276 -8.03 7.59 -32.91
CA PHE A 276 -8.19 6.33 -33.64
C PHE A 276 -8.23 6.60 -35.13
N VAL A 277 -7.19 6.19 -35.84
CA VAL A 277 -7.02 6.58 -37.23
C VAL A 277 -7.97 5.82 -38.15
N LYS A 278 -8.29 4.57 -37.85
CA LYS A 278 -9.26 3.83 -38.64
C LYS A 278 -10.14 3.00 -37.71
N GLN A 279 -11.44 3.06 -37.94
CA GLN A 279 -12.42 2.28 -37.20
C GLN A 279 -13.03 1.23 -38.14
N ILE A 280 -13.03 -0.01 -37.68
CA ILE A 280 -13.61 -1.13 -38.42
C ILE A 280 -14.89 -1.55 -37.72
N ASP A 281 -16.00 -1.49 -38.44
CA ASP A 281 -17.30 -1.94 -37.95
C ASP A 281 -17.53 -3.40 -38.31
N PHE A 282 -17.38 -4.27 -37.33
CA PHE A 282 -17.70 -5.68 -37.49
C PHE A 282 -19.21 -5.91 -37.47
N ARG A 283 -19.67 -6.79 -38.36
CA ARG A 283 -21.07 -7.24 -38.41
C ARG A 283 -21.15 -8.72 -38.07
N PRO A 284 -22.09 -9.15 -37.23
CA PRO A 284 -22.41 -10.59 -37.15
C PRO A 284 -22.96 -11.10 -38.48
N LYS A 285 -22.43 -12.23 -38.94
CA LYS A 285 -22.85 -12.86 -40.19
C LYS A 285 -23.23 -14.31 -39.94
N ASP A 286 -24.49 -14.66 -40.20
CA ASP A 286 -24.98 -15.99 -39.85
C ASP A 286 -24.29 -17.11 -40.63
N TYR A 287 -23.88 -16.86 -41.87
CA TYR A 287 -23.19 -17.91 -42.61
C TYR A 287 -21.87 -18.33 -41.97
N LEU A 288 -21.16 -17.40 -41.32
CA LEU A 288 -19.95 -17.79 -40.60
C LEU A 288 -20.28 -18.65 -39.39
N LYS A 289 -21.35 -18.31 -38.67
CA LYS A 289 -21.81 -19.10 -37.54
C LYS A 289 -22.18 -20.53 -37.95
N HIS A 290 -22.99 -20.66 -39.00
CA HIS A 290 -23.33 -22.00 -39.50
C HIS A 290 -22.10 -22.77 -39.96
N CYS A 291 -21.14 -22.09 -40.58
CA CYS A 291 -19.91 -22.75 -40.99
C CYS A 291 -19.10 -23.26 -39.80
N LEU A 292 -18.95 -22.44 -38.76
CA LEU A 292 -18.24 -22.88 -37.55
C LEU A 292 -18.92 -24.05 -36.88
N GLU A 293 -20.25 -24.05 -36.80
CA GLU A 293 -20.95 -25.16 -36.19
C GLU A 293 -20.59 -26.50 -36.82
N ARG A 294 -20.32 -26.51 -38.12
CA ARG A 294 -20.04 -27.72 -38.85
C ARG A 294 -18.54 -27.99 -39.04
N SER A 295 -17.67 -27.10 -38.56
CA SER A 295 -16.22 -27.22 -38.69
C SER A 295 -15.55 -26.91 -37.36
N GLU A 296 -16.03 -27.54 -36.28
CA GLU A 296 -15.60 -27.24 -34.92
C GLU A 296 -14.09 -27.37 -34.68
N PHE A 297 -13.36 -28.08 -35.55
CA PHE A 297 -11.90 -28.10 -35.44
C PHE A 297 -11.27 -26.71 -35.49
N LEU A 298 -11.89 -25.76 -36.17
CA LEU A 298 -11.36 -24.39 -36.20
C LEU A 298 -11.33 -23.75 -34.82
N LEU A 299 -12.32 -24.01 -33.99
CA LEU A 299 -12.36 -23.47 -32.64
C LEU A 299 -11.65 -24.36 -31.62
N GLU A 300 -11.76 -25.68 -31.78
CA GLU A 300 -11.05 -26.58 -30.86
C GLU A 300 -9.54 -26.45 -30.99
N LYS A 301 -9.03 -26.28 -32.20
CA LYS A 301 -7.59 -26.08 -32.37
C LYS A 301 -7.18 -24.61 -32.34
N ARG A 302 -8.14 -23.71 -32.12
CA ARG A 302 -7.88 -22.26 -32.07
C ARG A 302 -7.21 -21.72 -33.32
N ILE A 303 -7.65 -22.22 -34.49
CA ILE A 303 -7.02 -21.83 -35.74
C ILE A 303 -7.41 -20.41 -36.14
N ILE A 304 -8.69 -20.07 -36.08
CA ILE A 304 -9.11 -18.75 -36.59
C ILE A 304 -8.65 -17.58 -35.74
N GLN A 305 -8.24 -17.80 -34.49
CA GLN A 305 -7.67 -16.73 -33.69
C GLN A 305 -6.15 -16.73 -33.67
N SER A 306 -5.49 -17.60 -34.43
CA SER A 306 -4.04 -17.72 -34.40
C SER A 306 -3.35 -16.82 -35.42
N GLY A 307 -2.22 -16.26 -34.99
CA GLY A 307 -1.37 -15.50 -35.89
C GLY A 307 -0.74 -16.33 -37.01
N ILE A 308 -0.59 -17.63 -36.78
CA ILE A 308 -0.09 -18.50 -37.84
C ILE A 308 -1.09 -18.59 -38.99
N ALA A 309 -2.38 -18.55 -38.69
CA ALA A 309 -3.38 -18.48 -39.75
C ALA A 309 -3.32 -17.17 -40.53
N LEU A 310 -3.10 -16.04 -39.85
CA LEU A 310 -2.92 -14.78 -40.57
C LEU A 310 -1.61 -14.76 -41.34
N LEU A 311 -0.56 -15.36 -40.80
CA LEU A 311 0.71 -15.40 -41.53
C LEU A 311 0.60 -16.26 -42.78
N LEU A 312 -0.17 -17.36 -42.71
CA LEU A 312 -0.50 -18.10 -43.91
C LEU A 312 -1.30 -17.27 -44.90
N MET A 313 -2.21 -16.43 -44.40
CA MET A 313 -2.96 -15.54 -45.29
C MET A 313 -2.04 -14.55 -46.01
N LEU A 314 -1.09 -13.95 -45.30
CA LEU A 314 -0.15 -13.06 -45.94
C LEU A 314 0.72 -13.79 -46.96
N ILE A 315 1.14 -15.02 -46.64
CA ILE A 315 1.91 -15.80 -47.59
C ILE A 315 1.10 -16.10 -48.84
N TRP A 316 -0.18 -16.45 -48.67
CA TRP A 316 -1.03 -16.75 -49.83
C TRP A 316 -1.32 -15.52 -50.67
N TYR A 317 -1.82 -14.46 -50.07
CA TYR A 317 -2.31 -13.32 -50.84
C TYR A 317 -1.24 -12.29 -51.25
N ARG A 318 -0.26 -11.98 -50.38
CA ARG A 318 0.58 -10.81 -50.66
C ARG A 318 1.79 -11.16 -51.54
N PRO A 319 2.25 -10.21 -52.35
CA PRO A 319 3.52 -10.37 -53.06
C PRO A 319 4.71 -10.62 -52.14
N VAL A 320 5.74 -11.24 -52.71
CA VAL A 320 7.02 -11.43 -52.02
C VAL A 320 7.68 -10.09 -51.70
N ALA A 321 7.55 -9.12 -52.60
CA ALA A 321 8.19 -7.82 -52.45
C ALA A 321 7.63 -6.98 -51.30
N GLU A 322 6.53 -7.40 -50.68
CA GLU A 322 6.02 -6.74 -49.49
C GLU A 322 6.67 -7.22 -48.19
N PHE A 323 7.36 -8.35 -48.20
CA PHE A 323 8.09 -8.83 -47.03
C PHE A 323 9.54 -8.34 -47.00
N ALA A 324 10.10 -8.31 -45.79
CA ALA A 324 11.46 -7.82 -45.58
C ALA A 324 12.50 -8.77 -46.17
N GLN A 325 13.56 -8.18 -46.73
CA GLN A 325 14.47 -8.92 -47.59
C GLN A 325 15.16 -10.07 -46.86
N SER A 326 15.38 -9.95 -45.55
CA SER A 326 15.96 -11.05 -44.77
C SER A 326 15.12 -12.32 -44.81
N ILE A 327 13.80 -12.18 -44.85
CA ILE A 327 12.88 -13.31 -44.68
C ILE A 327 12.25 -13.76 -45.98
N GLN A 328 12.47 -13.04 -47.09
CA GLN A 328 11.90 -13.41 -48.38
C GLN A 328 12.26 -14.82 -48.82
N SER A 329 13.48 -15.28 -48.55
CA SER A 329 13.89 -16.61 -49.00
C SER A 329 13.01 -17.73 -48.45
N ARG A 330 12.77 -17.74 -47.15
CA ARG A 330 11.92 -18.78 -46.58
C ARG A 330 10.44 -18.51 -46.78
N ILE A 331 10.04 -17.28 -47.09
CA ILE A 331 8.66 -17.03 -47.51
C ILE A 331 8.36 -17.59 -48.91
N VAL A 332 9.27 -17.42 -49.87
CA VAL A 332 9.02 -18.05 -51.18
C VAL A 332 9.06 -19.56 -51.08
N GLU A 333 9.88 -20.11 -50.18
CA GLU A 333 9.81 -21.54 -49.91
C GLU A 333 8.44 -21.96 -49.39
N TRP A 334 7.85 -21.19 -48.49
CA TRP A 334 6.49 -21.47 -48.01
C TRP A 334 5.41 -21.25 -49.06
N LYS A 335 5.58 -20.32 -49.99
CA LYS A 335 4.64 -20.18 -51.10
C LYS A 335 4.59 -21.43 -51.98
N GLU A 336 5.75 -21.94 -52.39
CA GLU A 336 5.73 -23.14 -53.20
C GLU A 336 5.25 -24.36 -52.41
N ARG A 337 5.48 -24.41 -51.11
CA ARG A 337 4.86 -25.44 -50.29
C ARG A 337 3.33 -25.33 -50.24
N LEU A 338 2.79 -24.11 -50.22
CA LEU A 338 1.34 -23.95 -50.31
C LEU A 338 0.80 -24.29 -51.70
N ASP A 339 1.48 -23.85 -52.76
CA ASP A 339 1.08 -24.22 -54.11
C ASP A 339 1.16 -25.72 -54.34
N LYS A 340 2.06 -26.40 -53.65
CA LYS A 340 2.10 -27.86 -53.69
C LYS A 340 0.84 -28.48 -53.07
N GLU A 341 0.49 -28.06 -51.87
CA GLU A 341 -0.59 -28.72 -51.13
C GLU A 341 -1.98 -28.35 -51.65
N PHE A 342 -2.15 -27.16 -52.22
CA PHE A 342 -3.47 -26.71 -52.67
C PHE A 342 -3.44 -26.24 -54.11
N SER A 343 -4.41 -26.71 -54.88
CA SER A 343 -4.85 -25.94 -56.03
C SER A 343 -5.64 -24.73 -55.54
N LEU A 344 -5.73 -23.73 -56.40
CA LEU A 344 -6.64 -22.62 -56.16
C LEU A 344 -8.09 -23.09 -56.13
N SER A 345 -8.42 -24.14 -56.88
CA SER A 345 -9.80 -24.62 -56.92
C SER A 345 -10.25 -25.20 -55.59
N VAL A 346 -9.35 -25.88 -54.87
CA VAL A 346 -9.68 -26.32 -53.51
C VAL A 346 -9.96 -25.12 -52.61
N TYR A 347 -9.11 -24.11 -52.67
CA TYR A 347 -9.33 -22.92 -51.85
C TYR A 347 -10.61 -22.17 -52.20
N GLN A 348 -10.93 -22.05 -53.48
CA GLN A 348 -12.20 -21.43 -53.88
C GLN A 348 -13.40 -22.27 -53.45
N LYS A 349 -13.29 -23.58 -53.54
CA LYS A 349 -14.32 -24.47 -53.00
C LYS A 349 -14.49 -24.30 -51.50
N MET A 350 -13.39 -24.17 -50.75
CA MET A 350 -13.50 -23.86 -49.33
C MET A 350 -14.24 -22.56 -49.07
N LYS A 351 -13.85 -21.49 -49.75
CA LYS A 351 -14.51 -20.20 -49.53
C LYS A 351 -15.98 -20.21 -49.96
N PHE A 352 -16.32 -20.96 -51.00
CA PHE A 352 -17.73 -21.17 -51.34
C PHE A 352 -18.47 -21.98 -50.27
N ASN A 353 -17.85 -23.04 -49.73
CA ASN A 353 -18.45 -23.72 -48.59
C ASN A 353 -18.74 -22.78 -47.43
N VAL A 354 -17.82 -21.88 -47.13
CA VAL A 354 -18.06 -20.91 -46.06
C VAL A 354 -19.24 -20.01 -46.40
N ALA A 355 -19.22 -19.42 -47.60
CA ALA A 355 -20.25 -18.45 -47.96
C ALA A 355 -21.64 -19.07 -47.97
N MET A 356 -21.76 -20.35 -48.30
CA MET A 356 -23.03 -21.04 -48.26
C MET A 356 -23.43 -21.49 -46.86
N GLY A 357 -22.58 -21.28 -45.86
CA GLY A 357 -22.89 -21.71 -44.51
C GLY A 357 -22.85 -23.20 -44.28
N ILE A 358 -22.34 -23.96 -45.24
CA ILE A 358 -22.14 -25.40 -45.07
C ILE A 358 -20.76 -25.63 -44.45
N GLY A 359 -20.49 -26.84 -43.99
CA GLY A 359 -19.18 -27.14 -43.43
C GLY A 359 -18.06 -26.94 -44.43
N VAL A 360 -17.03 -26.19 -44.05
CA VAL A 360 -15.78 -26.21 -44.80
C VAL A 360 -15.08 -27.55 -44.64
N LEU A 361 -14.25 -27.90 -45.63
CA LEU A 361 -13.73 -29.25 -45.78
C LEU A 361 -14.87 -30.26 -46.01
N ASP A 362 -15.70 -29.96 -46.99
CA ASP A 362 -16.75 -30.87 -47.41
C ASP A 362 -16.86 -30.90 -48.93
N LYS B 1 27.89 -32.95 10.66
CA LYS B 1 27.37 -33.17 9.32
C LYS B 1 26.32 -32.10 8.99
N GLN B 2 25.94 -32.01 7.72
CA GLN B 2 25.13 -30.90 7.23
C GLN B 2 23.85 -31.39 6.56
N VAL B 3 22.80 -30.57 6.66
CA VAL B 3 21.46 -30.94 6.21
C VAL B 3 21.40 -31.00 4.68
N SER B 4 20.78 -32.05 4.16
CA SER B 4 20.53 -32.20 2.73
C SER B 4 19.28 -31.43 2.32
N TRP B 5 19.47 -30.33 1.58
CA TRP B 5 18.33 -29.58 1.06
C TRP B 5 17.57 -30.37 0.00
N LYS B 6 18.29 -31.23 -0.72
CA LYS B 6 17.71 -32.08 -1.75
C LYS B 6 16.67 -33.06 -1.18
N LEU B 7 16.95 -33.67 -0.03
CA LEU B 7 15.98 -34.54 0.61
C LEU B 7 14.71 -33.81 1.05
N VAL B 8 14.83 -32.59 1.54
CA VAL B 8 13.63 -31.82 1.87
C VAL B 8 12.81 -31.53 0.62
N THR B 9 13.48 -31.24 -0.49
CA THR B 9 12.76 -31.04 -1.75
C THR B 9 12.10 -32.32 -2.21
N GLU B 10 12.79 -33.45 -2.07
CA GLU B 10 12.23 -34.75 -2.41
C GLU B 10 11.00 -35.10 -1.59
N TYR B 11 11.00 -34.84 -0.28
CA TYR B 11 9.76 -34.97 0.51
C TYR B 11 8.67 -34.03 0.04
N ALA B 12 9.00 -32.77 -0.20
CA ALA B 12 7.98 -31.82 -0.63
C ALA B 12 7.37 -32.22 -1.95
N MET B 13 8.20 -32.66 -2.89
CA MET B 13 7.73 -33.09 -4.20
C MET B 13 6.85 -34.34 -4.11
N GLU B 14 7.20 -35.28 -3.23
CA GLU B 14 6.37 -36.46 -3.06
C GLU B 14 5.04 -36.16 -2.37
N THR B 15 5.02 -35.24 -1.41
CA THR B 15 3.75 -34.88 -0.77
C THR B 15 3.01 -33.75 -1.48
N LYS B 16 3.58 -33.22 -2.56
CA LYS B 16 3.05 -32.10 -3.36
C LYS B 16 2.68 -30.88 -2.51
N CYS B 17 3.61 -30.50 -1.64
CA CYS B 17 3.40 -29.53 -0.57
C CYS B 17 3.89 -28.16 -1.02
N ASP B 18 3.00 -27.17 -1.04
CA ASP B 18 3.35 -25.83 -1.49
C ASP B 18 3.06 -24.75 -0.45
N ASP B 19 2.83 -25.13 0.79
CA ASP B 19 2.83 -24.20 1.92
C ASP B 19 4.10 -24.41 2.74
N VAL B 20 4.87 -23.34 2.92
CA VAL B 20 6.16 -23.40 3.59
C VAL B 20 6.03 -23.77 5.06
N LEU B 21 5.01 -23.27 5.75
CA LEU B 21 4.82 -23.66 7.15
C LEU B 21 4.32 -25.10 7.29
N LEU B 22 3.53 -25.56 6.33
CA LEU B 22 3.09 -26.95 6.37
C LEU B 22 4.26 -27.91 6.19
N LEU B 23 5.12 -27.63 5.22
CA LEU B 23 6.34 -28.41 5.03
C LEU B 23 7.22 -28.38 6.26
N LEU B 24 7.47 -27.19 6.81
CA LEU B 24 8.30 -27.05 8.00
C LEU B 24 7.73 -27.86 9.17
N GLY B 25 6.43 -27.71 9.43
CA GLY B 25 5.82 -28.47 10.52
C GLY B 25 5.92 -29.97 10.34
N MET B 26 5.61 -30.47 9.13
CA MET B 26 5.67 -31.90 8.91
C MET B 26 7.08 -32.45 8.96
N TYR B 27 8.06 -31.77 8.34
CA TYR B 27 9.41 -32.30 8.37
C TYR B 27 10.01 -32.30 9.77
N LEU B 28 9.63 -31.36 10.63
CA LEU B 28 10.07 -31.39 12.02
C LEU B 28 9.49 -32.53 12.84
N GLU B 29 8.38 -33.12 12.43
CA GLU B 29 7.91 -34.31 13.14
C GLU B 29 8.87 -35.48 13.00
N PHE B 30 9.65 -35.52 11.93
CA PHE B 30 10.62 -36.58 11.71
C PHE B 30 11.85 -36.46 12.62
N GLN B 31 11.91 -35.44 13.49
CA GLN B 31 13.00 -35.31 14.45
C GLN B 31 13.15 -36.54 15.33
N TYR B 32 12.05 -37.12 15.76
CA TYR B 32 12.04 -38.10 16.84
C TYR B 32 12.30 -39.50 16.30
N SER B 33 12.80 -40.36 17.18
CA SER B 33 13.26 -41.69 16.78
C SER B 33 12.15 -42.50 16.13
N PHE B 34 12.48 -43.11 14.98
CA PHE B 34 11.50 -43.90 14.23
C PHE B 34 11.05 -45.14 14.98
N GLU B 35 11.90 -45.71 15.83
CA GLU B 35 11.56 -46.96 16.52
C GLU B 35 10.34 -46.82 17.41
N MET B 36 10.08 -45.65 17.96
CA MET B 36 9.02 -45.45 18.93
C MET B 36 7.94 -44.47 18.49
N CYS B 37 7.95 -44.05 17.23
CA CYS B 37 7.02 -43.01 16.79
C CYS B 37 5.58 -43.50 16.84
N LEU B 38 4.78 -42.87 17.70
CA LEU B 38 3.37 -43.21 17.87
C LEU B 38 2.56 -43.01 16.58
N LYS B 39 2.89 -42.00 15.78
CA LYS B 39 2.14 -41.78 14.56
C LYS B 39 2.40 -42.89 13.55
N CYS B 40 3.64 -43.35 13.47
CA CYS B 40 3.97 -44.49 12.63
C CYS B 40 3.28 -45.76 13.12
N ILE B 41 3.20 -45.95 14.43
CA ILE B 41 2.55 -47.14 14.98
C ILE B 41 1.04 -47.06 14.81
N LYS B 42 0.46 -45.87 14.96
CA LYS B 42 -0.98 -45.70 14.78
C LYS B 42 -1.40 -45.58 13.31
N LYS B 43 -0.47 -45.18 12.43
CA LYS B 43 -0.71 -44.96 10.98
C LYS B 43 -1.87 -44.00 10.71
N GLU B 44 -1.79 -42.82 11.31
CA GLU B 44 -2.81 -41.80 11.16
C GLU B 44 -2.78 -41.20 9.76
N GLN B 45 -1.67 -40.57 9.39
CA GLN B 45 -1.56 -39.80 8.16
C GLN B 45 -0.47 -40.36 7.25
N PRO B 46 -0.78 -40.67 5.98
CA PRO B 46 0.22 -41.30 5.11
C PRO B 46 1.43 -40.43 4.86
N SER B 47 1.24 -39.11 4.83
CA SER B 47 2.34 -38.17 4.70
C SER B 47 3.40 -38.30 5.78
N HIS B 48 3.07 -38.91 6.91
CA HIS B 48 4.05 -39.14 7.95
C HIS B 48 4.62 -40.56 7.87
N TYR B 49 3.78 -41.58 7.98
CA TYR B 49 4.30 -42.91 8.22
C TYR B 49 5.04 -43.48 7.01
N LYS B 50 4.72 -43.04 5.79
CA LYS B 50 5.50 -43.48 4.65
C LYS B 50 6.94 -42.95 4.64
N TYR B 51 7.18 -41.78 5.22
CA TYR B 51 8.40 -41.02 4.96
C TYR B 51 9.36 -40.92 6.14
N HIS B 52 8.89 -41.12 7.37
CA HIS B 52 9.70 -40.88 8.55
C HIS B 52 11.00 -41.70 8.58
N GLU B 53 10.93 -42.98 8.22
CA GLU B 53 12.12 -43.82 8.28
C GLU B 53 13.22 -43.33 7.35
N LYS B 54 12.85 -42.84 6.18
CA LYS B 54 13.83 -42.34 5.21
C LYS B 54 14.43 -41.01 5.64
N HIS B 55 13.63 -40.11 6.23
CA HIS B 55 14.05 -38.75 6.50
C HIS B 55 14.57 -38.51 7.93
N TYR B 56 14.48 -39.49 8.82
CA TYR B 56 14.87 -39.31 10.23
C TYR B 56 16.26 -38.69 10.39
N ALA B 57 17.25 -39.19 9.65
CA ALA B 57 18.59 -38.64 9.72
C ALA B 57 18.66 -37.17 9.34
N ASN B 58 18.02 -36.81 8.23
CA ASN B 58 18.06 -35.42 7.76
C ASN B 58 17.24 -34.50 8.66
N ALA B 59 16.13 -34.98 9.19
CA ALA B 59 15.32 -34.17 10.09
C ALA B 59 16.03 -33.85 11.41
N ALA B 60 16.83 -34.77 11.94
CA ALA B 60 17.61 -34.47 13.14
C ALA B 60 18.61 -33.34 12.91
N ILE B 61 19.25 -33.31 11.74
CA ILE B 61 20.18 -32.23 11.42
C ILE B 61 19.43 -30.94 11.07
N PHE B 62 18.27 -31.07 10.45
CA PHE B 62 17.41 -29.92 10.15
C PHE B 62 16.92 -29.21 11.42
N ALA B 63 16.59 -29.96 12.47
CA ALA B 63 16.18 -29.35 13.73
C ALA B 63 17.29 -28.53 14.41
N ASP B 64 18.56 -28.85 14.17
CA ASP B 64 19.66 -28.02 14.67
C ASP B 64 19.96 -26.82 13.78
N SER B 65 19.37 -26.74 12.60
CA SER B 65 19.74 -25.74 11.61
C SER B 65 19.26 -24.34 11.94
N LYS B 66 20.03 -23.35 11.49
CA LYS B 66 19.77 -21.94 11.73
C LYS B 66 18.96 -21.25 10.63
N ASN B 67 18.73 -21.89 9.50
CA ASN B 67 18.09 -21.26 8.35
C ASN B 67 16.92 -22.09 7.81
N GLN B 68 16.21 -22.77 8.71
CA GLN B 68 15.18 -23.74 8.36
C GLN B 68 14.17 -23.25 7.34
N LYS B 69 13.66 -22.02 7.51
CA LYS B 69 12.66 -21.49 6.58
C LYS B 69 13.22 -21.27 5.18
N THR B 70 14.51 -20.98 5.06
CA THR B 70 15.13 -20.83 3.75
C THR B 70 15.23 -22.17 3.02
N ILE B 71 15.49 -23.25 3.76
CA ILE B 71 15.45 -24.58 3.16
C ILE B 71 14.06 -24.89 2.64
N CYS B 72 13.05 -24.66 3.47
CA CYS B 72 11.67 -24.95 3.09
C CYS B 72 11.20 -24.09 1.93
N GLN B 73 11.67 -22.86 1.82
CA GLN B 73 11.28 -22.00 0.72
C GLN B 73 11.75 -22.55 -0.63
N GLN B 74 13.01 -23.00 -0.69
CA GLN B 74 13.51 -23.61 -1.93
C GLN B 74 12.74 -24.87 -2.30
N ALA B 75 12.39 -25.68 -1.30
CA ALA B 75 11.59 -26.88 -1.53
C ALA B 75 10.19 -26.54 -2.07
N VAL B 76 9.52 -25.57 -1.47
CA VAL B 76 8.21 -25.13 -1.94
C VAL B 76 8.29 -24.51 -3.33
N ASP B 77 9.34 -23.76 -3.63
CA ASP B 77 9.48 -23.21 -4.97
C ASP B 77 9.71 -24.29 -6.03
N THR B 78 10.40 -25.37 -5.68
CA THR B 78 10.50 -26.51 -6.59
C THR B 78 9.15 -27.15 -6.87
N VAL B 79 8.32 -27.29 -5.84
CA VAL B 79 6.96 -27.81 -6.07
C VAL B 79 6.15 -26.87 -6.96
N LEU B 80 6.21 -25.57 -6.72
CA LEU B 80 5.53 -24.61 -7.59
C LEU B 80 6.10 -24.60 -9.00
N ALA B 81 7.41 -24.75 -9.14
CA ALA B 81 8.02 -24.81 -10.48
C ALA B 81 7.54 -25.99 -11.30
N LYS B 82 7.48 -27.19 -10.71
CA LYS B 82 6.96 -28.32 -11.48
C LYS B 82 5.50 -28.10 -11.87
N LYS B 83 4.73 -27.50 -10.97
CA LYS B 83 3.35 -27.19 -11.26
C LYS B 83 3.23 -26.22 -12.44
N ARG B 84 4.08 -25.20 -12.50
CA ARG B 84 4.06 -24.29 -13.65
C ARG B 84 4.59 -24.94 -14.93
N VAL B 85 5.62 -25.77 -14.83
CA VAL B 85 6.09 -26.54 -15.98
C VAL B 85 4.99 -27.47 -16.50
N ASP B 86 4.34 -28.21 -15.60
CA ASP B 86 3.22 -29.04 -16.02
C ASP B 86 2.11 -28.22 -16.67
N SER B 87 1.81 -27.05 -16.11
CA SER B 87 0.74 -26.22 -16.64
C SER B 87 0.97 -25.79 -18.08
N LEU B 88 2.21 -25.47 -18.44
CA LEU B 88 2.51 -25.09 -19.83
C LEU B 88 2.74 -26.28 -20.75
N GLN B 89 3.35 -27.36 -20.27
CA GLN B 89 3.77 -28.43 -21.17
C GLN B 89 2.82 -29.61 -21.29
N LEU B 90 1.92 -29.83 -20.34
CA LEU B 90 0.94 -30.90 -20.48
C LEU B 90 -0.28 -30.46 -21.28
N THR B 91 -0.85 -31.40 -22.02
CA THR B 91 -2.20 -31.23 -22.53
C THR B 91 -3.20 -31.34 -21.39
N ARG B 92 -4.36 -30.70 -21.58
CA ARG B 92 -5.38 -30.70 -20.54
C ARG B 92 -5.92 -32.09 -20.25
N GLU B 93 -5.92 -32.98 -21.24
CA GLU B 93 -6.29 -34.38 -21.00
C GLU B 93 -5.30 -35.09 -20.08
N GLN B 94 -4.01 -34.83 -20.24
CA GLN B 94 -3.04 -35.40 -19.31
C GLN B 94 -3.24 -34.85 -17.91
N MET B 95 -3.56 -33.56 -17.79
CA MET B 95 -3.79 -32.96 -16.48
C MET B 95 -4.99 -33.58 -15.79
N LEU B 96 -6.09 -33.79 -16.50
CA LEU B 96 -7.24 -34.49 -15.93
C LEU B 96 -6.91 -35.94 -15.58
N THR B 97 -6.12 -36.60 -16.43
CA THR B 97 -5.69 -37.97 -16.14
C THR B 97 -4.85 -38.04 -14.87
N ASN B 98 -3.86 -37.15 -14.73
CA ASN B 98 -3.07 -37.08 -13.51
C ASN B 98 -3.93 -36.83 -12.27
N ARG B 99 -4.92 -35.95 -12.39
CA ARG B 99 -5.82 -35.68 -11.28
C ARG B 99 -6.62 -36.92 -10.89
N PHE B 100 -7.15 -37.65 -11.87
CA PHE B 100 -7.89 -38.88 -11.56
C PHE B 100 -7.01 -39.94 -10.95
N ASN B 101 -5.76 -40.05 -11.40
CA ASN B 101 -4.83 -40.98 -10.77
C ASN B 101 -4.66 -40.65 -9.29
N ASP B 102 -4.50 -39.36 -8.97
CA ASP B 102 -4.39 -38.93 -7.58
C ASP B 102 -5.65 -39.23 -6.77
N LEU B 103 -6.82 -39.05 -7.38
CA LEU B 103 -8.08 -39.40 -6.71
C LEU B 103 -8.22 -40.90 -6.49
N LEU B 104 -7.85 -41.69 -7.49
CA LEU B 104 -7.92 -43.16 -7.33
C LEU B 104 -6.96 -43.67 -6.27
N ASP B 105 -5.77 -43.08 -6.17
CA ASP B 105 -4.90 -43.38 -5.02
C ASP B 105 -5.59 -43.12 -3.69
N ARG B 106 -6.28 -41.99 -3.57
CA ARG B 106 -7.00 -41.68 -2.33
C ARG B 106 -8.18 -42.63 -2.10
N MET B 107 -8.86 -43.05 -3.14
CA MET B 107 -9.90 -44.06 -3.00
C MET B 107 -9.35 -45.41 -2.55
N ASP B 108 -8.21 -45.83 -3.10
CA ASP B 108 -7.58 -47.08 -2.66
C ASP B 108 -7.25 -47.07 -1.17
N ILE B 109 -6.88 -45.91 -0.64
CA ILE B 109 -6.63 -45.78 0.79
C ILE B 109 -7.93 -45.74 1.58
N MET B 110 -8.94 -45.03 1.08
CA MET B 110 -10.22 -44.94 1.77
C MET B 110 -10.92 -46.28 1.89
N PHE B 111 -10.90 -47.08 0.84
CA PHE B 111 -11.69 -48.30 0.77
C PHE B 111 -10.87 -49.56 1.00
N GLY B 112 -9.57 -49.44 1.19
CA GLY B 112 -8.77 -50.57 1.66
C GLY B 112 -9.07 -50.90 3.11
N SER B 113 -8.51 -52.03 3.57
CA SER B 113 -8.81 -52.49 4.92
C SER B 113 -8.29 -51.54 5.98
N THR B 114 -7.27 -50.74 5.68
CA THR B 114 -6.85 -49.68 6.58
C THR B 114 -7.83 -48.51 6.56
N GLY B 115 -8.68 -48.42 5.56
CA GLY B 115 -9.50 -47.25 5.36
C GLY B 115 -10.75 -47.23 6.23
N SER B 116 -11.20 -46.02 6.52
CA SER B 116 -12.35 -45.76 7.37
C SER B 116 -13.64 -45.56 6.60
N ALA B 117 -13.62 -45.63 5.27
CA ALA B 117 -14.82 -45.41 4.47
C ALA B 117 -15.62 -46.70 4.27
N ASP B 118 -16.93 -46.54 4.12
CA ASP B 118 -17.83 -47.61 3.70
C ASP B 118 -18.32 -47.33 2.28
N ILE B 119 -18.01 -48.23 1.35
CA ILE B 119 -18.35 -48.04 -0.05
C ILE B 119 -19.85 -48.05 -0.30
N GLU B 120 -20.63 -48.61 0.61
CA GLU B 120 -22.09 -48.54 0.51
C GLU B 120 -22.60 -47.14 0.75
N GLU B 121 -22.02 -46.43 1.72
CA GLU B 121 -22.44 -45.06 1.98
C GLU B 121 -22.03 -44.11 0.86
N TRP B 122 -20.86 -44.35 0.27
CA TRP B 122 -20.43 -43.56 -0.87
C TRP B 122 -21.27 -43.84 -2.12
N MET B 123 -21.66 -45.09 -2.36
CA MET B 123 -22.59 -45.37 -3.46
C MET B 123 -24.00 -44.86 -3.18
N ALA B 124 -24.40 -44.74 -1.92
CA ALA B 124 -25.62 -44.00 -1.60
C ALA B 124 -25.51 -42.52 -2.00
N GLY B 125 -24.33 -41.94 -1.88
CA GLY B 125 -24.10 -40.62 -2.43
C GLY B 125 -24.26 -40.55 -3.93
N VAL B 126 -23.74 -41.54 -4.65
CA VAL B 126 -23.93 -41.62 -6.08
C VAL B 126 -25.41 -41.73 -6.46
N ALA B 127 -26.18 -42.49 -5.68
CA ALA B 127 -27.61 -42.56 -5.92
C ALA B 127 -28.27 -41.20 -5.71
N TRP B 128 -27.96 -40.53 -4.60
CA TRP B 128 -28.55 -39.23 -4.33
C TRP B 128 -28.16 -38.20 -5.39
N LEU B 129 -26.88 -38.17 -5.79
CA LEU B 129 -26.43 -37.22 -6.80
C LEU B 129 -27.04 -37.49 -8.17
N HIS B 130 -27.18 -38.75 -8.55
CA HIS B 130 -27.80 -39.02 -9.84
C HIS B 130 -29.26 -38.56 -9.91
N CYS B 131 -29.93 -38.39 -8.77
CA CYS B 131 -31.30 -37.89 -8.79
C CYS B 131 -31.39 -36.37 -8.91
N LEU B 132 -30.28 -35.65 -8.70
CA LEU B 132 -30.33 -34.20 -8.63
C LEU B 132 -30.69 -33.56 -9.97
N LEU B 133 -29.98 -33.91 -11.04
CA LEU B 133 -30.25 -33.42 -12.38
C LEU B 133 -30.61 -34.57 -13.31
N PRO B 134 -31.43 -34.32 -14.32
CA PRO B 134 -31.57 -35.29 -15.42
C PRO B 134 -30.26 -35.62 -16.09
N LYS B 135 -30.04 -36.92 -16.34
CA LYS B 135 -28.84 -37.43 -17.03
C LYS B 135 -27.54 -36.91 -16.40
N MET B 136 -27.46 -37.04 -15.08
CA MET B 136 -26.36 -36.46 -14.32
C MET B 136 -24.99 -36.92 -14.81
N ASP B 137 -24.83 -38.22 -15.07
CA ASP B 137 -23.53 -38.73 -15.51
C ASP B 137 -23.11 -38.15 -16.86
N SER B 138 -24.04 -37.94 -17.78
CA SER B 138 -23.71 -37.24 -19.01
C SER B 138 -23.43 -35.76 -18.78
N VAL B 139 -24.14 -35.14 -17.85
CA VAL B 139 -23.84 -33.75 -17.51
C VAL B 139 -22.42 -33.62 -16.97
N VAL B 140 -22.00 -34.53 -16.11
CA VAL B 140 -20.61 -34.54 -15.65
C VAL B 140 -19.65 -34.80 -16.81
N TYR B 141 -19.96 -35.77 -17.65
CA TYR B 141 -19.05 -36.09 -18.75
C TYR B 141 -18.92 -34.93 -19.73
N ASP B 142 -20.05 -34.31 -20.08
CA ASP B 142 -20.04 -33.12 -20.92
C ASP B 142 -19.25 -31.98 -20.30
N PHE B 143 -19.35 -31.81 -18.98
CA PHE B 143 -18.55 -30.79 -18.30
C PHE B 143 -17.06 -31.10 -18.41
N LEU B 144 -16.67 -32.34 -18.16
CA LEU B 144 -15.27 -32.72 -18.28
C LEU B 144 -14.73 -32.47 -19.67
N LYS B 145 -15.50 -32.85 -20.70
CA LYS B 145 -15.14 -32.53 -22.08
C LYS B 145 -14.97 -31.04 -22.30
N CYS B 146 -15.92 -30.24 -21.82
CA CYS B 146 -15.81 -28.79 -21.93
C CYS B 146 -14.54 -28.27 -21.29
N MET B 147 -14.18 -28.76 -20.12
CA MET B 147 -12.98 -28.28 -19.45
C MET B 147 -11.70 -28.77 -20.11
N VAL B 148 -11.73 -29.93 -20.77
CA VAL B 148 -10.55 -30.39 -21.50
C VAL B 148 -10.37 -29.64 -22.81
N TYR B 149 -11.44 -29.46 -23.58
CA TYR B 149 -11.30 -28.79 -24.88
C TYR B 149 -11.06 -27.29 -24.75
N ASN B 150 -11.59 -26.64 -23.73
CA ASN B 150 -11.23 -25.25 -23.42
C ASN B 150 -11.35 -24.34 -24.64
N ILE B 151 -12.49 -24.44 -25.33
CA ILE B 151 -12.75 -23.73 -26.58
C ILE B 151 -12.99 -22.25 -26.29
N PRO B 152 -12.37 -21.32 -27.01
CA PRO B 152 -12.62 -19.88 -26.76
C PRO B 152 -14.09 -19.52 -26.66
N LYS B 153 -14.43 -18.75 -25.62
CA LYS B 153 -15.78 -18.27 -25.32
C LYS B 153 -16.80 -19.34 -24.97
N LYS B 154 -16.67 -20.55 -25.50
CA LYS B 154 -17.54 -21.67 -25.14
C LYS B 154 -17.08 -22.39 -23.86
N ARG B 155 -16.62 -21.65 -22.85
CA ARG B 155 -15.87 -22.21 -21.72
C ARG B 155 -16.61 -22.30 -20.39
N TYR B 156 -17.57 -21.42 -20.11
CA TYR B 156 -18.18 -21.36 -18.78
C TYR B 156 -19.61 -21.91 -18.77
N TRP B 157 -19.94 -22.60 -17.68
CA TRP B 157 -21.29 -23.09 -17.38
C TRP B 157 -21.91 -22.29 -16.25
N LEU B 158 -23.19 -21.94 -16.41
CA LEU B 158 -23.94 -21.15 -15.44
C LEU B 158 -24.90 -22.06 -14.67
N PHE B 159 -24.78 -22.07 -13.34
CA PHE B 159 -25.68 -22.81 -12.47
C PHE B 159 -26.62 -21.81 -11.80
N LYS B 160 -27.91 -21.94 -12.09
CA LYS B 160 -28.92 -20.98 -11.69
C LYS B 160 -30.04 -21.69 -10.95
N GLY B 161 -30.62 -21.01 -9.97
CA GLY B 161 -31.72 -21.58 -9.24
C GLY B 161 -31.86 -21.01 -7.85
N PRO B 162 -32.96 -21.32 -7.20
CA PRO B 162 -33.25 -20.76 -5.88
C PRO B 162 -32.37 -21.29 -4.76
N ILE B 163 -32.69 -20.86 -3.54
CA ILE B 163 -32.00 -21.30 -2.34
C ILE B 163 -32.20 -22.80 -2.11
N ASP B 164 -31.09 -23.48 -1.82
CA ASP B 164 -31.05 -24.93 -1.56
C ASP B 164 -31.58 -25.74 -2.74
N SER B 165 -31.11 -25.39 -3.94
CA SER B 165 -31.42 -26.10 -5.16
C SER B 165 -30.32 -27.06 -5.57
N GLY B 166 -29.13 -26.95 -4.99
CA GLY B 166 -28.04 -27.87 -5.23
C GLY B 166 -26.89 -27.33 -6.06
N LYS B 167 -26.89 -26.02 -6.36
CA LYS B 167 -25.86 -25.45 -7.22
C LYS B 167 -24.48 -25.62 -6.61
N THR B 168 -24.31 -25.16 -5.38
CA THR B 168 -23.00 -25.18 -4.72
C THR B 168 -22.55 -26.60 -4.47
N THR B 169 -23.48 -27.51 -4.19
CA THR B 169 -23.17 -28.92 -4.02
C THR B 169 -22.48 -29.50 -5.25
N LEU B 170 -23.12 -29.40 -6.42
CA LEU B 170 -22.48 -29.93 -7.62
C LEU B 170 -21.21 -29.19 -7.97
N ALA B 171 -21.20 -27.86 -7.80
CA ALA B 171 -19.99 -27.10 -8.09
C ALA B 171 -18.81 -27.53 -7.23
N ALA B 172 -19.06 -27.78 -5.94
CA ALA B 172 -18.00 -28.28 -5.07
C ALA B 172 -17.52 -29.67 -5.48
N ALA B 173 -18.45 -30.55 -5.88
CA ALA B 173 -18.06 -31.87 -6.35
C ALA B 173 -17.23 -31.81 -7.62
N LEU B 174 -17.62 -30.96 -8.58
CA LEU B 174 -16.83 -30.80 -9.80
C LEU B 174 -15.49 -30.13 -9.52
N LEU B 175 -15.45 -29.23 -8.55
CA LEU B 175 -14.19 -28.60 -8.14
C LEU B 175 -13.21 -29.61 -7.56
N GLU B 176 -13.68 -30.57 -6.77
CA GLU B 176 -12.78 -31.59 -6.26
C GLU B 176 -12.41 -32.60 -7.35
N LEU B 177 -13.36 -32.94 -8.21
CA LEU B 177 -13.06 -33.87 -9.31
C LEU B 177 -12.01 -33.31 -10.27
N CYS B 178 -12.21 -32.08 -10.74
CA CYS B 178 -11.27 -31.51 -11.70
C CYS B 178 -10.07 -30.83 -11.07
N GLY B 179 -10.19 -30.41 -9.81
CA GLY B 179 -9.21 -29.56 -9.17
C GLY B 179 -9.34 -28.11 -9.59
N GLY B 180 -9.26 -27.20 -8.64
CA GLY B 180 -9.43 -25.81 -8.95
C GLY B 180 -9.72 -24.99 -7.70
N LYS B 181 -9.98 -23.71 -7.92
CA LYS B 181 -10.19 -22.75 -6.86
C LYS B 181 -11.54 -22.09 -6.99
N ALA B 182 -12.13 -21.75 -5.85
CA ALA B 182 -13.34 -20.96 -5.77
C ALA B 182 -13.00 -19.49 -5.48
N LEU B 183 -13.61 -18.59 -6.25
CA LEU B 183 -13.36 -17.15 -6.14
C LEU B 183 -14.64 -16.40 -5.78
N ASN B 184 -14.51 -15.42 -4.89
CA ASN B 184 -15.61 -14.51 -4.53
C ASN B 184 -15.43 -13.16 -5.22
N VAL B 185 -16.30 -12.88 -6.19
CA VAL B 185 -16.29 -11.62 -6.92
C VAL B 185 -17.26 -10.59 -6.35
N ASN B 186 -17.97 -10.90 -5.27
CA ASN B 186 -18.91 -9.96 -4.68
C ASN B 186 -18.21 -8.81 -3.95
N LEU B 187 -16.95 -8.96 -3.60
CA LEU B 187 -16.17 -7.91 -2.96
C LEU B 187 -15.74 -6.84 -3.95
N PRO B 188 -15.38 -5.65 -3.47
CA PRO B 188 -15.18 -4.51 -4.37
C PRO B 188 -14.01 -4.67 -5.34
N LEU B 189 -14.15 -3.98 -6.48
CA LEU B 189 -13.34 -4.21 -7.66
C LEU B 189 -11.85 -3.92 -7.46
N ASP B 190 -11.51 -2.90 -6.67
CA ASP B 190 -10.10 -2.51 -6.56
C ASP B 190 -9.21 -3.50 -5.81
N ARG B 191 -9.76 -4.38 -4.98
CA ARG B 191 -8.99 -5.45 -4.37
C ARG B 191 -9.18 -6.80 -5.06
N LEU B 192 -10.04 -6.86 -6.05
CA LEU B 192 -10.37 -8.09 -6.74
C LEU B 192 -9.18 -8.69 -7.50
N ASN B 193 -8.18 -7.89 -7.87
CA ASN B 193 -7.04 -8.40 -8.61
C ASN B 193 -6.27 -9.49 -7.87
N PHE B 194 -6.10 -9.38 -6.55
CA PHE B 194 -5.44 -10.46 -5.80
C PHE B 194 -6.33 -11.70 -5.65
N GLU B 195 -7.65 -11.53 -5.60
CA GLU B 195 -8.53 -12.69 -5.63
C GLU B 195 -8.40 -13.46 -6.95
N LEU B 196 -8.40 -12.73 -8.06
CA LEU B 196 -8.19 -13.35 -9.36
C LEU B 196 -6.83 -14.02 -9.50
N GLY B 197 -5.80 -13.49 -8.83
CA GLY B 197 -4.49 -14.14 -8.79
C GLY B 197 -4.47 -15.54 -8.18
N VAL B 198 -5.48 -15.91 -7.42
CA VAL B 198 -5.60 -17.29 -6.93
C VAL B 198 -5.75 -18.27 -8.07
N ALA B 199 -6.28 -17.82 -9.22
CA ALA B 199 -6.48 -18.63 -10.41
C ALA B 199 -5.19 -19.08 -11.11
N ILE B 200 -4.03 -18.57 -10.71
CA ILE B 200 -2.79 -18.91 -11.41
C ILE B 200 -2.51 -20.41 -11.38
N ASP B 201 -2.27 -20.98 -12.56
CA ASP B 201 -1.98 -22.40 -12.79
C ASP B 201 -3.07 -23.37 -12.32
N GLN B 202 -4.30 -22.90 -12.16
CA GLN B 202 -5.40 -23.78 -11.78
C GLN B 202 -6.14 -24.29 -13.01
N PHE B 203 -6.78 -25.45 -12.86
CA PHE B 203 -7.52 -26.07 -13.96
C PHE B 203 -8.94 -25.51 -14.11
N LEU B 204 -9.72 -25.47 -13.02
CA LEU B 204 -11.00 -24.78 -12.98
C LEU B 204 -10.93 -23.56 -12.07
N VAL B 205 -11.81 -22.60 -12.32
CA VAL B 205 -12.29 -21.72 -11.27
C VAL B 205 -13.81 -21.73 -11.21
N VAL B 206 -14.31 -21.68 -9.99
CA VAL B 206 -15.74 -21.58 -9.70
C VAL B 206 -15.98 -20.23 -9.04
N PHE B 207 -16.81 -19.41 -9.67
CA PHE B 207 -17.28 -18.17 -9.08
C PHE B 207 -18.53 -18.48 -8.28
N GLU B 208 -18.40 -18.48 -6.96
CA GLU B 208 -19.44 -19.00 -6.10
C GLU B 208 -20.40 -17.89 -5.68
N ASP B 209 -21.68 -18.15 -5.92
CA ASP B 209 -22.79 -17.38 -5.36
C ASP B 209 -22.70 -15.89 -5.67
N VAL B 210 -22.57 -15.61 -6.97
CA VAL B 210 -22.50 -14.24 -7.48
C VAL B 210 -23.83 -13.54 -7.27
N LYS B 211 -23.78 -12.30 -6.80
CA LYS B 211 -24.97 -11.47 -6.60
C LYS B 211 -25.13 -10.43 -7.70
N GLY B 212 -26.37 -10.24 -8.14
CA GLY B 212 -26.73 -9.16 -9.03
C GLY B 212 -27.48 -8.04 -8.34
N THR B 213 -27.94 -7.09 -9.16
CA THR B 213 -28.97 -6.14 -8.77
C THR B 213 -30.31 -6.57 -9.32
N GLY B 214 -31.37 -5.90 -8.85
CA GLY B 214 -32.68 -6.06 -9.43
C GLY B 214 -33.44 -7.29 -8.98
N GLY B 215 -33.01 -7.93 -7.90
CA GLY B 215 -33.74 -9.00 -7.28
C GLY B 215 -34.57 -8.59 -6.08
N GLU B 216 -34.57 -7.30 -5.73
CA GLU B 216 -35.11 -6.87 -4.44
C GLU B 216 -36.60 -7.14 -4.31
N SER B 217 -37.34 -7.13 -5.43
CA SER B 217 -38.73 -7.55 -5.40
C SER B 217 -38.89 -9.02 -5.03
N ARG B 218 -37.94 -9.86 -5.40
CA ARG B 218 -37.95 -11.25 -5.00
C ARG B 218 -37.46 -11.47 -3.58
N ASP B 219 -36.99 -10.41 -2.93
CA ASP B 219 -36.15 -10.51 -1.72
C ASP B 219 -34.85 -11.26 -1.98
N LEU B 220 -34.17 -10.88 -3.05
CA LEU B 220 -32.77 -11.23 -3.22
C LEU B 220 -31.95 -9.95 -3.09
N PRO B 221 -31.08 -9.83 -2.09
CA PRO B 221 -30.32 -8.58 -1.92
C PRO B 221 -29.42 -8.26 -3.09
N SER B 222 -29.24 -6.97 -3.32
CA SER B 222 -28.36 -6.45 -4.35
C SER B 222 -26.88 -6.68 -4.00
N GLY B 223 -26.05 -6.62 -5.04
CA GLY B 223 -24.60 -6.73 -4.86
C GLY B 223 -23.88 -6.53 -6.19
N GLN B 224 -22.57 -6.31 -6.07
CA GLN B 224 -21.73 -5.93 -7.20
C GLN B 224 -21.28 -7.10 -8.08
N GLY B 225 -21.51 -8.35 -7.66
CA GLY B 225 -20.89 -9.48 -8.32
C GLY B 225 -21.07 -9.56 -9.82
N ILE B 226 -22.31 -9.42 -10.31
CA ILE B 226 -22.54 -9.51 -11.75
C ILE B 226 -21.90 -8.35 -12.50
N ASN B 227 -21.90 -7.15 -11.91
CA ASN B 227 -21.22 -6.01 -12.53
C ASN B 227 -19.71 -6.25 -12.62
N ASN B 228 -19.12 -6.80 -11.57
CA ASN B 228 -17.71 -7.17 -11.61
C ASN B 228 -17.43 -8.23 -12.68
N LEU B 229 -18.27 -9.26 -12.79
CA LEU B 229 -18.06 -10.26 -13.84
C LEU B 229 -18.13 -9.66 -15.23
N ASP B 230 -19.04 -8.73 -15.46
CA ASP B 230 -19.09 -8.07 -16.75
C ASP B 230 -17.89 -7.15 -17.01
N ASN B 231 -17.18 -6.71 -15.98
CA ASN B 231 -15.87 -6.07 -16.19
C ASN B 231 -14.76 -7.06 -16.52
N LEU B 232 -14.95 -8.34 -16.23
CA LEU B 232 -13.98 -9.40 -16.44
C LEU B 232 -14.29 -10.24 -17.69
N ARG B 233 -15.02 -9.67 -18.65
CA ARG B 233 -15.36 -10.37 -19.89
C ARG B 233 -14.19 -11.06 -20.56
N ASP B 234 -13.06 -10.36 -20.75
CA ASP B 234 -11.91 -10.98 -21.42
C ASP B 234 -11.32 -12.13 -20.62
N TYR B 235 -11.51 -12.16 -19.29
CA TYR B 235 -11.11 -13.32 -18.51
C TYR B 235 -12.01 -14.52 -18.77
N LEU B 236 -13.31 -14.29 -18.86
CA LEU B 236 -14.24 -15.38 -19.15
C LEU B 236 -14.15 -15.86 -20.60
N ASP B 237 -13.86 -14.95 -21.54
CA ASP B 237 -13.68 -15.32 -22.93
C ASP B 237 -12.58 -16.36 -23.12
N GLY B 238 -11.41 -16.09 -22.57
CA GLY B 238 -10.26 -16.97 -22.78
C GLY B 238 -9.69 -16.97 -24.17
N SER B 239 -10.02 -15.97 -24.99
CA SER B 239 -9.30 -15.80 -26.25
C SER B 239 -7.88 -15.32 -26.01
N VAL B 240 -7.72 -14.28 -25.21
CA VAL B 240 -6.43 -13.65 -24.97
C VAL B 240 -5.90 -14.02 -23.59
N LYS B 241 -4.61 -13.78 -23.41
CA LYS B 241 -3.99 -13.95 -22.10
C LYS B 241 -4.24 -12.74 -21.22
N VAL B 242 -4.51 -13.00 -19.95
CA VAL B 242 -4.78 -11.94 -18.97
C VAL B 242 -3.67 -11.94 -17.92
N ASN B 243 -3.48 -10.77 -17.32
CA ASN B 243 -2.38 -10.51 -16.39
C ASN B 243 -2.86 -10.76 -14.96
N LEU B 244 -2.37 -11.83 -14.34
CA LEU B 244 -2.78 -12.28 -13.01
C LEU B 244 -1.69 -11.97 -11.98
N GLU B 245 -2.11 -11.54 -10.79
CA GLU B 245 -1.24 -10.85 -9.85
C GLU B 245 -1.29 -11.45 -8.45
N LYS B 246 -0.13 -11.82 -7.92
CA LYS B 246 0.04 -12.17 -6.52
C LYS B 246 0.78 -11.07 -5.79
N LYS B 247 0.58 -10.99 -4.48
CA LYS B 247 1.33 -10.03 -3.67
C LYS B 247 2.83 -10.28 -3.77
N HIS B 248 3.58 -9.19 -3.96
CA HIS B 248 5.04 -9.17 -4.05
C HIS B 248 5.61 -9.95 -5.22
N LEU B 249 4.79 -10.43 -6.13
CA LEU B 249 5.26 -11.02 -7.38
C LEU B 249 4.74 -10.20 -8.56
N ASN B 250 5.55 -10.08 -9.61
CA ASN B 250 5.10 -9.45 -10.84
C ASN B 250 4.06 -10.30 -11.56
N LYS B 251 3.30 -9.66 -12.43
CA LYS B 251 2.18 -10.32 -13.08
C LYS B 251 2.62 -11.50 -13.95
N ARG B 252 1.80 -12.55 -13.92
CA ARG B 252 1.88 -13.68 -14.85
C ARG B 252 0.80 -13.55 -15.91
N THR B 253 1.16 -13.78 -17.17
CA THR B 253 0.23 -13.72 -18.29
C THR B 253 -0.18 -15.13 -18.69
N GLN B 254 -1.46 -15.46 -18.52
CA GLN B 254 -1.95 -16.79 -18.84
C GLN B 254 -3.40 -16.71 -19.29
N ILE B 255 -3.85 -17.75 -20.00
CA ILE B 255 -5.25 -17.84 -20.38
C ILE B 255 -6.05 -18.24 -19.14
N PHE B 256 -7.04 -17.44 -18.80
CA PHE B 256 -7.75 -17.66 -17.53
C PHE B 256 -8.47 -19.02 -17.56
N PRO B 257 -8.49 -19.74 -16.45
CA PRO B 257 -9.14 -21.06 -16.44
C PRO B 257 -10.59 -21.00 -16.85
N PRO B 258 -11.14 -22.09 -17.40
CA PRO B 258 -12.59 -22.25 -17.56
C PRO B 258 -13.27 -22.58 -16.22
N GLY B 259 -14.59 -22.66 -16.24
CA GLY B 259 -15.32 -23.16 -15.09
C GLY B 259 -16.77 -22.73 -14.91
N ILE B 260 -17.18 -22.53 -13.66
CA ILE B 260 -18.59 -22.48 -13.29
C ILE B 260 -18.89 -21.15 -12.62
N VAL B 261 -20.06 -20.60 -12.91
CA VAL B 261 -20.64 -19.47 -12.18
C VAL B 261 -21.92 -19.96 -11.52
N THR B 262 -22.02 -19.85 -10.20
CA THR B 262 -23.24 -20.19 -9.48
C THR B 262 -23.95 -18.91 -9.06
N MET B 263 -25.25 -18.87 -9.31
CA MET B 263 -26.05 -17.66 -9.24
C MET B 263 -27.47 -17.99 -8.80
N ASN B 264 -28.10 -17.03 -8.11
CA ASN B 264 -29.42 -17.23 -7.53
C ASN B 264 -30.43 -16.25 -8.13
N GLU B 265 -30.95 -16.59 -9.31
CA GLU B 265 -32.11 -15.92 -9.92
C GLU B 265 -31.94 -14.41 -10.08
N TYR B 266 -30.73 -13.92 -10.29
CA TYR B 266 -30.50 -12.55 -10.73
C TYR B 266 -30.54 -12.44 -12.25
N SER B 267 -30.80 -11.24 -12.76
CA SER B 267 -30.72 -10.98 -14.19
C SER B 267 -29.27 -10.84 -14.65
N VAL B 268 -28.97 -11.46 -15.78
CA VAL B 268 -27.62 -11.47 -16.35
C VAL B 268 -27.59 -10.58 -17.59
N PRO B 269 -26.66 -9.63 -17.69
CA PRO B 269 -26.48 -8.89 -18.94
C PRO B 269 -26.27 -9.80 -20.15
N LYS B 270 -26.80 -9.39 -21.29
CA LYS B 270 -26.61 -10.15 -22.54
C LYS B 270 -25.14 -10.30 -22.90
N THR B 271 -24.31 -9.31 -22.58
CA THR B 271 -22.87 -9.43 -22.80
C THR B 271 -22.29 -10.60 -22.02
N LEU B 272 -22.73 -10.76 -20.78
CA LEU B 272 -22.23 -11.84 -19.94
C LEU B 272 -22.84 -13.18 -20.30
N GLN B 273 -24.12 -13.21 -20.67
CA GLN B 273 -24.73 -14.42 -21.20
C GLN B 273 -23.99 -15.00 -22.41
N ALA B 274 -23.40 -14.16 -23.25
CA ALA B 274 -22.65 -14.64 -24.40
C ALA B 274 -21.39 -15.43 -24.02
N ARG B 275 -20.93 -15.30 -22.78
CA ARG B 275 -19.77 -16.06 -22.30
C ARG B 275 -20.13 -17.42 -21.71
N PHE B 276 -21.40 -17.73 -21.51
CA PHE B 276 -21.83 -19.01 -20.96
C PHE B 276 -22.37 -19.91 -22.07
N VAL B 277 -21.82 -21.12 -22.17
CA VAL B 277 -22.22 -22.05 -23.22
C VAL B 277 -23.42 -22.90 -22.79
N LYS B 278 -23.56 -23.17 -21.50
CA LYS B 278 -24.69 -23.93 -21.00
C LYS B 278 -25.17 -23.31 -19.70
N GLN B 279 -26.49 -23.25 -19.53
CA GLN B 279 -27.12 -22.89 -18.27
C GLN B 279 -27.87 -24.10 -17.73
N ILE B 280 -27.60 -24.43 -16.48
CA ILE B 280 -28.28 -25.51 -15.79
C ILE B 280 -29.16 -24.91 -14.72
N ASP B 281 -30.46 -25.17 -14.82
CA ASP B 281 -31.46 -24.67 -13.89
C ASP B 281 -31.74 -25.73 -12.83
N PHE B 282 -31.26 -25.47 -11.62
CA PHE B 282 -31.50 -26.37 -10.50
C PHE B 282 -32.86 -26.08 -9.89
N ARG B 283 -33.65 -27.13 -9.68
CA ARG B 283 -34.94 -27.02 -9.01
C ARG B 283 -34.94 -27.79 -7.70
N PRO B 284 -35.31 -27.16 -6.59
CA PRO B 284 -35.51 -27.89 -5.33
C PRO B 284 -36.48 -29.06 -5.45
N LYS B 285 -36.08 -30.19 -4.89
CA LYS B 285 -36.90 -31.38 -4.82
C LYS B 285 -37.07 -31.77 -3.35
N ASP B 286 -38.32 -31.73 -2.87
CA ASP B 286 -38.59 -32.09 -1.48
C ASP B 286 -38.23 -33.54 -1.15
N TYR B 287 -38.36 -34.46 -2.10
CA TYR B 287 -37.96 -35.84 -1.80
C TYR B 287 -36.46 -35.97 -1.53
N LEU B 288 -35.63 -35.12 -2.13
CA LEU B 288 -34.22 -35.11 -1.78
C LEU B 288 -33.97 -34.57 -0.38
N LYS B 289 -34.69 -33.52 0.04
CA LYS B 289 -34.58 -33.03 1.41
C LYS B 289 -35.02 -34.08 2.42
N HIS B 290 -36.16 -34.72 2.18
CA HIS B 290 -36.61 -35.76 3.10
C HIS B 290 -35.63 -36.93 3.15
N CYS B 291 -35.03 -37.27 2.02
CA CYS B 291 -33.99 -38.29 2.01
C CYS B 291 -32.78 -37.89 2.82
N LEU B 292 -32.32 -36.65 2.68
CA LEU B 292 -31.15 -36.21 3.45
C LEU B 292 -31.42 -36.17 4.94
N GLU B 293 -32.60 -35.72 5.36
CA GLU B 293 -32.92 -35.75 6.77
C GLU B 293 -32.83 -37.15 7.36
N ARG B 294 -33.13 -38.16 6.57
CA ARG B 294 -33.09 -39.54 7.03
C ARG B 294 -31.75 -40.24 6.79
N SER B 295 -30.81 -39.61 6.10
CA SER B 295 -29.51 -40.20 5.81
C SER B 295 -28.41 -39.15 6.04
N GLU B 296 -28.37 -38.61 7.26
CA GLU B 296 -27.48 -37.51 7.61
C GLU B 296 -26.00 -37.86 7.44
N PHE B 297 -25.63 -39.14 7.43
CA PHE B 297 -24.26 -39.53 7.17
C PHE B 297 -23.72 -38.99 5.84
N LEU B 298 -24.60 -38.72 4.87
CA LEU B 298 -24.15 -38.11 3.62
C LEU B 298 -23.64 -36.70 3.82
N LEU B 299 -24.31 -35.92 4.67
CA LEU B 299 -23.88 -34.55 4.92
C LEU B 299 -22.72 -34.50 5.89
N GLU B 300 -22.79 -35.30 6.95
CA GLU B 300 -21.74 -35.32 7.96
C GLU B 300 -20.41 -35.77 7.40
N LYS B 301 -20.41 -36.82 6.57
CA LYS B 301 -19.18 -37.28 5.94
C LYS B 301 -18.83 -36.50 4.67
N ARG B 302 -19.64 -35.50 4.31
CA ARG B 302 -19.45 -34.67 3.12
C ARG B 302 -19.35 -35.48 1.83
N ILE B 303 -20.17 -36.54 1.73
CA ILE B 303 -20.09 -37.45 0.61
C ILE B 303 -20.62 -36.80 -0.66
N ILE B 304 -21.79 -36.16 -0.59
CA ILE B 304 -22.41 -35.60 -1.79
C ILE B 304 -21.69 -34.37 -2.32
N GLN B 305 -20.82 -33.75 -1.54
CA GLN B 305 -19.96 -32.71 -2.08
C GLN B 305 -18.69 -33.24 -2.74
N SER B 306 -18.38 -34.52 -2.62
CA SER B 306 -17.04 -35.01 -2.92
C SER B 306 -16.86 -35.36 -4.39
N GLY B 307 -15.66 -35.05 -4.90
CA GLY B 307 -15.26 -35.51 -6.22
C GLY B 307 -15.16 -37.01 -6.31
N ILE B 308 -14.85 -37.66 -5.19
CA ILE B 308 -14.78 -39.11 -5.15
C ILE B 308 -16.16 -39.73 -5.38
N ALA B 309 -17.22 -39.06 -4.98
CA ALA B 309 -18.57 -39.50 -5.35
C ALA B 309 -18.82 -39.39 -6.86
N LEU B 310 -18.42 -38.28 -7.49
CA LEU B 310 -18.59 -38.17 -8.93
C LEU B 310 -17.68 -39.12 -9.70
N LEU B 311 -16.48 -39.40 -9.18
CA LEU B 311 -15.63 -40.38 -9.83
C LEU B 311 -16.23 -41.77 -9.75
N LEU B 312 -16.83 -42.14 -8.62
CA LEU B 312 -17.60 -43.38 -8.56
C LEU B 312 -18.78 -43.37 -9.52
N MET B 313 -19.49 -42.25 -9.61
CA MET B 313 -20.57 -42.14 -10.58
C MET B 313 -20.08 -42.37 -12.01
N LEU B 314 -18.96 -41.77 -12.38
CA LEU B 314 -18.41 -41.98 -13.72
C LEU B 314 -18.01 -43.44 -13.93
N ILE B 315 -17.41 -44.07 -12.92
CA ILE B 315 -17.02 -45.47 -13.05
C ILE B 315 -18.25 -46.37 -13.18
N TRP B 316 -19.31 -46.07 -12.43
CA TRP B 316 -20.54 -46.85 -12.54
C TRP B 316 -21.24 -46.67 -13.89
N TYR B 317 -21.40 -45.43 -14.33
CA TYR B 317 -22.22 -45.17 -15.52
C TYR B 317 -21.48 -45.17 -16.87
N ARG B 318 -20.17 -44.83 -16.92
CA ARG B 318 -19.56 -44.55 -18.23
C ARG B 318 -18.78 -45.74 -18.80
N PRO B 319 -18.81 -45.90 -20.13
CA PRO B 319 -17.89 -46.85 -20.79
C PRO B 319 -16.42 -46.60 -20.45
N VAL B 320 -15.64 -47.68 -20.47
CA VAL B 320 -14.19 -47.58 -20.26
C VAL B 320 -13.51 -46.78 -21.37
N ALA B 321 -14.02 -46.86 -22.59
CA ALA B 321 -13.44 -46.15 -23.73
C ALA B 321 -13.55 -44.63 -23.62
N GLU B 322 -14.31 -44.10 -22.65
CA GLU B 322 -14.35 -42.67 -22.42
C GLU B 322 -13.22 -42.16 -21.52
N PHE B 323 -12.45 -43.05 -20.90
CA PHE B 323 -11.30 -42.69 -20.10
C PHE B 323 -10.01 -42.70 -20.93
N ALA B 324 -9.03 -41.94 -20.46
CA ALA B 324 -7.72 -41.91 -21.09
C ALA B 324 -6.96 -43.23 -20.91
N GLN B 325 -6.17 -43.56 -21.93
CA GLN B 325 -5.54 -44.87 -22.03
C GLN B 325 -4.77 -45.27 -20.78
N SER B 326 -4.02 -44.34 -20.20
CA SER B 326 -3.20 -44.62 -19.04
C SER B 326 -3.98 -45.02 -17.80
N ILE B 327 -5.24 -44.62 -17.70
CA ILE B 327 -6.05 -44.88 -16.51
C ILE B 327 -7.08 -45.99 -16.71
N GLN B 328 -7.33 -46.41 -17.95
CA GLN B 328 -8.30 -47.48 -18.22
C GLN B 328 -7.99 -48.77 -17.48
N SER B 329 -6.71 -49.11 -17.31
CA SER B 329 -6.35 -50.31 -16.52
C SER B 329 -6.74 -50.21 -15.05
N ARG B 330 -6.69 -49.02 -14.45
CA ARG B 330 -7.18 -48.86 -13.07
C ARG B 330 -8.70 -48.82 -13.01
N ILE B 331 -9.32 -48.23 -14.02
CA ILE B 331 -10.77 -48.14 -14.08
C ILE B 331 -11.41 -49.51 -14.19
N VAL B 332 -10.84 -50.43 -14.98
CA VAL B 332 -11.41 -51.77 -15.06
C VAL B 332 -11.29 -52.52 -13.73
N GLU B 333 -10.18 -52.37 -13.02
CA GLU B 333 -10.11 -52.96 -11.68
C GLU B 333 -11.20 -52.41 -10.77
N TRP B 334 -11.45 -51.11 -10.83
CA TRP B 334 -12.48 -50.50 -10.00
C TRP B 334 -13.90 -50.89 -10.42
N LYS B 335 -14.14 -51.05 -11.72
CA LYS B 335 -15.44 -51.57 -12.16
C LYS B 335 -15.70 -52.97 -11.63
N GLU B 336 -14.70 -53.85 -11.69
CA GLU B 336 -14.83 -55.19 -11.14
C GLU B 336 -15.09 -55.17 -9.63
N ARG B 337 -14.36 -54.33 -8.91
CA ARG B 337 -14.55 -54.18 -7.47
C ARG B 337 -15.96 -53.70 -7.14
N LEU B 338 -16.48 -52.74 -7.90
CA LEU B 338 -17.84 -52.28 -7.68
C LEU B 338 -18.89 -53.32 -8.05
N ASP B 339 -18.70 -54.03 -9.16
CA ASP B 339 -19.66 -55.07 -9.53
C ASP B 339 -19.64 -56.23 -8.57
N LYS B 340 -18.48 -56.54 -7.99
CA LYS B 340 -18.41 -57.48 -6.88
C LYS B 340 -19.22 -57.01 -5.67
N GLU B 341 -19.04 -55.75 -5.28
CA GLU B 341 -19.71 -55.24 -4.10
C GLU B 341 -21.20 -55.02 -4.33
N PHE B 342 -21.56 -54.27 -5.37
CA PHE B 342 -22.94 -53.90 -5.61
C PHE B 342 -23.52 -54.66 -6.78
N SER B 343 -24.57 -55.42 -6.51
CA SER B 343 -25.50 -55.75 -7.55
C SER B 343 -26.21 -54.49 -8.04
N LEU B 344 -26.68 -54.53 -9.28
CA LEU B 344 -27.58 -53.48 -9.74
C LEU B 344 -28.81 -53.39 -8.86
N SER B 345 -29.27 -54.52 -8.33
CA SER B 345 -30.48 -54.51 -7.50
C SER B 345 -30.30 -53.69 -6.23
N VAL B 346 -29.14 -53.76 -5.60
CA VAL B 346 -28.87 -52.93 -4.42
C VAL B 346 -28.90 -51.46 -4.78
N TYR B 347 -28.29 -51.10 -5.90
CA TYR B 347 -28.27 -49.71 -6.33
C TYR B 347 -29.66 -49.21 -6.71
N GLN B 348 -30.44 -50.01 -7.42
CA GLN B 348 -31.80 -49.61 -7.77
C GLN B 348 -32.71 -49.55 -6.54
N LYS B 349 -32.45 -50.37 -5.53
CA LYS B 349 -33.10 -50.19 -4.23
C LYS B 349 -32.77 -48.83 -3.63
N MET B 350 -31.49 -48.44 -3.63
CA MET B 350 -31.11 -47.12 -3.13
C MET B 350 -31.78 -46.00 -3.91
N LYS B 351 -31.75 -46.06 -5.24
CA LYS B 351 -32.33 -44.98 -6.03
C LYS B 351 -33.84 -44.88 -5.83
N PHE B 352 -34.52 -46.02 -5.73
CA PHE B 352 -35.93 -46.01 -5.36
C PHE B 352 -36.17 -45.45 -3.95
N ASN B 353 -35.32 -45.81 -2.98
CA ASN B 353 -35.41 -45.20 -1.66
C ASN B 353 -35.26 -43.68 -1.71
N VAL B 354 -34.33 -43.16 -2.51
CA VAL B 354 -34.20 -41.71 -2.66
C VAL B 354 -35.46 -41.10 -3.24
N ALA B 355 -35.99 -41.69 -4.31
CA ALA B 355 -37.18 -41.14 -4.93
C ALA B 355 -38.40 -41.17 -4.01
N MET B 356 -38.50 -42.19 -3.16
CA MET B 356 -39.56 -42.24 -2.15
C MET B 356 -39.36 -41.26 -1.01
N GLY B 357 -38.18 -40.64 -0.89
CA GLY B 357 -37.89 -39.76 0.23
C GLY B 357 -37.62 -40.50 1.52
N ILE B 358 -37.26 -41.77 1.43
CA ILE B 358 -36.92 -42.59 2.57
C ILE B 358 -35.41 -42.47 2.83
N GLY B 359 -34.97 -42.91 4.00
CA GLY B 359 -33.54 -43.06 4.20
C GLY B 359 -32.91 -43.99 3.19
N VAL B 360 -31.89 -43.48 2.48
CA VAL B 360 -31.35 -44.17 1.31
C VAL B 360 -30.90 -45.60 1.58
N LEU B 361 -30.39 -45.90 2.77
CA LEU B 361 -29.98 -47.26 3.10
C LEU B 361 -31.08 -48.14 3.68
N ASP B 362 -32.30 -47.62 3.84
CA ASP B 362 -33.32 -48.36 4.56
C ASP B 362 -33.67 -49.67 3.85
N LYS C 1 30.93 -19.62 23.78
CA LYS C 1 30.07 -20.74 23.46
C LYS C 1 28.86 -20.27 22.66
N GLN C 2 28.29 -21.18 21.87
CA GLN C 2 27.17 -20.86 20.99
C GLN C 2 25.81 -20.98 21.67
N VAL C 3 24.90 -20.12 21.26
CA VAL C 3 23.50 -20.19 21.68
C VAL C 3 22.79 -21.31 20.94
N SER C 4 22.00 -22.09 21.66
CA SER C 4 21.18 -23.15 21.07
C SER C 4 19.84 -22.57 20.60
N TRP C 5 19.66 -22.52 19.28
CA TRP C 5 18.38 -22.10 18.73
C TRP C 5 17.29 -23.13 19.01
N LYS C 6 17.69 -24.39 19.16
CA LYS C 6 16.79 -25.48 19.52
C LYS C 6 16.12 -25.26 20.87
N LEU C 7 16.88 -24.86 21.89
CA LEU C 7 16.31 -24.60 23.20
C LEU C 7 15.33 -23.43 23.19
N VAL C 8 15.57 -22.39 22.39
CA VAL C 8 14.59 -21.31 22.28
C VAL C 8 13.31 -21.82 21.62
N THR C 9 13.44 -22.62 20.57
CA THR C 9 12.27 -23.21 19.93
C THR C 9 11.50 -24.09 20.89
N GLU C 10 12.21 -24.87 21.68
CA GLU C 10 11.57 -25.70 22.71
C GLU C 10 10.81 -24.86 23.73
N TYR C 11 11.39 -23.76 24.21
CA TYR C 11 10.66 -22.87 25.12
C TYR C 11 9.43 -22.26 24.46
N ALA C 12 9.54 -21.86 23.20
CA ALA C 12 8.40 -21.29 22.49
C ALA C 12 7.29 -22.30 22.29
N MET C 13 7.66 -23.54 21.96
CA MET C 13 6.70 -24.62 21.80
C MET C 13 5.98 -24.95 23.10
N GLU C 14 6.72 -25.03 24.21
CA GLU C 14 6.10 -25.32 25.50
C GLU C 14 5.27 -24.15 26.02
N THR C 15 5.65 -22.91 25.70
CA THR C 15 4.85 -21.75 26.10
C THR C 15 3.77 -21.40 25.10
N LYS C 16 3.89 -21.89 23.86
CA LYS C 16 3.02 -21.57 22.72
C LYS C 16 2.97 -20.09 22.37
N CYS C 17 4.15 -19.46 22.30
CA CYS C 17 4.30 -18.10 21.83
C CYS C 17 4.24 -18.02 20.32
N ASP C 18 3.22 -17.35 19.78
CA ASP C 18 3.23 -16.94 18.39
C ASP C 18 3.52 -15.45 18.21
N ASP C 19 4.17 -14.83 19.20
CA ASP C 19 4.56 -13.43 19.17
C ASP C 19 6.07 -13.33 19.39
N VAL C 20 6.77 -12.70 18.45
CA VAL C 20 8.22 -12.63 18.47
C VAL C 20 8.71 -11.77 19.62
N LEU C 21 8.02 -10.67 19.91
CA LEU C 21 8.43 -9.80 21.01
C LEU C 21 8.10 -10.40 22.37
N LEU C 22 6.98 -11.10 22.48
CA LEU C 22 6.70 -11.82 23.72
C LEU C 22 7.74 -12.90 23.99
N LEU C 23 8.15 -13.63 22.96
CA LEU C 23 9.19 -14.63 23.16
C LEU C 23 10.52 -13.98 23.54
N LEU C 24 10.90 -12.91 22.85
CA LEU C 24 12.15 -12.22 23.15
C LEU C 24 12.16 -11.67 24.57
N GLY C 25 11.09 -11.00 24.97
CA GLY C 25 11.01 -10.48 26.32
C GLY C 25 11.05 -11.57 27.37
N MET C 26 10.22 -12.60 27.20
CA MET C 26 10.23 -13.72 28.14
C MET C 26 11.63 -14.34 28.26
N TYR C 27 12.27 -14.64 27.14
CA TYR C 27 13.55 -15.35 27.20
C TYR C 27 14.67 -14.50 27.77
N LEU C 28 14.66 -13.19 27.49
CA LEU C 28 15.66 -12.31 28.10
C LEU C 28 15.51 -12.21 29.61
N GLU C 29 14.32 -12.45 30.17
CA GLU C 29 14.20 -12.47 31.62
C GLU C 29 14.96 -13.63 32.27
N PHE C 30 15.28 -14.68 31.53
CA PHE C 30 16.07 -15.78 32.06
C PHE C 30 17.56 -15.50 32.14
N GLN C 31 18.04 -14.37 31.62
CA GLN C 31 19.47 -14.09 31.66
C GLN C 31 20.00 -13.81 33.07
N TYR C 32 19.15 -13.40 34.00
CA TYR C 32 19.59 -13.13 35.36
C TYR C 32 19.70 -14.41 36.19
N SER C 33 20.39 -14.30 37.32
CA SER C 33 20.67 -15.45 38.18
C SER C 33 19.39 -16.15 38.64
N PHE C 34 19.40 -17.49 38.55
CA PHE C 34 18.27 -18.27 39.03
C PHE C 34 18.11 -18.20 40.55
N GLU C 35 19.21 -18.36 41.29
CA GLU C 35 19.12 -18.47 42.75
C GLU C 35 18.54 -17.22 43.40
N MET C 36 18.87 -16.05 42.87
CA MET C 36 18.39 -14.78 43.40
C MET C 36 17.04 -14.36 42.85
N CYS C 37 16.52 -15.03 41.82
CA CYS C 37 15.42 -14.49 41.05
C CYS C 37 14.17 -14.28 41.88
N LEU C 38 13.79 -13.00 42.04
CA LEU C 38 12.59 -12.66 42.80
C LEU C 38 11.31 -13.18 42.16
N LYS C 39 11.24 -13.23 40.83
CA LYS C 39 10.05 -13.77 40.15
C LYS C 39 9.89 -15.27 40.36
N CYS C 40 10.98 -16.01 40.39
CA CYS C 40 10.91 -17.42 40.73
C CYS C 40 10.52 -17.62 42.19
N ILE C 41 11.05 -16.79 43.08
CA ILE C 41 10.73 -16.94 44.50
C ILE C 41 9.27 -16.61 44.78
N LYS C 42 8.75 -15.53 44.19
CA LYS C 42 7.34 -15.18 44.36
C LYS C 42 6.40 -16.13 43.61
N LYS C 43 6.90 -16.83 42.59
CA LYS C 43 6.08 -17.67 41.71
C LYS C 43 4.86 -16.95 41.16
N GLU C 44 5.13 -15.84 40.48
CA GLU C 44 4.07 -15.05 39.88
C GLU C 44 3.48 -15.74 38.65
N GLN C 45 4.33 -15.97 37.64
CA GLN C 45 3.89 -16.41 36.32
C GLN C 45 4.49 -17.78 35.98
N PRO C 46 3.67 -18.79 35.65
CA PRO C 46 4.22 -20.13 35.41
C PRO C 46 5.21 -20.18 34.27
N SER C 47 4.96 -19.40 33.23
CA SER C 47 5.86 -19.31 32.08
C SER C 47 7.27 -18.87 32.46
N HIS C 48 7.46 -18.32 33.66
CA HIS C 48 8.79 -18.00 34.15
C HIS C 48 9.32 -19.01 35.16
N TYR C 49 8.57 -19.29 36.21
CA TYR C 49 9.13 -20.10 37.29
C TYR C 49 9.34 -21.57 36.90
N LYS C 50 8.59 -22.08 35.93
CA LYS C 50 8.87 -23.44 35.46
C LYS C 50 10.18 -23.55 34.69
N TYR C 51 10.56 -22.50 33.97
CA TYR C 51 11.52 -22.61 32.88
C TYR C 51 12.86 -21.94 33.12
N HIS C 52 12.96 -21.02 34.09
CA HIS C 52 14.19 -20.25 34.27
C HIS C 52 15.39 -21.14 34.60
N GLU C 53 15.24 -22.10 35.50
CA GLU C 53 16.38 -22.93 35.87
C GLU C 53 16.95 -23.70 34.68
N LYS C 54 16.07 -24.24 33.85
CA LYS C 54 16.48 -24.98 32.67
C LYS C 54 17.15 -24.10 31.61
N HIS C 55 16.64 -22.89 31.39
CA HIS C 55 17.12 -22.05 30.29
C HIS C 55 18.20 -21.04 30.68
N TYR C 56 18.55 -20.92 31.96
CA TYR C 56 19.48 -19.89 32.41
C TYR C 56 20.77 -19.83 31.58
N ALA C 57 21.40 -20.97 31.35
CA ALA C 57 22.67 -20.99 30.61
C ALA C 57 22.51 -20.44 29.20
N ASN C 58 21.47 -20.88 28.50
CA ASN C 58 21.23 -20.45 27.13
C ASN C 58 20.82 -18.99 27.05
N ALA C 59 20.01 -18.52 28.00
CA ALA C 59 19.61 -17.11 28.02
C ALA C 59 20.78 -16.16 28.28
N ALA C 60 21.78 -16.58 29.04
CA ALA C 60 22.96 -15.74 29.22
C ALA C 60 23.74 -15.58 27.91
N ILE C 61 23.92 -16.67 27.16
CA ILE C 61 24.58 -16.59 25.86
C ILE C 61 23.72 -15.80 24.87
N PHE C 62 22.41 -16.03 24.90
CA PHE C 62 21.47 -15.32 24.04
C PHE C 62 21.50 -13.81 24.26
N ALA C 63 21.65 -13.37 25.50
CA ALA C 63 21.81 -11.94 25.77
C ALA C 63 23.05 -11.32 25.11
N ASP C 64 24.08 -12.10 24.81
CA ASP C 64 25.24 -11.62 24.07
C ASP C 64 25.09 -11.70 22.55
N SER C 65 24.02 -12.29 22.06
CA SER C 65 23.87 -12.58 20.64
C SER C 65 23.54 -11.34 19.82
N LYS C 66 24.02 -11.35 18.58
CA LYS C 66 23.76 -10.32 17.58
C LYS C 66 22.61 -10.69 16.65
N ASN C 67 21.96 -11.84 16.86
CA ASN C 67 20.94 -12.41 15.99
C ASN C 67 19.58 -12.54 16.66
N GLN C 68 19.36 -11.87 17.79
CA GLN C 68 18.29 -12.27 18.72
C GLN C 68 16.92 -12.39 18.06
N LYS C 69 16.54 -11.42 17.24
CA LYS C 69 15.22 -11.46 16.61
C LYS C 69 15.12 -12.58 15.58
N THR C 70 16.22 -12.88 14.89
CA THR C 70 16.25 -13.98 13.94
C THR C 70 16.06 -15.33 14.65
N ILE C 71 16.68 -15.51 15.80
CA ILE C 71 16.47 -16.72 16.60
C ILE C 71 15.02 -16.84 17.03
N CYS C 72 14.45 -15.76 17.55
CA CYS C 72 13.05 -15.77 17.96
C CYS C 72 12.08 -15.94 16.79
N GLN C 73 12.41 -15.38 15.62
CA GLN C 73 11.56 -15.60 14.46
C GLN C 73 11.46 -17.08 14.09
N GLN C 74 12.60 -17.80 14.11
CA GLN C 74 12.55 -19.22 13.81
C GLN C 74 11.73 -19.99 14.83
N ALA C 75 11.91 -19.66 16.11
CA ALA C 75 11.10 -20.26 17.16
C ALA C 75 9.61 -19.99 16.98
N VAL C 76 9.24 -18.75 16.69
CA VAL C 76 7.84 -18.41 16.46
C VAL C 76 7.29 -19.08 15.20
N ASP C 77 8.08 -19.14 14.14
CA ASP C 77 7.63 -19.86 12.93
C ASP C 77 7.43 -21.35 13.20
N THR C 78 8.23 -21.95 14.08
CA THR C 78 8.01 -23.34 14.44
C THR C 78 6.69 -23.55 15.18
N VAL C 79 6.34 -22.64 16.09
CA VAL C 79 5.05 -22.72 16.77
C VAL C 79 3.90 -22.53 15.79
N LEU C 80 4.01 -21.58 14.87
CA LEU C 80 2.99 -21.41 13.85
C LEU C 80 2.88 -22.61 12.92
N ALA C 81 4.02 -23.17 12.51
CA ALA C 81 4.01 -24.37 11.68
C ALA C 81 3.32 -25.55 12.34
N LYS C 82 3.58 -25.80 13.62
CA LYS C 82 2.86 -26.85 14.32
C LYS C 82 1.35 -26.61 14.30
N LYS C 83 0.94 -25.37 14.58
CA LYS C 83 -0.47 -25.00 14.55
C LYS C 83 -1.12 -25.27 13.19
N ARG C 84 -0.42 -24.99 12.09
CA ARG C 84 -0.96 -25.27 10.76
C ARG C 84 -1.01 -26.76 10.43
N VAL C 85 0.01 -27.52 10.82
CA VAL C 85 -0.06 -28.97 10.69
C VAL C 85 -1.23 -29.54 11.48
N ASP C 86 -1.38 -29.10 12.73
CA ASP C 86 -2.48 -29.60 13.56
C ASP C 86 -3.84 -29.20 13.00
N SER C 87 -3.94 -28.03 12.38
CA SER C 87 -5.18 -27.64 11.73
C SER C 87 -5.54 -28.57 10.59
N LEU C 88 -4.57 -28.90 9.74
CA LEU C 88 -4.82 -29.74 8.58
C LEU C 88 -4.88 -31.23 8.91
N GLN C 89 -4.26 -31.67 10.00
CA GLN C 89 -4.15 -33.10 10.26
C GLN C 89 -4.95 -33.63 11.46
N LEU C 90 -5.35 -32.79 12.41
CA LEU C 90 -6.22 -33.29 13.48
C LEU C 90 -7.68 -33.33 13.06
N THR C 91 -8.43 -34.26 13.65
CA THR C 91 -9.87 -34.16 13.62
C THR C 91 -10.33 -33.03 14.52
N ARG C 92 -11.47 -32.43 14.16
CA ARG C 92 -12.04 -31.37 14.99
C ARG C 92 -12.37 -31.83 16.39
N GLU C 93 -12.63 -33.11 16.58
CA GLU C 93 -12.86 -33.63 17.92
C GLU C 93 -11.58 -33.67 18.75
N GLN C 94 -10.46 -34.01 18.13
CA GLN C 94 -9.18 -33.89 18.83
C GLN C 94 -8.85 -32.44 19.15
N MET C 95 -9.08 -31.52 18.22
CA MET C 95 -8.86 -30.10 18.49
C MET C 95 -9.64 -29.63 19.72
N LEU C 96 -10.90 -30.04 19.83
CA LEU C 96 -11.70 -29.68 21.00
C LEU C 96 -11.18 -30.35 22.27
N THR C 97 -10.78 -31.61 22.15
CA THR C 97 -10.19 -32.34 23.27
C THR C 97 -8.92 -31.65 23.76
N ASN C 98 -8.06 -31.22 22.84
CA ASN C 98 -6.86 -30.46 23.20
C ASN C 98 -7.22 -29.17 23.93
N ARG C 99 -8.19 -28.42 23.39
CA ARG C 99 -8.61 -27.18 24.04
C ARG C 99 -9.14 -27.42 25.45
N PHE C 100 -9.94 -28.47 25.62
CA PHE C 100 -10.43 -28.80 26.96
C PHE C 100 -9.29 -29.14 27.91
N ASN C 101 -8.31 -29.91 27.45
CA ASN C 101 -7.14 -30.21 28.28
C ASN C 101 -6.39 -28.94 28.69
N ASP C 102 -6.22 -27.98 27.77
CA ASP C 102 -5.61 -26.69 28.14
C ASP C 102 -6.44 -25.92 29.16
N LEU C 103 -7.76 -25.90 29.02
CA LEU C 103 -8.60 -25.24 30.02
C LEU C 103 -8.59 -25.97 31.35
N LEU C 104 -8.52 -27.29 31.34
CA LEU C 104 -8.36 -28.04 32.59
C LEU C 104 -7.02 -27.77 33.26
N ASP C 105 -5.94 -27.59 32.50
CA ASP C 105 -4.69 -27.14 33.11
C ASP C 105 -4.83 -25.79 33.80
N ARG C 106 -5.55 -24.84 33.18
CA ARG C 106 -5.84 -23.58 33.85
C ARG C 106 -6.66 -23.78 35.12
N MET C 107 -7.69 -24.63 35.04
CA MET C 107 -8.51 -24.90 36.23
C MET C 107 -7.69 -25.53 37.36
N ASP C 108 -6.74 -26.40 37.03
CA ASP C 108 -5.87 -26.95 38.07
C ASP C 108 -5.05 -25.86 38.76
N ILE C 109 -4.56 -24.89 37.99
CA ILE C 109 -3.83 -23.76 38.57
C ILE C 109 -4.77 -22.78 39.29
N MET C 110 -5.95 -22.52 38.71
CA MET C 110 -6.89 -21.57 39.32
C MET C 110 -7.45 -22.04 40.64
N PHE C 111 -7.90 -23.29 40.71
CA PHE C 111 -8.53 -23.82 41.91
C PHE C 111 -7.60 -24.70 42.73
N GLY C 112 -6.32 -24.77 42.38
CA GLY C 112 -5.32 -25.27 43.30
C GLY C 112 -4.97 -24.24 44.36
N SER C 113 -4.32 -24.72 45.42
CA SER C 113 -4.07 -23.86 46.58
C SER C 113 -3.13 -22.70 46.28
N THR C 114 -2.39 -22.75 45.18
CA THR C 114 -1.64 -21.58 44.73
C THR C 114 -2.54 -20.53 44.08
N GLY C 115 -3.69 -20.94 43.56
CA GLY C 115 -4.52 -20.07 42.76
C GLY C 115 -5.39 -19.11 43.56
N SER C 116 -5.81 -18.05 42.87
CA SER C 116 -6.63 -16.99 43.43
C SER C 116 -8.13 -17.31 43.47
N ALA C 117 -8.60 -18.24 42.65
CA ALA C 117 -10.02 -18.50 42.54
C ALA C 117 -10.50 -19.44 43.63
N ASP C 118 -11.82 -19.47 43.82
CA ASP C 118 -12.45 -20.51 44.62
C ASP C 118 -13.77 -20.91 43.98
N ILE C 119 -14.09 -22.20 44.13
CA ILE C 119 -15.08 -22.84 43.27
C ILE C 119 -16.48 -22.32 43.54
N GLU C 120 -16.76 -21.87 44.76
CA GLU C 120 -18.11 -21.44 45.10
C GLU C 120 -18.56 -20.27 44.23
N GLU C 121 -17.69 -19.30 44.01
CA GLU C 121 -18.02 -18.17 43.16
C GLU C 121 -18.21 -18.59 41.71
N TRP C 122 -17.38 -19.50 41.22
CA TRP C 122 -17.51 -19.97 39.84
C TRP C 122 -18.71 -20.89 39.66
N MET C 123 -19.05 -21.68 40.68
CA MET C 123 -20.27 -22.49 40.62
C MET C 123 -21.53 -21.64 40.68
N ALA C 124 -21.48 -20.50 41.36
CA ALA C 124 -22.56 -19.52 41.23
C ALA C 124 -22.68 -18.99 39.81
N GLY C 125 -21.57 -18.82 39.11
CA GLY C 125 -21.64 -18.54 37.68
C GLY C 125 -22.37 -19.59 36.89
N VAL C 126 -22.10 -20.86 37.16
CA VAL C 126 -22.81 -21.95 36.49
C VAL C 126 -24.31 -21.87 36.75
N ALA C 127 -24.71 -21.58 37.99
CA ALA C 127 -26.13 -21.43 38.31
C ALA C 127 -26.76 -20.25 37.57
N TRP C 128 -26.06 -19.11 37.52
CA TRP C 128 -26.58 -17.96 36.79
C TRP C 128 -26.70 -18.24 35.29
N LEU C 129 -25.70 -18.89 34.71
CA LEU C 129 -25.76 -19.24 33.30
C LEU C 129 -26.87 -20.23 32.99
N HIS C 130 -27.11 -21.21 33.85
CA HIS C 130 -28.18 -22.16 33.61
C HIS C 130 -29.56 -21.50 33.58
N CYS C 131 -29.73 -20.37 34.28
CA CYS C 131 -31.01 -19.66 34.26
C CYS C 131 -31.24 -18.85 33.00
N LEU C 132 -30.20 -18.56 32.21
CA LEU C 132 -30.34 -17.62 31.11
C LEU C 132 -31.17 -18.18 29.96
N LEU C 133 -30.89 -19.41 29.55
CA LEU C 133 -31.68 -20.09 28.53
C LEU C 133 -32.20 -21.41 29.07
N PRO C 134 -33.40 -21.83 28.67
CA PRO C 134 -33.88 -23.15 29.08
C PRO C 134 -32.99 -24.28 28.56
N LYS C 135 -32.75 -25.26 29.42
CA LYS C 135 -31.92 -26.44 29.11
C LYS C 135 -30.55 -26.04 28.56
N MET C 136 -29.91 -25.12 29.27
CA MET C 136 -28.66 -24.53 28.81
C MET C 136 -27.56 -25.57 28.61
N ASP C 137 -27.53 -26.64 29.39
CA ASP C 137 -26.49 -27.64 29.20
C ASP C 137 -26.67 -28.42 27.90
N SER C 138 -27.91 -28.74 27.54
CA SER C 138 -28.16 -29.33 26.23
C SER C 138 -27.85 -28.35 25.11
N VAL C 139 -28.17 -27.07 25.30
CA VAL C 139 -27.82 -26.06 24.31
C VAL C 139 -26.31 -26.04 24.07
N VAL C 140 -25.53 -25.99 25.15
CA VAL C 140 -24.07 -25.95 25.02
C VAL C 140 -23.55 -27.24 24.40
N TYR C 141 -24.10 -28.39 24.81
CA TYR C 141 -23.67 -29.65 24.22
C TYR C 141 -24.04 -29.75 22.75
N ASP C 142 -25.23 -29.32 22.38
CA ASP C 142 -25.62 -29.26 20.97
C ASP C 142 -24.71 -28.33 20.17
N PHE C 143 -24.34 -27.20 20.75
CA PHE C 143 -23.40 -26.30 20.07
C PHE C 143 -22.06 -26.96 19.82
N LEU C 144 -21.52 -27.65 20.82
CA LEU C 144 -20.27 -28.36 20.63
C LEU C 144 -20.37 -29.40 19.51
N LYS C 145 -21.45 -30.18 19.51
CA LYS C 145 -21.64 -31.12 18.41
C LYS C 145 -21.67 -30.44 17.06
N CYS C 146 -22.42 -29.34 16.95
CA CYS C 146 -22.50 -28.60 15.69
C CYS C 146 -21.13 -28.11 15.23
N MET C 147 -20.33 -27.57 16.15
CA MET C 147 -19.00 -27.09 15.78
C MET C 147 -18.02 -28.21 15.46
N VAL C 148 -18.14 -29.36 16.12
CA VAL C 148 -17.28 -30.50 15.80
C VAL C 148 -17.67 -31.13 14.46
N TYR C 149 -18.97 -31.37 14.24
CA TYR C 149 -19.40 -32.06 13.02
C TYR C 149 -19.21 -31.19 11.79
N ASN C 150 -19.38 -29.88 11.91
CA ASN C 150 -19.07 -28.93 10.85
C ASN C 150 -19.74 -29.35 9.54
N ILE C 151 -21.05 -29.55 9.61
CA ILE C 151 -21.85 -29.99 8.47
C ILE C 151 -22.05 -28.82 7.53
N PRO C 152 -21.80 -28.96 6.22
CA PRO C 152 -21.90 -27.80 5.33
C PRO C 152 -23.29 -27.18 5.33
N LYS C 153 -23.31 -25.84 5.43
CA LYS C 153 -24.53 -25.03 5.53
C LYS C 153 -25.36 -25.22 6.81
N LYS C 154 -25.11 -26.26 7.59
CA LYS C 154 -25.82 -26.50 8.84
C LYS C 154 -24.93 -26.22 10.05
N ARG C 155 -24.13 -25.14 9.99
CA ARG C 155 -23.02 -24.93 10.91
C ARG C 155 -22.90 -23.53 11.51
N TYR C 156 -23.82 -22.62 11.24
CA TYR C 156 -23.87 -21.33 11.94
C TYR C 156 -25.15 -21.20 12.74
N TRP C 157 -25.03 -20.61 13.93
CA TRP C 157 -26.14 -20.30 14.83
C TRP C 157 -26.31 -18.79 14.99
N LEU C 158 -27.57 -18.38 15.14
CA LEU C 158 -27.95 -16.98 15.27
C LEU C 158 -28.44 -16.70 16.69
N PHE C 159 -27.79 -15.75 17.37
CA PHE C 159 -28.24 -15.26 18.67
C PHE C 159 -28.97 -13.93 18.49
N LYS C 160 -30.28 -13.92 18.73
CA LYS C 160 -31.13 -12.78 18.40
C LYS C 160 -31.80 -12.25 19.66
N GLY C 161 -31.90 -10.93 19.80
CA GLY C 161 -32.75 -10.37 20.83
C GLY C 161 -32.46 -8.95 21.26
N PRO C 162 -33.31 -8.42 22.16
CA PRO C 162 -33.12 -7.05 22.67
C PRO C 162 -31.76 -6.72 23.24
N ILE C 163 -31.57 -5.42 23.48
CA ILE C 163 -30.39 -4.91 24.18
C ILE C 163 -30.30 -5.49 25.59
N ASP C 164 -29.08 -5.88 25.99
CA ASP C 164 -28.78 -6.51 27.28
C ASP C 164 -29.65 -7.74 27.55
N SER C 165 -29.54 -8.72 26.66
CA SER C 165 -30.25 -9.98 26.77
C SER C 165 -29.32 -11.17 27.00
N GLY C 166 -28.02 -10.96 27.02
CA GLY C 166 -27.07 -12.04 27.26
C GLY C 166 -26.41 -12.59 26.03
N LYS C 167 -26.58 -11.95 24.87
CA LYS C 167 -26.07 -12.49 23.62
C LYS C 167 -24.55 -12.52 23.62
N THR C 168 -23.93 -11.36 23.81
CA THR C 168 -22.47 -11.26 23.83
C THR C 168 -21.88 -12.08 24.97
N THR C 169 -22.58 -12.15 26.10
CA THR C 169 -22.12 -12.93 27.24
C THR C 169 -21.92 -14.40 26.89
N LEU C 170 -22.95 -15.04 26.35
CA LEU C 170 -22.85 -16.46 26.04
C LEU C 170 -21.92 -16.72 24.87
N ALA C 171 -21.94 -15.84 23.87
CA ALA C 171 -21.01 -15.98 22.76
C ALA C 171 -19.55 -15.90 23.21
N ALA C 172 -19.25 -14.98 24.11
CA ALA C 172 -17.89 -14.88 24.64
C ALA C 172 -17.48 -16.14 25.41
N ALA C 173 -18.39 -16.69 26.21
CA ALA C 173 -18.09 -17.91 26.96
C ALA C 173 -17.89 -19.10 26.05
N LEU C 174 -18.71 -19.23 25.01
CA LEU C 174 -18.50 -20.28 24.02
C LEU C 174 -17.23 -20.07 23.23
N LEU C 175 -16.90 -18.82 22.91
CA LEU C 175 -15.65 -18.53 22.23
C LEU C 175 -14.43 -18.91 23.05
N GLU C 176 -14.44 -18.63 24.35
CA GLU C 176 -13.31 -19.07 25.18
C GLU C 176 -13.29 -20.59 25.34
N LEU C 177 -14.45 -21.21 25.47
CA LEU C 177 -14.49 -22.67 25.55
C LEU C 177 -13.90 -23.32 24.30
N CYS C 178 -14.39 -22.94 23.13
CA CYS C 178 -13.96 -23.57 21.89
C CYS C 178 -12.69 -22.96 21.32
N GLY C 179 -12.29 -21.78 21.79
CA GLY C 179 -11.32 -20.98 21.07
C GLY C 179 -11.91 -20.38 19.83
N GLY C 180 -11.10 -19.58 19.15
CA GLY C 180 -11.55 -18.78 18.03
C GLY C 180 -11.67 -17.32 18.41
N LYS C 181 -12.13 -16.53 17.44
CA LYS C 181 -12.04 -15.08 17.54
C LYS C 181 -13.35 -14.42 17.10
N ALA C 182 -13.53 -13.19 17.56
CA ALA C 182 -14.66 -12.34 17.20
C ALA C 182 -14.29 -11.40 16.06
N LEU C 183 -15.20 -11.26 15.09
CA LEU C 183 -15.01 -10.40 13.93
C LEU C 183 -16.09 -9.32 13.88
N ASN C 184 -15.68 -8.08 13.56
CA ASN C 184 -16.58 -6.94 13.37
C ASN C 184 -16.83 -6.67 11.89
N VAL C 185 -17.94 -7.17 11.36
CA VAL C 185 -18.29 -6.98 9.95
C VAL C 185 -19.09 -5.71 9.67
N ASN C 186 -19.28 -4.85 10.66
CA ASN C 186 -19.96 -3.57 10.42
C ASN C 186 -19.11 -2.55 9.68
N LEU C 187 -17.81 -2.78 9.55
CA LEU C 187 -16.90 -1.94 8.79
C LEU C 187 -17.29 -1.82 7.32
N PRO C 188 -16.74 -0.85 6.59
CA PRO C 188 -16.98 -0.80 5.14
C PRO C 188 -16.39 -2.01 4.42
N LEU C 189 -16.99 -2.28 3.25
CA LEU C 189 -16.79 -3.54 2.56
C LEU C 189 -15.35 -3.75 2.07
N ASP C 190 -14.61 -2.67 1.79
CA ASP C 190 -13.25 -2.83 1.31
C ASP C 190 -12.24 -3.15 2.41
N ARG C 191 -12.45 -2.65 3.63
CA ARG C 191 -11.61 -3.03 4.77
C ARG C 191 -11.86 -4.47 5.23
N LEU C 192 -13.05 -4.99 4.95
CA LEU C 192 -13.50 -6.27 5.48
C LEU C 192 -12.53 -7.42 5.22
N ASN C 193 -11.80 -7.38 4.10
CA ASN C 193 -10.84 -8.43 3.75
C ASN C 193 -9.89 -8.79 4.90
N PHE C 194 -9.30 -7.79 5.54
CA PHE C 194 -8.33 -8.03 6.60
C PHE C 194 -8.97 -8.46 7.91
N GLU C 195 -10.17 -7.99 8.21
CA GLU C 195 -10.91 -8.51 9.35
C GLU C 195 -11.17 -10.01 9.21
N LEU C 196 -11.65 -10.43 8.04
CA LEU C 196 -11.90 -11.85 7.81
C LEU C 196 -10.63 -12.69 7.86
N GLY C 197 -9.47 -12.10 7.54
CA GLY C 197 -8.17 -12.76 7.70
C GLY C 197 -7.79 -13.12 9.12
N VAL C 198 -8.47 -12.57 10.12
CA VAL C 198 -8.27 -12.99 11.50
C VAL C 198 -8.71 -14.43 11.72
N ALA C 199 -9.64 -14.93 10.91
CA ALA C 199 -10.14 -16.30 11.01
C ALA C 199 -9.15 -17.38 10.55
N ILE C 200 -8.00 -17.03 9.98
CA ILE C 200 -7.06 -18.03 9.47
C ILE C 200 -6.67 -19.01 10.57
N ASP C 201 -6.92 -20.29 10.33
CA ASP C 201 -6.65 -21.45 11.18
C ASP C 201 -7.39 -21.43 12.53
N GLN C 202 -8.40 -20.61 12.70
CA GLN C 202 -9.20 -20.60 13.93
C GLN C 202 -10.26 -21.70 13.92
N PHE C 203 -10.68 -22.10 15.13
CA PHE C 203 -11.71 -23.13 15.29
C PHE C 203 -13.13 -22.57 15.15
N LEU C 204 -13.41 -21.41 15.74
CA LEU C 204 -14.69 -20.72 15.59
C LEU C 204 -14.45 -19.29 15.15
N VAL C 205 -15.51 -18.65 14.67
CA VAL C 205 -15.61 -17.20 14.75
C VAL C 205 -16.99 -16.80 15.27
N VAL C 206 -17.03 -15.64 15.91
CA VAL C 206 -18.27 -14.98 16.32
C VAL C 206 -18.35 -13.67 15.57
N PHE C 207 -19.43 -13.48 14.82
CA PHE C 207 -19.74 -12.17 14.23
C PHE C 207 -20.52 -11.37 15.26
N GLU C 208 -19.81 -10.50 15.96
CA GLU C 208 -20.43 -9.70 16.99
C GLU C 208 -21.28 -8.60 16.39
N ASP C 209 -22.52 -8.53 16.84
CA ASP C 209 -23.33 -7.32 16.83
C ASP C 209 -23.45 -6.71 15.44
N VAL C 210 -23.94 -7.51 14.50
CA VAL C 210 -24.13 -7.02 13.13
C VAL C 210 -25.39 -6.17 13.09
N LYS C 211 -25.28 -4.98 12.52
CA LYS C 211 -26.41 -4.09 12.31
C LYS C 211 -27.08 -4.35 10.96
N GLY C 212 -28.40 -4.17 10.93
CA GLY C 212 -29.17 -4.19 9.71
C GLY C 212 -29.61 -2.81 9.27
N THR C 213 -30.56 -2.79 8.32
CA THR C 213 -31.06 -1.53 7.78
C THR C 213 -32.54 -1.31 8.02
N GLY C 214 -33.25 -2.29 8.57
CA GLY C 214 -34.58 -2.06 9.09
C GLY C 214 -34.55 -1.52 10.50
N GLY C 215 -35.73 -1.41 11.09
CA GLY C 215 -35.83 -1.30 12.53
C GLY C 215 -35.41 0.02 13.13
N GLU C 216 -35.10 1.03 12.33
CA GLU C 216 -34.97 2.37 12.90
C GLU C 216 -36.28 2.86 13.48
N SER C 217 -37.40 2.32 13.00
CA SER C 217 -38.69 2.49 13.64
C SER C 217 -38.77 1.82 15.01
N ARG C 218 -37.92 0.84 15.28
CA ARG C 218 -37.72 0.30 16.61
C ARG C 218 -36.63 1.02 17.38
N ASP C 219 -36.12 2.12 16.83
CA ASP C 219 -34.93 2.82 17.31
C ASP C 219 -33.68 1.94 17.34
N LEU C 220 -33.51 1.13 16.30
CA LEU C 220 -32.25 0.42 16.08
C LEU C 220 -31.43 1.15 15.03
N PRO C 221 -30.23 1.65 15.34
CA PRO C 221 -29.43 2.33 14.30
C PRO C 221 -29.09 1.42 13.13
N SER C 222 -29.20 1.98 11.92
CA SER C 222 -28.93 1.24 10.71
C SER C 222 -27.43 1.12 10.44
N GLY C 223 -27.05 0.07 9.72
CA GLY C 223 -25.66 -0.10 9.32
C GLY C 223 -25.53 -1.22 8.31
N GLN C 224 -24.30 -1.40 7.83
CA GLN C 224 -24.02 -2.26 6.69
C GLN C 224 -23.87 -3.74 7.03
N GLY C 225 -23.89 -4.11 8.30
CA GLY C 225 -23.52 -5.46 8.71
C GLY C 225 -24.19 -6.60 7.97
N ILE C 226 -25.52 -6.64 7.95
CA ILE C 226 -26.25 -7.74 7.31
C ILE C 226 -25.99 -7.78 5.81
N ASN C 227 -25.89 -6.62 5.17
CA ASN C 227 -25.56 -6.59 3.74
C ASN C 227 -24.15 -7.09 3.46
N ASN C 228 -23.18 -6.72 4.29
CA ASN C 228 -21.85 -7.31 4.16
C ASN C 228 -21.90 -8.82 4.35
N LEU C 229 -22.62 -9.28 5.36
CA LEU C 229 -22.64 -10.71 5.67
C LEU C 229 -23.29 -11.52 4.55
N ASP C 230 -24.27 -10.96 3.87
CA ASP C 230 -24.84 -11.59 2.69
C ASP C 230 -23.89 -11.62 1.49
N ASN C 231 -22.88 -10.74 1.42
CA ASN C 231 -21.87 -10.91 0.39
C ASN C 231 -20.96 -12.12 0.67
N LEU C 232 -20.84 -12.52 1.93
CA LEU C 232 -19.98 -13.62 2.36
C LEU C 232 -20.69 -14.98 2.40
N ARG C 233 -21.75 -15.16 1.62
CA ARG C 233 -22.55 -16.39 1.66
C ARG C 233 -21.71 -17.67 1.52
N ASP C 234 -20.71 -17.67 0.64
CA ASP C 234 -19.87 -18.86 0.48
C ASP C 234 -18.93 -19.08 1.66
N TYR C 235 -18.67 -18.05 2.46
CA TYR C 235 -17.92 -18.25 3.70
C TYR C 235 -18.75 -18.96 4.75
N LEU C 236 -20.00 -18.52 4.93
CA LEU C 236 -20.88 -19.13 5.92
C LEU C 236 -21.27 -20.56 5.54
N ASP C 237 -21.44 -20.83 4.24
CA ASP C 237 -21.71 -22.20 3.77
C ASP C 237 -20.68 -23.20 4.26
N GLY C 238 -19.41 -22.91 4.05
CA GLY C 238 -18.37 -23.88 4.32
C GLY C 238 -18.36 -25.09 3.42
N SER C 239 -19.01 -25.01 2.26
CA SER C 239 -18.87 -26.06 1.24
C SER C 239 -17.53 -25.96 0.54
N VAL C 240 -17.21 -24.78 0.02
CA VAL C 240 -15.97 -24.55 -0.71
C VAL C 240 -14.91 -23.96 0.20
N LYS C 241 -13.65 -24.04 -0.24
CA LYS C 241 -12.57 -23.30 0.40
C LYS C 241 -12.54 -21.86 -0.07
N VAL C 242 -12.52 -20.94 0.89
CA VAL C 242 -12.41 -19.51 0.64
C VAL C 242 -10.97 -19.05 0.84
N ASN C 243 -10.62 -17.94 0.20
CA ASN C 243 -9.26 -17.39 0.15
C ASN C 243 -9.15 -16.23 1.14
N LEU C 244 -8.61 -16.51 2.31
CA LEU C 244 -8.43 -15.54 3.39
C LEU C 244 -7.09 -14.82 3.29
N GLU C 245 -7.03 -13.63 3.88
CA GLU C 245 -5.98 -12.66 3.59
C GLU C 245 -5.60 -11.87 4.84
N LYS C 246 -4.32 -11.85 5.18
CA LYS C 246 -3.81 -10.90 6.17
C LYS C 246 -2.66 -10.10 5.58
N LYS C 247 -2.47 -8.89 6.11
CA LYS C 247 -1.63 -7.88 5.47
C LYS C 247 -0.23 -8.39 5.15
N HIS C 248 0.22 -8.10 3.93
CA HIS C 248 1.54 -8.42 3.39
C HIS C 248 1.83 -9.91 3.27
N LEU C 249 0.86 -10.78 3.49
CA LEU C 249 0.99 -12.20 3.18
C LEU C 249 -0.01 -12.54 2.09
N ASN C 250 0.39 -13.37 1.14
CA ASN C 250 -0.55 -13.74 0.08
C ASN C 250 -1.61 -14.72 0.62
N LYS C 251 -2.64 -14.93 -0.19
CA LYS C 251 -3.86 -15.57 0.28
C LYS C 251 -3.71 -17.04 0.68
N ARG C 252 -4.41 -17.40 1.75
CA ARG C 252 -4.52 -18.77 2.24
C ARG C 252 -5.91 -19.34 1.99
N THR C 253 -5.96 -20.54 1.43
CA THR C 253 -7.20 -21.19 1.04
C THR C 253 -7.63 -22.21 2.09
N GLN C 254 -8.79 -21.99 2.71
CA GLN C 254 -9.31 -22.93 3.71
C GLN C 254 -10.83 -22.81 3.80
N ILE C 255 -11.44 -23.79 4.46
CA ILE C 255 -12.87 -23.72 4.80
C ILE C 255 -13.05 -22.76 5.97
N PHE C 256 -13.93 -21.79 5.81
CA PHE C 256 -14.14 -20.79 6.85
C PHE C 256 -14.69 -21.44 8.13
N PRO C 257 -14.26 -20.98 9.31
CA PRO C 257 -14.76 -21.56 10.57
C PRO C 257 -16.27 -21.48 10.70
N PRO C 258 -16.88 -22.44 11.40
CA PRO C 258 -18.26 -22.27 11.89
C PRO C 258 -18.34 -21.27 13.03
N GLY C 259 -19.55 -20.89 13.45
CA GLY C 259 -19.62 -19.77 14.36
C GLY C 259 -21.02 -19.33 14.74
N ILE C 260 -21.04 -18.13 15.34
CA ILE C 260 -22.22 -17.51 15.94
C ILE C 260 -22.37 -16.10 15.37
N VAL C 261 -23.61 -15.72 15.05
CA VAL C 261 -23.96 -14.34 14.68
C VAL C 261 -24.83 -13.76 15.79
N THR C 262 -24.43 -12.62 16.34
CA THR C 262 -25.21 -11.94 17.38
C THR C 262 -25.86 -10.70 16.81
N MET C 263 -27.17 -10.55 17.05
CA MET C 263 -27.98 -9.59 16.30
C MET C 263 -29.14 -9.08 17.15
N ASN C 264 -29.40 -7.77 17.08
CA ASN C 264 -30.68 -7.26 17.54
C ASN C 264 -31.74 -7.56 16.47
N GLU C 265 -32.99 -7.20 16.73
CA GLU C 265 -34.09 -7.70 15.88
C GLU C 265 -34.25 -6.98 14.55
N TYR C 266 -33.16 -6.89 13.79
CA TYR C 266 -33.17 -6.49 12.40
C TYR C 266 -33.77 -7.58 11.50
N SER C 267 -34.35 -7.17 10.36
CA SER C 267 -34.86 -8.13 9.38
C SER C 267 -33.70 -8.79 8.63
N VAL C 268 -33.76 -10.10 8.47
CA VAL C 268 -32.68 -10.87 7.85
C VAL C 268 -33.13 -11.43 6.49
N PRO C 269 -32.34 -11.24 5.43
CA PRO C 269 -32.67 -11.84 4.13
C PRO C 269 -32.81 -13.36 4.17
N LYS C 270 -33.69 -13.88 3.32
CA LYS C 270 -33.88 -15.33 3.21
C LYS C 270 -32.62 -16.05 2.75
N THR C 271 -31.79 -15.42 1.93
CA THR C 271 -30.50 -16.00 1.52
C THR C 271 -29.59 -16.28 2.70
N LEU C 272 -29.58 -15.37 3.66
CA LEU C 272 -28.74 -15.47 4.84
C LEU C 272 -29.41 -16.26 5.95
N GLN C 273 -30.73 -16.15 6.05
CA GLN C 273 -31.51 -17.02 6.94
C GLN C 273 -31.31 -18.50 6.64
N ALA C 274 -31.14 -18.85 5.37
CA ALA C 274 -30.91 -20.25 5.00
C ALA C 274 -29.59 -20.81 5.52
N ARG C 275 -28.62 -19.97 5.82
CA ARG C 275 -27.32 -20.40 6.30
C ARG C 275 -27.22 -20.54 7.81
N PHE C 276 -28.31 -20.31 8.54
CA PHE C 276 -28.38 -20.59 9.98
C PHE C 276 -29.20 -21.85 10.24
N VAL C 277 -28.64 -22.78 11.00
CA VAL C 277 -29.39 -23.97 11.36
C VAL C 277 -30.31 -23.71 12.55
N LYS C 278 -29.91 -22.86 13.50
CA LYS C 278 -30.69 -22.65 14.71
C LYS C 278 -30.65 -21.18 15.10
N GLN C 279 -31.78 -20.68 15.59
CA GLN C 279 -31.96 -19.32 16.06
C GLN C 279 -32.34 -19.36 17.54
N ILE C 280 -31.55 -18.72 18.39
CA ILE C 280 -31.81 -18.66 19.81
C ILE C 280 -32.25 -17.24 20.15
N ASP C 281 -33.50 -17.13 20.58
CA ASP C 281 -34.12 -15.86 20.96
C ASP C 281 -33.82 -15.58 22.41
N PHE C 282 -32.90 -14.66 22.66
CA PHE C 282 -32.64 -14.19 24.01
C PHE C 282 -33.69 -13.16 24.40
N ARG C 283 -34.17 -13.26 25.63
CA ARG C 283 -35.10 -12.29 26.19
C ARG C 283 -34.60 -11.86 27.56
N PRO C 284 -34.58 -10.56 27.84
CA PRO C 284 -34.02 -10.10 29.12
C PRO C 284 -34.95 -10.44 30.27
N LYS C 285 -34.36 -10.81 31.41
CA LYS C 285 -35.13 -11.15 32.59
C LYS C 285 -34.70 -10.30 33.78
N ASP C 286 -35.69 -9.72 34.43
CA ASP C 286 -35.48 -8.80 35.55
C ASP C 286 -34.84 -9.47 36.76
N TYR C 287 -35.20 -10.73 37.05
CA TYR C 287 -34.57 -11.37 38.20
C TYR C 287 -33.07 -11.58 37.99
N LEU C 288 -32.63 -11.83 36.77
CA LEU C 288 -31.20 -11.90 36.52
C LEU C 288 -30.52 -10.56 36.76
N LYS C 289 -31.14 -9.47 36.30
CA LYS C 289 -30.59 -8.14 36.54
C LYS C 289 -30.45 -7.85 38.03
N HIS C 290 -31.51 -8.06 38.80
CA HIS C 290 -31.43 -7.87 40.24
C HIS C 290 -30.37 -8.75 40.88
N CYS C 291 -30.24 -9.99 40.43
CA CYS C 291 -29.22 -10.89 40.94
C CYS C 291 -27.80 -10.38 40.70
N LEU C 292 -27.49 -9.95 39.47
CA LEU C 292 -26.13 -9.49 39.19
C LEU C 292 -25.74 -8.27 40.00
N GLU C 293 -26.69 -7.37 40.24
CA GLU C 293 -26.40 -6.20 41.05
C GLU C 293 -25.92 -6.58 42.45
N ARG C 294 -26.50 -7.63 43.02
CA ARG C 294 -26.14 -8.05 44.36
C ARG C 294 -24.93 -8.96 44.41
N SER C 295 -24.58 -9.62 43.31
CA SER C 295 -23.51 -10.62 43.25
C SER C 295 -22.41 -10.19 42.29
N GLU C 296 -22.02 -8.93 42.36
CA GLU C 296 -21.13 -8.29 41.40
C GLU C 296 -19.72 -8.90 41.31
N PHE C 297 -19.33 -9.78 42.23
CA PHE C 297 -18.12 -10.58 42.02
C PHE C 297 -18.17 -11.38 40.72
N LEU C 298 -19.36 -11.74 40.25
CA LEU C 298 -19.49 -12.40 38.94
C LEU C 298 -19.00 -11.54 37.79
N LEU C 299 -19.26 -10.24 37.85
CA LEU C 299 -18.82 -9.35 36.78
C LEU C 299 -17.37 -8.93 36.93
N GLU C 300 -16.94 -8.60 38.15
CA GLU C 300 -15.56 -8.17 38.34
C GLU C 300 -14.58 -9.26 37.93
N LYS C 301 -14.80 -10.49 38.39
CA LYS C 301 -13.91 -11.58 38.05
C LYS C 301 -14.20 -12.19 36.68
N ARG C 302 -15.19 -11.63 35.97
CA ARG C 302 -15.60 -12.05 34.62
C ARG C 302 -16.07 -13.52 34.55
N ILE C 303 -16.56 -14.03 35.67
CA ILE C 303 -16.99 -15.43 35.78
C ILE C 303 -18.12 -15.73 34.80
N ILE C 304 -19.02 -14.78 34.64
CA ILE C 304 -20.17 -14.87 33.75
C ILE C 304 -19.78 -15.05 32.29
N GLN C 305 -18.63 -14.52 31.87
CA GLN C 305 -18.19 -14.62 30.50
C GLN C 305 -17.27 -15.79 30.21
N SER C 306 -16.75 -16.47 31.21
CA SER C 306 -15.61 -17.35 31.00
C SER C 306 -16.01 -18.72 30.46
N GLY C 307 -15.17 -19.26 29.58
CA GLY C 307 -15.32 -20.63 29.11
C GLY C 307 -15.12 -21.66 30.19
N ILE C 308 -14.40 -21.31 31.25
CA ILE C 308 -14.22 -22.19 32.40
C ILE C 308 -15.53 -22.38 33.16
N ALA C 309 -16.39 -21.36 33.21
CA ALA C 309 -17.73 -21.55 33.77
C ALA C 309 -18.57 -22.51 32.93
N LEU C 310 -18.50 -22.44 31.60
CA LEU C 310 -19.22 -23.41 30.78
C LEU C 310 -18.62 -24.80 30.85
N LEU C 311 -17.29 -24.91 30.97
CA LEU C 311 -16.69 -26.22 31.18
C LEU C 311 -17.11 -26.82 32.52
N LEU C 312 -17.15 -25.99 33.56
CA LEU C 312 -17.66 -26.45 34.86
C LEU C 312 -19.12 -26.85 34.78
N MET C 313 -19.91 -26.13 33.98
CA MET C 313 -21.29 -26.50 33.74
C MET C 313 -21.42 -27.86 33.06
N LEU C 314 -20.60 -28.12 32.05
CA LEU C 314 -20.62 -29.43 31.40
C LEU C 314 -20.19 -30.54 32.35
N ILE C 315 -19.17 -30.29 33.18
CA ILE C 315 -18.75 -31.28 34.16
C ILE C 315 -19.86 -31.56 35.17
N TRP C 316 -20.54 -30.53 35.65
CA TRP C 316 -21.67 -30.74 36.55
C TRP C 316 -22.85 -31.43 35.88
N TYR C 317 -23.21 -31.03 34.66
CA TYR C 317 -24.47 -31.50 34.07
C TYR C 317 -24.38 -32.72 33.16
N ARG C 318 -23.30 -32.91 32.41
CA ARG C 318 -23.32 -33.95 31.38
C ARG C 318 -22.77 -35.30 31.88
N PRO C 319 -23.23 -36.42 31.29
CA PRO C 319 -22.55 -37.70 31.48
C PRO C 319 -21.07 -37.66 31.10
N VAL C 320 -20.28 -38.44 31.84
CA VAL C 320 -18.89 -38.66 31.47
C VAL C 320 -18.77 -39.32 30.10
N ALA C 321 -19.76 -40.12 29.70
CA ALA C 321 -19.75 -40.78 28.40
C ALA C 321 -19.76 -39.82 27.21
N GLU C 322 -20.20 -38.59 27.39
CA GLU C 322 -20.26 -37.64 26.28
C GLU C 322 -18.91 -36.97 25.99
N PHE C 323 -17.92 -37.14 26.85
CA PHE C 323 -16.59 -36.61 26.63
C PHE C 323 -15.72 -37.60 25.85
N ALA C 324 -14.71 -37.07 25.19
CA ALA C 324 -13.74 -37.90 24.49
C ALA C 324 -12.94 -38.78 25.44
N GLN C 325 -12.63 -39.98 24.98
CA GLN C 325 -11.99 -41.00 25.79
C GLN C 325 -10.74 -40.50 26.52
N SER C 326 -9.91 -39.71 25.83
CA SER C 326 -8.69 -39.19 26.42
C SER C 326 -8.94 -38.32 27.64
N ILE C 327 -10.03 -37.55 27.63
CA ILE C 327 -10.28 -36.59 28.69
C ILE C 327 -11.22 -37.13 29.78
N GLN C 328 -11.89 -38.25 29.53
CA GLN C 328 -12.78 -38.85 30.53
C GLN C 328 -12.11 -39.10 31.89
N SER C 329 -10.81 -39.44 31.90
CA SER C 329 -10.09 -39.57 33.17
C SER C 329 -10.05 -38.27 33.99
N ARG C 330 -9.72 -37.15 33.35
CA ARG C 330 -9.67 -35.88 34.08
C ARG C 330 -11.06 -35.39 34.45
N ILE C 331 -12.05 -35.68 33.63
CA ILE C 331 -13.42 -35.31 33.94
C ILE C 331 -13.95 -36.02 35.18
N VAL C 332 -13.62 -37.31 35.38
CA VAL C 332 -14.15 -37.98 36.57
C VAL C 332 -13.52 -37.44 37.85
N GLU C 333 -12.22 -37.16 37.85
CA GLU C 333 -11.66 -36.56 39.05
C GLU C 333 -12.13 -35.14 39.26
N TRP C 334 -12.49 -34.42 38.21
CA TRP C 334 -13.13 -33.12 38.38
C TRP C 334 -14.58 -33.24 38.86
N LYS C 335 -15.32 -34.23 38.36
CA LYS C 335 -16.64 -34.50 38.91
C LYS C 335 -16.58 -34.85 40.40
N GLU C 336 -15.61 -35.67 40.81
CA GLU C 336 -15.41 -35.95 42.23
C GLU C 336 -15.08 -34.71 43.05
N ARG C 337 -14.21 -33.83 42.56
CA ARG C 337 -14.00 -32.55 43.25
C ARG C 337 -15.30 -31.79 43.46
N LEU C 338 -16.12 -31.66 42.41
CA LEU C 338 -17.35 -30.90 42.55
C LEU C 338 -18.35 -31.56 43.49
N ASP C 339 -18.52 -32.88 43.40
CA ASP C 339 -19.40 -33.56 44.34
C ASP C 339 -18.93 -33.39 45.78
N LYS C 340 -17.62 -33.47 46.00
CA LYS C 340 -17.07 -33.34 47.34
C LYS C 340 -17.28 -31.94 47.90
N GLU C 341 -17.07 -30.91 47.09
CA GLU C 341 -17.19 -29.54 47.57
C GLU C 341 -18.60 -28.98 47.49
N PHE C 342 -19.45 -29.43 46.57
CA PHE C 342 -20.82 -28.94 46.46
C PHE C 342 -21.84 -30.04 46.62
N SER C 343 -22.69 -29.89 47.62
CA SER C 343 -23.94 -30.64 47.67
C SER C 343 -24.93 -30.05 46.70
N LEU C 344 -25.80 -30.91 46.17
CA LEU C 344 -26.87 -30.45 45.29
C LEU C 344 -27.80 -29.48 45.99
N SER C 345 -27.93 -29.58 47.31
CA SER C 345 -28.77 -28.64 48.05
C SER C 345 -28.19 -27.21 48.04
N VAL C 346 -26.87 -27.09 48.07
CA VAL C 346 -26.26 -25.77 47.89
C VAL C 346 -26.52 -25.24 46.49
N TYR C 347 -26.37 -26.08 45.48
CA TYR C 347 -26.61 -25.66 44.10
C TYR C 347 -28.08 -25.34 43.83
N GLN C 348 -29.01 -26.15 44.35
CA GLN C 348 -30.43 -25.81 44.23
C GLN C 348 -30.79 -24.55 45.01
N LYS C 349 -30.16 -24.33 46.17
CA LYS C 349 -30.30 -23.05 46.84
C LYS C 349 -29.86 -21.90 45.95
N MET C 350 -28.71 -22.03 45.29
CA MET C 350 -28.25 -20.99 44.36
C MET C 350 -29.21 -20.75 43.21
N LYS C 351 -29.68 -21.81 42.56
CA LYS C 351 -30.70 -21.63 41.52
C LYS C 351 -31.97 -20.97 42.05
N PHE C 352 -32.41 -21.36 43.25
CA PHE C 352 -33.58 -20.69 43.83
C PHE C 352 -33.31 -19.23 44.17
N ASN C 353 -32.11 -18.92 44.67
CA ASN C 353 -31.73 -17.52 44.85
C ASN C 353 -31.82 -16.71 43.57
N VAL C 354 -31.32 -17.24 42.46
CA VAL C 354 -31.40 -16.52 41.19
C VAL C 354 -32.85 -16.29 40.78
N ALA C 355 -33.66 -17.34 40.85
CA ALA C 355 -35.07 -17.17 40.50
C ALA C 355 -35.80 -16.19 41.41
N MET C 356 -35.40 -16.11 42.67
CA MET C 356 -35.95 -15.11 43.59
C MET C 356 -35.33 -13.73 43.41
N GLY C 357 -34.38 -13.57 42.49
CA GLY C 357 -33.81 -12.27 42.24
C GLY C 357 -32.99 -11.70 43.37
N ILE C 358 -32.31 -12.57 44.12
CA ILE C 358 -31.54 -12.19 45.30
C ILE C 358 -30.14 -12.77 45.18
N GLY C 359 -29.19 -12.19 45.91
CA GLY C 359 -27.79 -12.53 45.75
C GLY C 359 -27.47 -14.01 45.92
N VAL C 360 -26.73 -14.55 44.94
CA VAL C 360 -26.52 -15.99 44.83
C VAL C 360 -25.90 -16.59 46.08
N LEU C 361 -24.98 -15.89 46.74
CA LEU C 361 -24.29 -16.49 47.87
C LEU C 361 -25.09 -16.46 49.17
N ASP C 362 -26.22 -15.80 49.23
CA ASP C 362 -26.96 -15.69 50.48
C ASP C 362 -27.69 -16.99 50.80
N LYS D 1 38.86 -3.29 19.25
CA LYS D 1 37.97 -3.97 20.19
C LYS D 1 36.53 -3.92 19.67
N GLN D 2 35.72 -4.89 20.07
CA GLN D 2 34.34 -4.98 19.60
C GLN D 2 33.39 -4.10 20.41
N VAL D 3 32.35 -3.63 19.72
CA VAL D 3 31.25 -2.92 20.37
C VAL D 3 30.49 -3.87 21.28
N SER D 4 30.19 -3.43 22.49
CA SER D 4 29.24 -4.14 23.34
C SER D 4 27.82 -3.75 22.94
N TRP D 5 27.15 -4.66 22.24
CA TRP D 5 25.73 -4.49 21.94
C TRP D 5 24.89 -4.51 23.20
N LYS D 6 25.38 -5.22 24.22
CA LYS D 6 24.74 -5.29 25.53
C LYS D 6 24.66 -3.94 26.23
N LEU D 7 25.73 -3.14 26.17
CA LEU D 7 25.71 -1.80 26.76
C LEU D 7 24.78 -0.83 26.03
N VAL D 8 24.65 -0.95 24.72
CA VAL D 8 23.66 -0.12 24.03
C VAL D 8 22.25 -0.51 24.46
N THR D 9 22.02 -1.80 24.69
CA THR D 9 20.72 -2.26 25.17
C THR D 9 20.45 -1.79 26.59
N GLU D 10 21.44 -1.85 27.48
CA GLU D 10 21.31 -1.28 28.81
C GLU D 10 20.91 0.19 28.77
N TYR D 11 21.62 0.99 27.96
CA TYR D 11 21.28 2.40 27.84
C TYR D 11 19.84 2.60 27.38
N ALA D 12 19.42 1.86 26.36
CA ALA D 12 18.07 1.98 25.84
C ALA D 12 17.03 1.58 26.88
N MET D 13 17.32 0.52 27.64
CA MET D 13 16.43 0.09 28.71
C MET D 13 16.34 1.14 29.81
N GLU D 14 17.48 1.69 30.23
CA GLU D 14 17.45 2.67 31.30
C GLU D 14 16.85 4.00 30.85
N THR D 15 17.01 4.34 29.58
CA THR D 15 16.38 5.53 29.01
C THR D 15 14.93 5.30 28.60
N LYS D 16 14.49 4.04 28.54
CA LYS D 16 13.19 3.64 27.98
C LYS D 16 12.97 4.18 26.57
N CYS D 17 14.01 4.09 25.74
CA CYS D 17 14.03 4.65 24.40
C CYS D 17 13.48 3.63 23.39
N ASP D 18 12.31 3.90 22.83
CA ASP D 18 11.70 2.99 21.85
C ASP D 18 11.71 3.57 20.44
N ASP D 19 12.64 4.47 20.16
CA ASP D 19 12.82 5.10 18.85
C ASP D 19 14.26 4.89 18.41
N VAL D 20 14.44 4.32 17.21
CA VAL D 20 15.77 3.95 16.73
C VAL D 20 16.63 5.19 16.47
N LEU D 21 16.08 6.20 15.81
CA LEU D 21 16.88 7.40 15.51
C LEU D 21 17.19 8.19 16.76
N LEU D 22 16.25 8.27 17.70
CA LEU D 22 16.55 8.89 18.99
C LEU D 22 17.68 8.16 19.71
N LEU D 23 17.62 6.83 19.77
CA LEU D 23 18.68 6.07 20.41
C LEU D 23 20.03 6.33 19.72
N LEU D 24 20.06 6.28 18.40
CA LEU D 24 21.29 6.50 17.66
C LEU D 24 21.86 7.88 17.96
N GLY D 25 21.01 8.90 17.92
CA GLY D 25 21.47 10.26 18.20
C GLY D 25 22.00 10.41 19.61
N MET D 26 21.25 9.91 20.60
CA MET D 26 21.70 9.97 21.99
C MET D 26 23.05 9.31 22.19
N TYR D 27 23.22 8.11 21.64
CA TYR D 27 24.47 7.37 21.84
C TYR D 27 25.65 8.01 21.11
N LEU D 28 25.43 8.61 19.95
CA LEU D 28 26.50 9.31 19.26
C LEU D 28 26.92 10.61 19.96
N GLU D 29 26.09 11.15 20.87
CA GLU D 29 26.58 12.22 21.73
C GLU D 29 27.62 11.74 22.74
N PHE D 30 27.64 10.46 23.07
CA PHE D 30 28.57 9.92 24.04
C PHE D 30 29.98 9.69 23.49
N GLN D 31 30.22 9.89 22.21
CA GLN D 31 31.54 9.58 21.66
C GLN D 31 32.61 10.61 22.03
N TYR D 32 32.22 11.82 22.38
CA TYR D 32 33.16 12.89 22.71
C TYR D 32 33.59 12.82 24.18
N SER D 33 34.71 13.48 24.48
CA SER D 33 35.35 13.34 25.78
C SER D 33 34.45 13.74 26.94
N PHE D 34 34.40 12.88 27.95
CA PHE D 34 33.55 13.12 29.12
C PHE D 34 34.01 14.32 29.93
N GLU D 35 35.32 14.49 30.07
CA GLU D 35 35.86 15.53 30.92
C GLU D 35 35.61 16.93 30.38
N MET D 36 35.61 17.09 29.06
CA MET D 36 35.35 18.37 28.43
C MET D 36 33.89 18.62 28.11
N CYS D 37 33.03 17.61 28.23
CA CYS D 37 31.69 17.68 27.66
C CYS D 37 30.90 18.85 28.25
N LEU D 38 30.56 19.81 27.40
CA LEU D 38 29.77 20.97 27.81
C LEU D 38 28.41 20.59 28.37
N LYS D 39 27.78 19.54 27.84
CA LYS D 39 26.45 19.13 28.29
C LYS D 39 26.49 18.54 29.70
N CYS D 40 27.56 17.84 30.02
CA CYS D 40 27.76 17.35 31.39
C CYS D 40 28.13 18.47 32.34
N ILE D 41 28.78 19.53 31.86
CA ILE D 41 29.01 20.71 32.68
C ILE D 41 27.70 21.47 32.94
N LYS D 42 26.91 21.71 31.89
CA LYS D 42 25.65 22.43 32.04
C LYS D 42 24.53 21.59 32.63
N LYS D 43 24.65 20.27 32.62
CA LYS D 43 23.64 19.33 33.13
C LYS D 43 22.23 19.62 32.63
N GLU D 44 22.12 19.79 31.30
CA GLU D 44 20.87 20.14 30.67
C GLU D 44 19.88 18.97 30.69
N GLN D 45 20.28 17.84 30.11
CA GLN D 45 19.39 16.69 29.92
C GLN D 45 19.85 15.49 30.73
N PRO D 46 18.99 14.90 31.58
CA PRO D 46 19.45 13.80 32.44
C PRO D 46 19.89 12.56 31.68
N SER D 47 19.25 12.28 30.55
CA SER D 47 19.62 11.17 29.69
C SER D 47 21.04 11.29 29.13
N HIS D 48 21.66 12.46 29.23
CA HIS D 48 23.06 12.59 28.86
C HIS D 48 23.99 12.49 30.07
N TYR D 49 23.89 13.43 31.01
CA TYR D 49 24.94 13.54 32.01
C TYR D 49 24.98 12.36 32.98
N LYS D 50 23.86 11.64 33.17
CA LYS D 50 23.92 10.45 34.00
C LYS D 50 24.73 9.33 33.37
N TYR D 51 24.80 9.29 32.05
CA TYR D 51 25.19 8.10 31.32
C TYR D 51 26.48 8.24 30.51
N HIS D 52 26.88 9.46 30.14
CA HIS D 52 28.01 9.66 29.24
C HIS D 52 29.30 9.03 29.76
N GLU D 53 29.62 9.21 31.05
CA GLU D 53 30.84 8.64 31.59
C GLU D 53 30.87 7.12 31.50
N LYS D 54 29.75 6.47 31.81
CA LYS D 54 29.67 5.02 31.70
C LYS D 54 29.88 4.54 30.26
N HIS D 55 29.25 5.20 29.30
CA HIS D 55 29.19 4.71 27.92
C HIS D 55 30.30 5.20 27.00
N TYR D 56 31.14 6.15 27.42
CA TYR D 56 32.13 6.76 26.53
C TYR D 56 32.97 5.75 25.76
N ALA D 57 33.52 4.76 26.45
CA ALA D 57 34.38 3.77 25.81
C ALA D 57 33.65 3.03 24.69
N ASN D 58 32.42 2.60 24.96
CA ASN D 58 31.64 1.90 23.96
C ASN D 58 31.18 2.80 22.83
N ALA D 59 30.84 4.05 23.12
CA ALA D 59 30.37 4.99 22.10
C ALA D 59 31.46 5.36 21.09
N ALA D 60 32.72 5.43 21.50
CA ALA D 60 33.80 5.68 20.53
C ALA D 60 33.96 4.54 19.55
N ILE D 61 33.90 3.30 20.03
CA ILE D 61 33.95 2.14 19.15
C ILE D 61 32.70 2.09 18.27
N PHE D 62 31.55 2.45 18.83
CA PHE D 62 30.31 2.48 18.08
C PHE D 62 30.34 3.51 16.95
N ALA D 63 30.97 4.65 17.18
CA ALA D 63 31.15 5.62 16.10
C ALA D 63 31.95 5.08 14.92
N ASP D 64 32.89 4.17 15.17
CA ASP D 64 33.61 3.51 14.08
C ASP D 64 32.88 2.32 13.47
N SER D 65 31.74 1.93 14.02
CA SER D 65 31.01 0.77 13.56
C SER D 65 30.35 1.00 12.20
N LYS D 66 30.19 -0.10 11.47
CA LYS D 66 29.50 -0.17 10.19
C LYS D 66 28.08 -0.71 10.30
N ASN D 67 27.67 -1.16 11.48
CA ASN D 67 26.39 -1.80 11.71
C ASN D 67 25.39 -0.93 12.47
N GLN D 68 25.63 0.37 12.57
CA GLN D 68 25.11 1.16 13.69
C GLN D 68 23.60 1.02 13.89
N LYS D 69 22.82 1.07 12.80
CA LYS D 69 21.37 0.96 12.93
C LYS D 69 20.93 -0.44 13.36
N THR D 70 21.65 -1.47 12.92
CA THR D 70 21.35 -2.84 13.35
C THR D 70 21.52 -3.01 14.86
N ILE D 71 22.54 -2.38 15.44
CA ILE D 71 22.75 -2.42 16.88
C ILE D 71 21.60 -1.75 17.62
N CYS D 72 21.20 -0.56 17.15
CA CYS D 72 20.09 0.15 17.77
C CYS D 72 18.75 -0.57 17.58
N GLN D 73 18.53 -1.19 16.43
CA GLN D 73 17.30 -1.96 16.22
C GLN D 73 17.15 -3.08 17.25
N GLN D 74 18.20 -3.85 17.48
CA GLN D 74 18.14 -4.89 18.49
C GLN D 74 17.84 -4.31 19.86
N ALA D 75 18.48 -3.19 20.20
CA ALA D 75 18.21 -2.52 21.46
C ALA D 75 16.77 -2.06 21.60
N VAL D 76 16.25 -1.37 20.58
CA VAL D 76 14.86 -0.89 20.63
C VAL D 76 13.87 -2.04 20.70
N ASP D 77 14.14 -3.13 20.00
CA ASP D 77 13.30 -4.31 20.09
C ASP D 77 13.29 -4.93 21.48
N THR D 78 14.41 -4.87 22.19
CA THR D 78 14.43 -5.29 23.59
C THR D 78 13.54 -4.42 24.47
N VAL D 79 13.55 -3.11 24.27
CA VAL D 79 12.67 -2.21 25.03
C VAL D 79 11.21 -2.49 24.72
N LEU D 80 10.87 -2.66 23.44
CA LEU D 80 9.50 -3.00 23.07
C LEU D 80 9.08 -4.37 23.60
N ALA D 81 9.99 -5.34 23.58
CA ALA D 81 9.69 -6.64 24.15
C ALA D 81 9.37 -6.57 25.64
N LYS D 82 10.11 -5.78 26.40
CA LYS D 82 9.75 -5.61 27.80
C LYS D 82 8.37 -4.95 27.98
N LYS D 83 8.05 -3.97 27.14
CA LYS D 83 6.69 -3.39 27.16
C LYS D 83 5.61 -4.42 26.86
N ARG D 84 5.85 -5.32 25.89
CA ARG D 84 4.91 -6.40 25.62
C ARG D 84 4.71 -7.30 26.83
N VAL D 85 5.81 -7.80 27.39
CA VAL D 85 5.72 -8.68 28.55
C VAL D 85 5.00 -7.98 29.69
N ASP D 86 5.32 -6.70 29.93
CA ASP D 86 4.64 -5.97 31.00
C ASP D 86 3.15 -5.80 30.74
N SER D 87 2.75 -5.55 29.49
CA SER D 87 1.33 -5.40 29.18
C SER D 87 0.57 -6.69 29.41
N LEU D 88 1.17 -7.84 29.11
CA LEU D 88 0.49 -9.10 29.31
C LEU D 88 0.53 -9.58 30.77
N GLN D 89 1.62 -9.33 31.49
CA GLN D 89 1.80 -9.94 32.80
C GLN D 89 1.53 -9.05 34.00
N LEU D 90 1.68 -7.73 33.92
CA LEU D 90 1.43 -6.90 35.08
C LEU D 90 -0.06 -6.82 35.42
N THR D 91 -0.36 -6.73 36.71
CA THR D 91 -1.67 -6.27 37.12
C THR D 91 -1.80 -4.78 36.84
N ARG D 92 -3.04 -4.35 36.59
CA ARG D 92 -3.30 -2.94 36.37
C ARG D 92 -2.88 -2.09 37.55
N GLU D 93 -2.91 -2.64 38.76
CA GLU D 93 -2.44 -1.92 39.93
C GLU D 93 -0.92 -1.71 39.92
N GLN D 94 -0.17 -2.72 39.48
CA GLN D 94 1.27 -2.54 39.26
C GLN D 94 1.55 -1.55 38.15
N MET D 95 0.79 -1.59 37.05
CA MET D 95 0.98 -0.61 35.98
C MET D 95 0.81 0.82 36.49
N LEU D 96 -0.26 1.07 37.23
CA LEU D 96 -0.49 2.40 37.77
C LEU D 96 0.58 2.76 38.79
N THR D 97 1.05 1.79 39.58
CA THR D 97 2.15 2.04 40.49
C THR D 97 3.41 2.44 39.74
N ASN D 98 3.74 1.73 38.65
CA ASN D 98 4.88 2.12 37.83
C ASN D 98 4.75 3.52 37.26
N ARG D 99 3.57 3.86 36.75
CA ARG D 99 3.31 5.22 36.25
C ARG D 99 3.50 6.28 37.33
N PHE D 100 3.02 6.01 38.54
CA PHE D 100 3.26 6.95 39.64
C PHE D 100 4.74 7.07 39.99
N ASN D 101 5.47 5.95 40.03
CA ASN D 101 6.90 6.02 40.28
C ASN D 101 7.63 6.91 39.26
N ASP D 102 7.31 6.75 37.98
CA ASP D 102 7.89 7.61 36.95
C ASP D 102 7.53 9.08 37.12
N LEU D 103 6.28 9.37 37.51
CA LEU D 103 5.89 10.74 37.79
C LEU D 103 6.60 11.31 39.01
N LEU D 104 6.80 10.50 40.04
CA LEU D 104 7.56 10.97 41.19
C LEU D 104 9.03 11.23 40.86
N ASP D 105 9.64 10.39 40.01
CA ASP D 105 10.96 10.71 39.48
C ASP D 105 11.02 12.07 38.80
N ARG D 106 10.02 12.39 37.97
CA ARG D 106 9.96 13.71 37.37
C ARG D 106 9.83 14.81 38.42
N MET D 107 8.95 14.60 39.39
CA MET D 107 8.78 15.58 40.48
C MET D 107 10.06 15.79 41.29
N ASP D 108 10.87 14.75 41.48
CA ASP D 108 12.15 14.94 42.16
C ASP D 108 13.10 15.84 41.39
N ILE D 109 13.19 15.68 40.07
CA ILE D 109 14.00 16.57 39.25
C ILE D 109 13.37 17.95 39.16
N MET D 110 12.05 18.00 39.00
CA MET D 110 11.36 19.25 38.72
C MET D 110 11.35 20.19 39.91
N PHE D 111 11.18 19.66 41.12
CA PHE D 111 11.29 20.45 42.35
C PHE D 111 12.61 20.24 43.07
N GLY D 112 13.62 19.67 42.41
CA GLY D 112 14.94 19.59 42.99
C GLY D 112 15.65 20.94 42.99
N SER D 113 16.85 20.94 43.57
CA SER D 113 17.67 22.16 43.59
C SER D 113 18.03 22.61 42.19
N THR D 114 18.20 21.68 41.26
CA THR D 114 18.38 22.02 39.85
C THR D 114 17.07 22.40 39.17
N GLY D 115 15.94 22.09 39.81
CA GLY D 115 14.65 22.14 39.13
C GLY D 115 14.23 23.56 38.80
N SER D 116 13.77 23.76 37.57
CA SER D 116 13.32 25.05 37.06
C SER D 116 11.96 25.48 37.61
N ALA D 117 11.26 24.62 38.36
CA ALA D 117 9.91 24.93 38.83
C ALA D 117 9.91 25.33 40.30
N ASP D 118 9.30 26.46 40.60
CA ASP D 118 8.98 26.80 41.98
C ASP D 118 7.81 25.98 42.46
N ILE D 119 8.02 25.24 43.54
CA ILE D 119 6.97 24.39 44.09
C ILE D 119 5.76 25.20 44.57
N GLU D 120 5.97 26.48 44.90
CA GLU D 120 4.86 27.35 45.28
C GLU D 120 3.86 27.52 44.15
N GLU D 121 4.34 27.71 42.93
CA GLU D 121 3.44 27.91 41.80
C GLU D 121 2.64 26.66 41.50
N TRP D 122 3.26 25.50 41.66
CA TRP D 122 2.55 24.23 41.49
C TRP D 122 1.59 23.96 42.62
N MET D 123 1.96 24.30 43.86
CA MET D 123 1.01 24.23 44.95
C MET D 123 -0.14 25.23 44.79
N ALA D 124 0.12 26.40 44.20
CA ALA D 124 -0.98 27.26 43.77
C ALA D 124 -1.85 26.57 42.72
N GLY D 125 -1.24 25.79 41.84
CA GLY D 125 -2.01 24.94 40.95
C GLY D 125 -2.89 23.93 41.66
N VAL D 126 -2.36 23.29 42.71
CA VAL D 126 -3.19 22.42 43.53
C VAL D 126 -4.36 23.18 44.13
N ALA D 127 -4.13 24.41 44.59
CA ALA D 127 -5.22 25.21 45.10
C ALA D 127 -6.30 25.50 44.05
N TRP D 128 -5.91 25.88 42.83
CA TRP D 128 -6.92 26.12 41.80
C TRP D 128 -7.68 24.85 41.45
N LEU D 129 -6.95 23.78 41.16
CA LEU D 129 -7.58 22.56 40.66
C LEU D 129 -8.46 21.89 41.71
N HIS D 130 -8.14 22.05 43.00
CA HIS D 130 -9.02 21.55 44.06
C HIS D 130 -10.41 22.16 44.01
N CYS D 131 -10.56 23.36 43.46
CA CYS D 131 -11.86 24.04 43.42
C CYS D 131 -12.78 23.61 42.28
N LEU D 132 -12.24 22.95 41.25
CA LEU D 132 -12.96 22.81 39.98
C LEU D 132 -14.24 21.99 40.10
N LEU D 133 -14.31 21.03 41.01
CA LEU D 133 -15.49 20.19 41.20
C LEU D 133 -15.71 19.98 42.69
N PRO D 134 -16.93 19.58 43.08
CA PRO D 134 -17.16 19.28 44.50
C PRO D 134 -16.36 18.08 44.97
N LYS D 135 -15.41 18.32 45.88
CA LYS D 135 -14.50 17.31 46.41
C LYS D 135 -13.78 16.55 45.29
N MET D 136 -12.90 17.29 44.61
CA MET D 136 -12.10 16.71 43.54
C MET D 136 -11.29 15.50 44.02
N ASP D 137 -10.84 15.54 45.28
CA ASP D 137 -10.12 14.40 45.87
C ASP D 137 -10.88 13.10 45.72
N SER D 138 -12.20 13.12 45.95
CA SER D 138 -13.01 11.92 45.82
C SER D 138 -13.15 11.46 44.38
N VAL D 139 -13.47 12.39 43.48
CA VAL D 139 -13.71 12.02 42.09
C VAL D 139 -12.45 11.42 41.45
N VAL D 140 -11.28 11.99 41.74
CA VAL D 140 -10.05 11.47 41.16
C VAL D 140 -9.72 10.08 41.72
N TYR D 141 -9.88 9.88 43.02
CA TYR D 141 -9.61 8.56 43.58
C TYR D 141 -10.62 7.52 43.08
N ASP D 142 -11.88 7.90 42.98
CA ASP D 142 -12.90 7.05 42.38
C ASP D 142 -12.58 6.73 40.92
N PHE D 143 -12.10 7.70 40.15
CA PHE D 143 -11.68 7.42 38.78
C PHE D 143 -10.52 6.46 38.71
N LEU D 144 -9.48 6.68 39.52
CA LEU D 144 -8.33 5.78 39.51
C LEU D 144 -8.72 4.34 39.86
N LYS D 145 -9.51 4.15 40.91
CA LYS D 145 -9.95 2.79 41.25
C LYS D 145 -10.82 2.18 40.16
N CYS D 146 -11.68 2.97 39.53
CA CYS D 146 -12.45 2.47 38.39
C CYS D 146 -11.57 2.01 37.24
N MET D 147 -10.54 2.77 36.90
CA MET D 147 -9.64 2.39 35.82
C MET D 147 -8.77 1.19 36.19
N VAL D 148 -8.47 0.99 37.47
CA VAL D 148 -7.76 -0.22 37.89
C VAL D 148 -8.67 -1.46 37.83
N TYR D 149 -9.91 -1.36 38.31
CA TYR D 149 -10.77 -2.55 38.34
C TYR D 149 -11.39 -2.93 36.99
N ASN D 150 -11.53 -2.00 36.06
CA ASN D 150 -11.76 -2.31 34.64
C ASN D 150 -12.93 -3.28 34.38
N ILE D 151 -14.06 -3.01 35.03
CA ILE D 151 -15.22 -3.93 35.02
C ILE D 151 -15.94 -3.85 33.66
N PRO D 152 -16.17 -4.98 32.97
CA PRO D 152 -16.60 -4.92 31.56
C PRO D 152 -17.97 -4.29 31.37
N LYS D 153 -18.08 -3.41 30.38
CA LYS D 153 -19.27 -2.59 30.11
C LYS D 153 -19.63 -1.62 31.24
N LYS D 154 -18.77 -1.47 32.26
CA LYS D 154 -19.05 -0.63 33.43
C LYS D 154 -17.83 0.24 33.75
N ARG D 155 -17.23 0.85 32.72
CA ARG D 155 -15.85 1.35 32.77
C ARG D 155 -15.61 2.55 31.86
N TYR D 156 -16.64 3.35 31.59
CA TYR D 156 -16.48 4.64 30.91
C TYR D 156 -17.26 5.73 31.64
N TRP D 157 -16.68 6.93 31.69
CA TRP D 157 -17.31 8.11 32.28
C TRP D 157 -17.49 9.21 31.23
N LEU D 158 -18.60 9.96 31.33
CA LEU D 158 -18.90 11.07 30.44
C LEU D 158 -18.76 12.43 31.14
N PHE D 159 -18.12 13.39 30.45
CA PHE D 159 -18.19 14.82 30.74
C PHE D 159 -18.95 15.53 29.61
N LYS D 160 -20.03 16.27 29.93
CA LYS D 160 -20.85 16.92 28.90
C LYS D 160 -20.95 18.44 29.08
N GLY D 161 -21.14 19.15 27.95
CA GLY D 161 -21.83 20.43 27.91
C GLY D 161 -21.01 21.73 27.99
N PRO D 162 -21.18 22.49 29.08
CA PRO D 162 -20.67 23.88 29.14
C PRO D 162 -19.24 24.08 28.67
N ILE D 163 -19.06 25.14 27.87
CA ILE D 163 -17.75 25.55 27.36
C ILE D 163 -17.03 26.40 28.39
N ASP D 164 -15.69 26.35 28.38
CA ASP D 164 -14.85 27.01 29.37
C ASP D 164 -15.17 26.59 30.80
N SER D 165 -15.60 25.34 30.97
CA SER D 165 -15.98 24.81 32.26
C SER D 165 -15.02 23.75 32.76
N GLY D 166 -14.01 23.37 31.96
CA GLY D 166 -12.90 22.56 32.42
C GLY D 166 -12.89 21.12 31.96
N LYS D 167 -13.72 20.73 31.00
CA LYS D 167 -13.82 19.31 30.64
C LYS D 167 -12.49 18.79 30.10
N THR D 168 -11.98 19.41 29.05
CA THR D 168 -10.73 18.94 28.46
C THR D 168 -9.55 19.14 29.41
N THR D 169 -9.59 20.18 30.24
CA THR D 169 -8.56 20.38 31.26
C THR D 169 -8.43 19.17 32.17
N LEU D 170 -9.52 18.77 32.82
CA LEU D 170 -9.43 17.67 33.76
C LEU D 170 -9.13 16.35 33.04
N ALA D 171 -9.69 16.16 31.85
CA ALA D 171 -9.37 14.97 31.06
C ALA D 171 -7.89 14.89 30.73
N ALA D 172 -7.28 16.00 30.33
CA ALA D 172 -5.85 16.00 30.06
C ALA D 172 -5.01 15.70 31.30
N ALA D 173 -5.43 16.20 32.46
CA ALA D 173 -4.72 15.90 33.71
C ALA D 173 -4.88 14.43 34.11
N LEU D 174 -6.09 13.89 34.02
CA LEU D 174 -6.28 12.48 34.29
C LEU D 174 -5.52 11.62 33.28
N LEU D 175 -5.45 12.08 32.04
CA LEU D 175 -4.75 11.32 31.01
C LEU D 175 -3.24 11.27 31.25
N GLU D 176 -2.62 12.38 31.66
CA GLU D 176 -1.22 12.30 32.04
C GLU D 176 -1.01 11.52 33.32
N LEU D 177 -1.94 11.60 34.27
CA LEU D 177 -1.81 10.86 35.51
C LEU D 177 -1.80 9.35 35.28
N CYS D 178 -2.67 8.85 34.42
CA CYS D 178 -2.75 7.41 34.15
C CYS D 178 -1.89 6.95 32.99
N GLY D 179 -1.61 7.83 32.03
CA GLY D 179 -1.16 7.41 30.72
C GLY D 179 -2.31 7.00 29.82
N GLY D 180 -2.16 7.23 28.53
CA GLY D 180 -3.22 6.97 27.58
C GLY D 180 -3.29 8.07 26.53
N LYS D 181 -4.24 7.95 25.60
CA LYS D 181 -4.29 8.84 24.45
C LYS D 181 -5.72 9.31 24.18
N ALA D 182 -5.82 10.46 23.52
CA ALA D 182 -7.09 11.00 23.05
C ALA D 182 -7.45 10.46 21.66
N LEU D 183 -8.74 10.30 21.41
CA LEU D 183 -9.26 9.81 20.14
C LEU D 183 -10.29 10.79 19.57
N ASN D 184 -10.24 10.97 18.25
CA ASN D 184 -11.19 11.81 17.50
C ASN D 184 -12.03 10.94 16.56
N VAL D 185 -13.16 10.45 17.06
CA VAL D 185 -13.97 9.48 16.32
C VAL D 185 -14.78 10.08 15.18
N ASN D 186 -14.82 11.41 15.04
CA ASN D 186 -15.57 12.06 13.96
C ASN D 186 -14.95 11.88 12.58
N LEU D 187 -13.78 11.24 12.46
CA LEU D 187 -13.16 11.00 11.16
C LEU D 187 -14.03 10.14 10.25
N PRO D 188 -13.75 10.15 8.93
CA PRO D 188 -14.43 9.23 8.03
C PRO D 188 -14.31 7.78 8.49
N LEU D 189 -15.37 7.02 8.26
CA LEU D 189 -15.47 5.68 8.83
C LEU D 189 -14.36 4.76 8.30
N ASP D 190 -13.86 5.02 7.09
CA ASP D 190 -12.67 4.32 6.62
C ASP D 190 -11.44 4.62 7.48
N ARG D 191 -11.28 5.87 7.89
CA ARG D 191 -10.18 6.27 8.75
C ARG D 191 -10.38 5.85 10.20
N LEU D 192 -11.62 5.68 10.63
CA LEU D 192 -11.91 5.27 12.00
C LEU D 192 -11.19 3.98 12.37
N ASN D 193 -10.98 3.09 11.40
CA ASN D 193 -10.18 1.89 11.63
C ASN D 193 -8.80 2.22 12.19
N PHE D 194 -8.08 3.11 11.51
CA PHE D 194 -6.76 3.53 11.99
C PHE D 194 -6.83 4.42 13.22
N GLU D 195 -7.89 5.19 13.37
CA GLU D 195 -8.07 6.01 14.56
C GLU D 195 -7.99 5.17 15.84
N LEU D 196 -8.69 4.04 15.86
CA LEU D 196 -8.78 3.21 17.06
C LEU D 196 -7.50 2.46 17.39
N GLY D 197 -6.63 2.22 16.41
CA GLY D 197 -5.28 1.70 16.63
C GLY D 197 -4.39 2.58 17.49
N VAL D 198 -4.81 3.80 17.82
CA VAL D 198 -4.13 4.60 18.82
C VAL D 198 -4.29 4.00 20.21
N ALA D 199 -5.37 3.26 20.46
CA ALA D 199 -5.63 2.64 21.76
C ALA D 199 -4.79 1.40 22.06
N ILE D 200 -4.00 0.89 21.10
CA ILE D 200 -3.23 -0.34 21.31
C ILE D 200 -2.25 -0.20 22.48
N ASP D 201 -2.40 -1.10 23.46
CA ASP D 201 -1.61 -1.17 24.71
C ASP D 201 -1.75 0.04 25.63
N GLN D 202 -2.72 0.92 25.42
CA GLN D 202 -2.88 2.07 26.29
C GLN D 202 -3.68 1.73 27.54
N PHE D 203 -3.38 2.43 28.64
CA PHE D 203 -4.09 2.22 29.90
C PHE D 203 -5.45 2.91 29.91
N LEU D 204 -5.56 4.08 29.28
CA LEU D 204 -6.81 4.81 29.09
C LEU D 204 -6.98 5.21 27.65
N VAL D 205 -8.21 5.58 27.28
CA VAL D 205 -8.45 6.51 26.18
C VAL D 205 -9.41 7.59 26.65
N VAL D 206 -9.28 8.77 26.08
CA VAL D 206 -10.29 9.82 26.18
C VAL D 206 -10.84 10.07 24.78
N PHE D 207 -12.14 9.86 24.62
CA PHE D 207 -12.85 10.30 23.43
C PHE D 207 -13.17 11.77 23.60
N GLU D 208 -12.54 12.62 22.80
CA GLU D 208 -12.56 14.05 23.05
C GLU D 208 -13.52 14.75 22.09
N ASP D 209 -14.43 15.53 22.65
CA ASP D 209 -15.33 16.39 21.90
C ASP D 209 -16.01 15.67 20.73
N VAL D 210 -16.53 14.47 21.00
CA VAL D 210 -17.16 13.67 19.95
C VAL D 210 -18.51 14.27 19.59
N LYS D 211 -18.85 14.26 18.30
CA LYS D 211 -20.01 14.99 17.79
C LYS D 211 -21.02 14.10 17.09
N GLY D 212 -22.31 14.46 17.25
CA GLY D 212 -23.42 13.73 16.68
C GLY D 212 -24.15 14.52 15.60
N THR D 213 -25.21 13.89 15.06
CA THR D 213 -25.98 14.51 13.98
C THR D 213 -26.92 15.62 14.47
N GLY D 214 -27.53 15.48 15.64
CA GLY D 214 -28.60 16.37 16.07
C GLY D 214 -28.18 17.65 16.78
N GLY D 215 -29.09 18.15 17.62
CA GLY D 215 -28.82 19.26 18.52
C GLY D 215 -28.71 20.64 17.88
N GLU D 216 -29.17 20.79 16.65
CA GLU D 216 -28.99 22.06 15.93
C GLU D 216 -29.64 23.24 16.66
N SER D 217 -30.76 23.03 17.34
CA SER D 217 -31.41 24.10 18.08
C SER D 217 -30.58 24.63 19.24
N ARG D 218 -29.57 23.88 19.69
CA ARG D 218 -28.64 24.34 20.69
C ARG D 218 -27.37 24.92 20.07
N ASP D 219 -27.38 25.13 18.75
CA ASP D 219 -26.22 25.62 17.99
C ASP D 219 -25.01 24.70 18.08
N LEU D 220 -25.24 23.40 18.07
CA LEU D 220 -24.16 22.41 18.06
C LEU D 220 -23.91 21.92 16.64
N PRO D 221 -22.68 21.99 16.12
CA PRO D 221 -22.40 21.41 14.79
C PRO D 221 -22.71 19.91 14.71
N SER D 222 -23.26 19.49 13.58
CA SER D 222 -23.46 18.08 13.28
C SER D 222 -22.15 17.38 12.94
N GLY D 223 -22.10 16.07 13.22
CA GLY D 223 -20.96 15.25 12.84
C GLY D 223 -21.27 13.78 13.02
N GLN D 224 -20.45 12.94 12.37
CA GLN D 224 -20.63 11.49 12.33
C GLN D 224 -20.04 10.74 13.53
N GLY D 225 -19.43 11.43 14.49
CA GLY D 225 -18.74 10.72 15.57
C GLY D 225 -19.60 9.74 16.34
N ILE D 226 -20.77 10.18 16.82
CA ILE D 226 -21.63 9.28 17.56
C ILE D 226 -22.14 8.13 16.70
N ASN D 227 -22.35 8.38 15.41
CA ASN D 227 -22.71 7.30 14.50
C ASN D 227 -21.57 6.31 14.32
N ASN D 228 -20.34 6.79 14.32
CA ASN D 228 -19.18 5.91 14.36
C ASN D 228 -19.05 5.16 15.69
N LEU D 229 -19.22 5.83 16.82
CA LEU D 229 -19.17 5.13 18.11
C LEU D 229 -20.15 3.99 18.20
N ASP D 230 -21.34 4.13 17.61
CA ASP D 230 -22.28 3.03 17.60
C ASP D 230 -21.77 1.81 16.84
N ASN D 231 -20.94 2.02 15.81
CA ASN D 231 -20.25 0.89 15.17
C ASN D 231 -19.14 0.31 16.03
N LEU D 232 -18.82 0.93 17.17
CA LEU D 232 -17.73 0.52 18.04
C LEU D 232 -18.23 0.24 19.45
N ARG D 233 -19.53 0.19 19.64
CA ARG D 233 -20.12 -0.10 20.94
C ARG D 233 -19.62 -1.44 21.49
N ASP D 234 -19.32 -2.39 20.61
CA ASP D 234 -18.64 -3.63 20.97
C ASP D 234 -17.13 -3.46 21.20
N TYR D 235 -16.53 -2.36 20.77
CA TYR D 235 -15.18 -2.03 21.25
C TYR D 235 -15.22 -1.40 22.63
N LEU D 236 -16.18 -0.52 22.86
CA LEU D 236 -16.30 0.17 24.15
C LEU D 236 -16.49 -0.78 25.33
N ASP D 237 -17.38 -1.78 25.19
CA ASP D 237 -17.72 -2.56 26.38
C ASP D 237 -16.57 -3.47 26.86
N GLY D 238 -15.68 -3.88 25.98
CA GLY D 238 -14.53 -4.64 26.41
C GLY D 238 -14.83 -6.02 26.95
N SER D 239 -15.99 -6.57 26.63
CA SER D 239 -16.31 -7.94 27.01
C SER D 239 -15.50 -8.96 26.21
N VAL D 240 -14.92 -8.56 25.07
CA VAL D 240 -14.26 -9.49 24.17
C VAL D 240 -13.11 -8.77 23.47
N LYS D 241 -12.13 -9.53 23.03
CA LYS D 241 -10.98 -8.98 22.33
C LYS D 241 -11.34 -8.52 20.92
N VAL D 242 -10.85 -7.33 20.55
CA VAL D 242 -11.13 -6.70 19.27
C VAL D 242 -9.83 -6.52 18.49
N ASN D 243 -9.93 -6.57 17.16
CA ASN D 243 -8.78 -6.71 16.27
C ASN D 243 -8.23 -5.35 15.84
N LEU D 244 -7.72 -4.60 16.81
CA LEU D 244 -7.23 -3.24 16.59
C LEU D 244 -6.10 -3.21 15.55
N GLU D 245 -5.98 -2.07 14.86
CA GLU D 245 -5.26 -2.01 13.60
C GLU D 245 -4.57 -0.67 13.43
N LYS D 246 -3.35 -0.69 12.90
CA LYS D 246 -2.66 0.54 12.50
C LYS D 246 -1.95 0.36 11.16
N LYS D 247 -1.58 1.48 10.54
CA LYS D 247 -0.97 1.47 9.21
C LYS D 247 0.18 0.48 9.10
N HIS D 248 0.10 -0.38 8.08
CA HIS D 248 1.13 -1.33 7.68
C HIS D 248 1.43 -2.42 8.69
N LEU D 249 0.64 -2.58 9.76
CA LEU D 249 0.91 -3.62 10.74
C LEU D 249 -0.28 -4.55 10.90
N ASN D 250 0.03 -5.84 11.01
CA ASN D 250 -1.00 -6.86 11.16
C ASN D 250 -1.82 -6.65 12.42
N LYS D 251 -3.11 -6.97 12.32
CA LYS D 251 -4.07 -6.75 13.39
C LYS D 251 -3.60 -7.36 14.70
N ARG D 252 -3.94 -6.69 15.81
CA ARG D 252 -3.68 -7.18 17.16
C ARG D 252 -4.98 -7.35 17.95
N THR D 253 -5.05 -8.45 18.70
CA THR D 253 -6.24 -8.87 19.43
C THR D 253 -6.08 -8.47 20.90
N GLN D 254 -6.91 -7.54 21.37
CA GLN D 254 -6.85 -7.16 22.78
C GLN D 254 -8.17 -6.54 23.24
N ILE D 255 -8.32 -6.44 24.56
CA ILE D 255 -9.44 -5.73 25.18
C ILE D 255 -9.18 -4.23 25.08
N PHE D 256 -10.19 -3.48 24.63
CA PHE D 256 -10.07 -2.04 24.48
C PHE D 256 -9.94 -1.32 25.83
N PRO D 257 -9.15 -0.25 25.91
CA PRO D 257 -8.98 0.46 27.19
C PRO D 257 -10.28 1.04 27.70
N PRO D 258 -10.40 1.20 29.02
CA PRO D 258 -11.43 2.07 29.61
C PRO D 258 -11.14 3.54 29.32
N GLY D 259 -12.07 4.42 29.66
CA GLY D 259 -11.82 5.81 29.34
C GLY D 259 -12.87 6.79 29.80
N ILE D 260 -12.73 8.02 29.29
CA ILE D 260 -13.62 9.15 29.48
C ILE D 260 -14.11 9.61 28.11
N VAL D 261 -15.35 10.08 28.04
CA VAL D 261 -15.89 10.76 26.87
C VAL D 261 -16.23 12.21 27.25
N THR D 262 -15.73 13.17 26.48
CA THR D 262 -16.17 14.56 26.56
C THR D 262 -17.01 14.91 25.33
N MET D 263 -18.12 15.61 25.54
CA MET D 263 -19.15 15.71 24.52
C MET D 263 -20.00 16.98 24.73
N ASN D 264 -20.65 17.44 23.67
CA ASN D 264 -21.79 18.36 23.77
C ASN D 264 -23.10 17.58 23.70
N GLU D 265 -24.21 18.25 24.03
CA GLU D 265 -25.49 17.57 24.26
C GLU D 265 -26.19 17.14 22.96
N TYR D 266 -25.56 16.22 22.25
CA TYR D 266 -26.26 15.40 21.27
C TYR D 266 -27.11 14.32 21.97
N SER D 267 -28.13 13.84 21.28
CA SER D 267 -28.98 12.74 21.78
C SER D 267 -28.29 11.40 21.58
N VAL D 268 -27.69 10.86 22.64
CA VAL D 268 -26.86 9.65 22.56
C VAL D 268 -27.72 8.37 22.46
N PRO D 269 -27.53 7.55 21.41
CA PRO D 269 -28.37 6.36 21.22
C PRO D 269 -28.32 5.34 22.35
N LYS D 270 -29.47 4.69 22.58
CA LYS D 270 -29.57 3.68 23.63
C LYS D 270 -28.51 2.59 23.51
N THR D 271 -28.26 2.10 22.29
CA THR D 271 -27.26 1.06 22.07
C THR D 271 -25.86 1.51 22.43
N LEU D 272 -25.61 2.81 22.49
CA LEU D 272 -24.34 3.35 22.95
C LEU D 272 -24.35 3.76 24.42
N GLN D 273 -25.34 4.54 24.87
CA GLN D 273 -25.38 4.95 26.27
C GLN D 273 -25.44 3.76 27.23
N ALA D 274 -25.96 2.62 26.78
CA ALA D 274 -25.98 1.40 27.59
C ALA D 274 -24.60 0.87 27.92
N ARG D 275 -23.55 1.50 27.41
CA ARG D 275 -22.17 1.09 27.67
C ARG D 275 -21.40 2.15 28.44
N PHE D 276 -22.11 3.09 29.07
CA PHE D 276 -21.54 4.13 29.93
C PHE D 276 -22.19 4.05 31.31
N VAL D 277 -21.41 4.40 32.34
CA VAL D 277 -21.86 4.29 33.73
C VAL D 277 -21.49 5.50 34.57
N LYS D 278 -21.22 6.64 33.94
CA LYS D 278 -21.18 7.90 34.68
C LYS D 278 -21.47 9.06 33.73
N GLN D 279 -22.12 10.09 34.27
CA GLN D 279 -22.11 11.45 33.72
C GLN D 279 -21.79 12.44 34.84
N ILE D 280 -20.75 13.26 34.66
CA ILE D 280 -20.43 14.31 35.63
C ILE D 280 -20.08 15.61 34.91
N ASP D 281 -20.70 16.72 35.34
CA ASP D 281 -20.78 17.97 34.57
C ASP D 281 -20.41 19.18 35.41
N PHE D 282 -19.99 20.26 34.72
CA PHE D 282 -19.25 21.38 35.30
C PHE D 282 -20.01 22.69 35.17
N ARG D 283 -19.76 23.61 36.10
CA ARG D 283 -20.38 24.94 36.11
C ARG D 283 -19.34 26.06 36.26
N PRO D 284 -19.16 26.91 35.25
CA PRO D 284 -18.16 27.99 35.34
C PRO D 284 -18.33 28.88 36.56
N LYS D 285 -17.23 29.13 37.28
CA LYS D 285 -17.21 30.02 38.43
C LYS D 285 -16.46 31.30 38.07
N ASP D 286 -17.13 32.44 38.23
CA ASP D 286 -16.57 33.72 37.80
C ASP D 286 -15.28 34.07 38.52
N TYR D 287 -15.19 33.78 39.83
CA TYR D 287 -13.97 34.15 40.55
C TYR D 287 -12.74 33.37 40.08
N LEU D 288 -12.93 32.15 39.61
CA LEU D 288 -11.78 31.40 39.07
C LEU D 288 -11.23 32.06 37.82
N LYS D 289 -12.09 32.58 36.94
CA LYS D 289 -11.60 33.34 35.80
C LYS D 289 -10.74 34.50 36.24
N HIS D 290 -11.19 35.24 37.25
CA HIS D 290 -10.41 36.35 37.77
C HIS D 290 -9.10 35.88 38.38
N CYS D 291 -9.08 34.72 39.02
CA CYS D 291 -7.85 34.21 39.62
C CYS D 291 -6.83 33.78 38.56
N LEU D 292 -7.28 33.11 37.50
CA LEU D 292 -6.42 32.87 36.35
C LEU D 292 -5.91 34.17 35.77
N GLU D 293 -6.80 35.15 35.59
CA GLU D 293 -6.39 36.45 35.08
C GLU D 293 -5.33 37.13 35.95
N ARG D 294 -5.36 36.91 37.27
CA ARG D 294 -4.44 37.54 38.20
C ARG D 294 -3.30 36.64 38.63
N SER D 295 -3.14 35.48 37.99
CA SER D 295 -2.13 34.51 38.35
C SER D 295 -1.81 33.66 37.13
N GLU D 296 -1.55 34.34 36.02
CA GLU D 296 -1.51 33.73 34.70
C GLU D 296 -0.56 32.53 34.60
N PHE D 297 0.49 32.50 35.42
CA PHE D 297 1.45 31.39 35.38
C PHE D 297 0.81 30.01 35.50
N LEU D 298 -0.40 29.92 36.06
CA LEU D 298 -1.13 28.66 36.06
C LEU D 298 -1.38 28.12 34.65
N LEU D 299 -1.72 29.00 33.69
CA LEU D 299 -1.83 28.56 32.31
C LEU D 299 -0.49 28.58 31.58
N GLU D 300 0.30 29.64 31.76
CA GLU D 300 1.52 29.78 30.97
C GLU D 300 2.48 28.63 31.21
N LYS D 301 2.59 28.15 32.44
CA LYS D 301 3.44 27.01 32.75
C LYS D 301 2.71 25.67 32.67
N ARG D 302 1.48 25.69 32.15
CA ARG D 302 0.66 24.48 31.96
C ARG D 302 0.46 23.68 33.24
N ILE D 303 0.27 24.38 34.36
CA ILE D 303 0.18 23.70 35.65
C ILE D 303 -1.12 22.93 35.78
N ILE D 304 -2.26 23.59 35.52
CA ILE D 304 -3.55 22.97 35.80
C ILE D 304 -3.93 21.85 34.83
N GLN D 305 -3.30 21.74 33.67
CA GLN D 305 -3.52 20.58 32.82
C GLN D 305 -2.73 19.35 33.23
N SER D 306 -1.72 19.48 34.08
CA SER D 306 -0.70 18.45 34.23
C SER D 306 -1.07 17.37 35.24
N GLY D 307 -0.55 16.17 34.99
CA GLY D 307 -0.74 15.05 35.90
C GLY D 307 0.03 15.18 37.20
N ILE D 308 1.17 15.86 37.16
CA ILE D 308 1.91 16.14 38.39
C ILE D 308 1.06 16.94 39.37
N ALA D 309 0.26 17.88 38.87
CA ALA D 309 -0.63 18.63 39.75
C ALA D 309 -1.70 17.76 40.41
N LEU D 310 -2.28 16.79 39.68
CA LEU D 310 -3.20 15.87 40.33
C LEU D 310 -2.52 14.91 41.29
N LEU D 311 -1.28 14.51 40.99
CA LEU D 311 -0.54 13.66 41.92
C LEU D 311 -0.21 14.42 43.20
N LEU D 312 0.19 15.68 43.09
CA LEU D 312 0.33 16.52 44.27
C LEU D 312 -0.99 16.65 45.03
N MET D 313 -2.10 16.79 44.32
CA MET D 313 -3.40 16.84 44.99
C MET D 313 -3.70 15.56 45.75
N LEU D 314 -3.45 14.40 45.14
CA LEU D 314 -3.65 13.12 45.82
C LEU D 314 -2.69 12.93 46.99
N ILE D 315 -1.44 13.36 46.84
CA ILE D 315 -0.50 13.30 47.94
C ILE D 315 -0.96 14.14 49.13
N TRP D 316 -1.56 15.29 48.91
CA TRP D 316 -2.12 16.01 50.04
C TRP D 316 -3.33 15.30 50.66
N TYR D 317 -4.40 15.13 49.90
CA TYR D 317 -5.71 14.96 50.53
C TYR D 317 -6.26 13.53 50.55
N ARG D 318 -5.45 12.51 50.28
CA ARG D 318 -5.81 11.12 50.55
C ARG D 318 -4.84 10.48 51.54
N PRO D 319 -5.28 9.48 52.31
CA PRO D 319 -4.37 8.84 53.29
C PRO D 319 -3.34 7.94 52.62
N VAL D 320 -2.20 7.77 53.29
CA VAL D 320 -1.10 7.01 52.71
C VAL D 320 -1.48 5.55 52.44
N ALA D 321 -2.33 4.97 53.29
CA ALA D 321 -2.80 3.60 53.12
C ALA D 321 -3.71 3.39 51.91
N GLU D 322 -4.17 4.44 51.22
CA GLU D 322 -4.93 4.27 49.99
C GLU D 322 -4.05 4.13 48.75
N PHE D 323 -2.76 4.40 48.83
CA PHE D 323 -1.83 4.10 47.75
C PHE D 323 -1.26 2.68 47.87
N ALA D 324 -0.79 2.16 46.74
CA ALA D 324 -0.16 0.85 46.71
C ALA D 324 1.08 0.80 47.58
N GLN D 325 1.28 -0.35 48.23
CA GLN D 325 2.25 -0.44 49.32
C GLN D 325 3.67 -0.10 48.89
N SER D 326 4.07 -0.49 47.67
CA SER D 326 5.44 -0.27 47.23
C SER D 326 5.80 1.22 47.19
N ILE D 327 4.86 2.07 46.78
CA ILE D 327 5.14 3.50 46.63
C ILE D 327 4.94 4.30 47.91
N GLN D 328 4.33 3.71 48.95
CA GLN D 328 4.05 4.43 50.19
C GLN D 328 5.30 5.01 50.86
N SER D 329 6.46 4.36 50.73
CA SER D 329 7.69 4.92 51.29
C SER D 329 8.10 6.22 50.63
N ARG D 330 7.78 6.38 49.35
CA ARG D 330 8.08 7.62 48.64
C ARG D 330 7.00 8.68 48.87
N ILE D 331 5.76 8.26 49.06
CA ILE D 331 4.67 9.18 49.39
C ILE D 331 4.82 9.78 50.80
N VAL D 332 5.30 9.03 51.78
CA VAL D 332 5.58 9.65 53.08
C VAL D 332 6.70 10.68 52.97
N GLU D 333 7.72 10.42 52.16
CA GLU D 333 8.74 11.43 51.93
C GLU D 333 8.17 12.71 51.32
N TRP D 334 7.26 12.59 50.36
CA TRP D 334 6.64 13.77 49.78
C TRP D 334 5.61 14.42 50.71
N LYS D 335 4.86 13.62 51.46
CA LYS D 335 4.01 14.19 52.50
C LYS D 335 4.79 15.06 53.47
N GLU D 336 5.90 14.54 53.98
CA GLU D 336 6.76 15.31 54.88
C GLU D 336 7.28 16.59 54.22
N ARG D 337 7.77 16.49 52.99
CA ARG D 337 8.28 17.68 52.31
C ARG D 337 7.20 18.75 52.14
N LEU D 338 6.02 18.35 51.67
CA LEU D 338 4.97 19.33 51.42
C LEU D 338 4.42 19.91 52.71
N ASP D 339 4.20 19.07 53.73
CA ASP D 339 3.78 19.58 55.04
C ASP D 339 4.88 20.33 55.77
N LYS D 340 6.14 20.13 55.39
CA LYS D 340 7.21 20.97 55.94
C LYS D 340 7.16 22.38 55.37
N GLU D 341 7.33 22.51 54.07
CA GLU D 341 7.54 23.83 53.48
C GLU D 341 6.23 24.52 53.06
N PHE D 342 5.08 23.89 53.27
CA PHE D 342 3.79 24.59 53.22
C PHE D 342 2.95 24.22 54.43
N SER D 343 1.99 25.09 54.75
CA SER D 343 1.12 24.90 55.91
C SER D 343 -0.34 25.07 55.51
N LEU D 344 -1.22 24.40 56.25
CA LEU D 344 -2.64 24.44 55.96
C LEU D 344 -3.20 25.84 56.06
N SER D 345 -2.59 26.69 56.89
CA SER D 345 -2.89 28.12 56.89
C SER D 345 -2.61 28.75 55.53
N VAL D 346 -1.45 28.44 54.94
CA VAL D 346 -1.14 28.94 53.60
C VAL D 346 -2.07 28.35 52.55
N TYR D 347 -2.36 27.04 52.62
CA TYR D 347 -3.26 26.46 51.64
C TYR D 347 -4.67 27.02 51.71
N GLN D 348 -5.24 27.11 52.91
CA GLN D 348 -6.56 27.73 53.01
C GLN D 348 -6.53 29.20 52.64
N LYS D 349 -5.40 29.89 52.86
CA LYS D 349 -5.25 31.22 52.30
C LYS D 349 -5.27 31.20 50.78
N MET D 350 -4.62 30.22 50.15
CA MET D 350 -4.65 30.13 48.69
C MET D 350 -6.06 29.83 48.18
N LYS D 351 -6.73 28.83 48.75
CA LYS D 351 -8.09 28.55 48.31
C LYS D 351 -9.03 29.69 48.67
N PHE D 352 -8.73 30.42 49.75
CA PHE D 352 -9.39 31.69 50.00
C PHE D 352 -9.12 32.70 48.87
N ASN D 353 -7.86 32.96 48.56
CA ASN D 353 -7.56 33.88 47.46
C ASN D 353 -8.24 33.44 46.17
N VAL D 354 -8.24 32.14 45.91
CA VAL D 354 -8.98 31.59 44.77
C VAL D 354 -10.47 31.92 44.88
N ALA D 355 -11.05 31.69 46.05
CA ALA D 355 -12.45 32.08 46.26
C ALA D 355 -12.67 33.58 46.09
N MET D 356 -11.67 34.41 46.41
CA MET D 356 -11.78 35.85 46.17
C MET D 356 -11.49 36.26 44.73
N GLY D 357 -10.99 35.36 43.90
CA GLY D 357 -10.60 35.67 42.53
C GLY D 357 -9.36 36.51 42.40
N ILE D 358 -8.61 36.72 43.48
CA ILE D 358 -7.39 37.52 43.48
C ILE D 358 -6.20 36.62 43.21
N GLY D 359 -5.01 37.19 43.07
CA GLY D 359 -3.82 36.38 42.84
C GLY D 359 -3.56 35.39 43.98
N VAL D 360 -3.21 34.16 43.60
CA VAL D 360 -3.11 33.07 44.57
C VAL D 360 -1.98 33.33 45.55
N LEU D 361 -0.80 33.68 45.04
CA LEU D 361 0.39 33.78 45.89
C LEU D 361 0.51 35.17 46.52
N ASP D 362 0.69 35.19 47.83
CA ASP D 362 0.83 36.43 48.59
C ASP D 362 1.62 36.19 49.87
N LYS E 1 44.15 0.51 1.69
CA LYS E 1 43.48 1.32 2.71
C LYS E 1 41.97 1.25 2.50
N GLN E 2 41.22 1.19 3.60
CA GLN E 2 39.77 1.15 3.57
C GLN E 2 39.14 2.53 3.65
N VAL E 3 37.86 2.59 3.24
CA VAL E 3 37.06 3.80 3.35
C VAL E 3 36.80 4.11 4.82
N SER E 4 36.98 5.37 5.20
CA SER E 4 36.47 5.85 6.48
C SER E 4 35.01 6.21 6.34
N TRP E 5 34.14 5.39 6.94
CA TRP E 5 32.72 5.69 7.03
C TRP E 5 32.47 6.90 7.92
N LYS E 6 33.36 7.11 8.90
CA LYS E 6 33.27 8.23 9.82
C LYS E 6 33.45 9.57 9.11
N LEU E 7 34.41 9.66 8.19
CA LEU E 7 34.58 10.88 7.41
C LEU E 7 33.35 11.21 6.56
N VAL E 8 32.70 10.21 5.98
CA VAL E 8 31.49 10.47 5.20
C VAL E 8 30.37 10.96 6.09
N THR E 9 30.27 10.43 7.31
CA THR E 9 29.28 10.89 8.26
C THR E 9 29.50 12.33 8.70
N GLU E 10 30.75 12.75 8.91
CA GLU E 10 30.96 14.15 9.28
C GLU E 10 30.78 15.09 8.10
N TYR E 11 31.06 14.65 6.87
CA TYR E 11 30.66 15.45 5.71
C TYR E 11 29.15 15.69 5.69
N ALA E 12 28.37 14.63 5.93
CA ALA E 12 26.92 14.76 5.97
C ALA E 12 26.45 15.64 7.13
N MET E 13 27.03 15.47 8.31
CA MET E 13 26.70 16.32 9.44
C MET E 13 26.97 17.78 9.14
N GLU E 14 28.12 18.08 8.55
CA GLU E 14 28.48 19.46 8.27
C GLU E 14 27.72 20.05 7.10
N THR E 15 27.36 19.26 6.10
CA THR E 15 26.54 19.74 4.99
C THR E 15 25.06 19.68 5.30
N LYS E 16 24.67 18.92 6.33
CA LYS E 16 23.29 18.65 6.73
C LYS E 16 22.44 17.95 5.65
N CYS E 17 23.03 16.97 4.97
CA CYS E 17 22.38 16.22 3.90
C CYS E 17 21.37 15.20 4.43
N ASP E 18 20.09 15.43 4.18
CA ASP E 18 19.04 14.45 4.42
C ASP E 18 18.90 13.40 3.33
N ASP E 19 19.59 13.56 2.21
CA ASP E 19 19.29 12.79 1.01
C ASP E 19 20.48 11.94 0.59
N VAL E 20 20.22 10.64 0.45
CA VAL E 20 21.27 9.66 0.15
C VAL E 20 21.87 9.90 -1.23
N LEU E 21 21.04 10.26 -2.20
CA LEU E 21 21.56 10.52 -3.53
C LEU E 21 22.29 11.85 -3.60
N LEU E 22 21.80 12.88 -2.92
CA LEU E 22 22.54 14.12 -2.84
C LEU E 22 23.90 13.92 -2.19
N LEU E 23 23.94 13.20 -1.06
CA LEU E 23 25.21 12.86 -0.43
C LEU E 23 26.11 12.05 -1.35
N LEU E 24 25.58 11.01 -1.98
CA LEU E 24 26.39 10.15 -2.84
C LEU E 24 26.96 10.94 -4.02
N GLY E 25 26.13 11.74 -4.68
CA GLY E 25 26.59 12.47 -5.84
C GLY E 25 27.66 13.47 -5.47
N MET E 26 27.42 14.22 -4.41
CA MET E 26 28.33 15.28 -4.00
C MET E 26 29.64 14.73 -3.43
N TYR E 27 29.61 13.59 -2.74
CA TYR E 27 30.85 12.98 -2.29
C TYR E 27 31.67 12.40 -3.45
N LEU E 28 31.01 11.81 -4.44
CA LEU E 28 31.72 11.32 -5.62
C LEU E 28 32.42 12.42 -6.40
N GLU E 29 31.95 13.66 -6.30
CA GLU E 29 32.67 14.77 -6.92
C GLU E 29 34.02 15.06 -6.27
N PHE E 30 34.26 14.60 -5.05
CA PHE E 30 35.56 14.77 -4.42
C PHE E 30 36.63 13.79 -4.90
N GLN E 31 36.28 12.82 -5.75
CA GLN E 31 37.26 11.85 -6.20
C GLN E 31 38.30 12.42 -7.16
N TYR E 32 37.97 13.48 -7.89
CA TYR E 32 38.90 14.04 -8.86
C TYR E 32 39.92 14.96 -8.18
N SER E 33 41.09 15.10 -8.80
CA SER E 33 42.20 15.78 -8.16
C SER E 33 41.82 17.19 -7.73
N PHE E 34 42.28 17.57 -6.54
CA PHE E 34 42.00 18.90 -6.00
C PHE E 34 42.66 20.00 -6.82
N GLU E 35 43.88 19.75 -7.30
CA GLU E 35 44.70 20.82 -7.89
C GLU E 35 44.05 21.46 -9.11
N MET E 36 43.36 20.67 -9.92
CA MET E 36 42.78 21.13 -11.18
C MET E 36 41.29 21.42 -11.08
N CYS E 37 40.67 21.25 -9.91
CA CYS E 37 39.22 21.27 -9.80
C CYS E 37 38.60 22.61 -10.15
N LEU E 38 37.86 22.66 -11.26
CA LEU E 38 37.22 23.89 -11.69
C LEU E 38 36.26 24.45 -10.64
N LYS E 39 35.55 23.58 -9.92
CA LYS E 39 34.59 24.07 -8.93
C LYS E 39 35.27 24.78 -7.77
N CYS E 40 36.39 24.24 -7.30
CA CYS E 40 37.16 24.92 -6.25
C CYS E 40 37.83 26.20 -6.77
N ILE E 41 38.20 26.23 -8.04
CA ILE E 41 38.78 27.44 -8.63
C ILE E 41 37.71 28.52 -8.82
N LYS E 42 36.52 28.14 -9.31
CA LYS E 42 35.42 29.09 -9.43
C LYS E 42 34.79 29.47 -8.10
N LYS E 43 34.91 28.62 -7.07
CA LYS E 43 34.26 28.81 -5.78
C LYS E 43 32.75 29.05 -5.87
N GLU E 44 32.10 28.29 -6.76
CA GLU E 44 30.70 28.52 -7.10
C GLU E 44 29.72 27.90 -6.09
N GLN E 45 30.06 26.79 -5.45
CA GLN E 45 29.16 26.12 -4.50
C GLN E 45 29.88 25.82 -3.19
N PRO E 46 29.41 26.36 -2.05
CA PRO E 46 30.19 26.24 -0.81
C PRO E 46 30.28 24.83 -0.28
N SER E 47 29.25 24.02 -0.46
CA SER E 47 29.27 22.63 -0.03
C SER E 47 30.33 21.82 -0.75
N HIS E 48 30.83 22.31 -1.86
CA HIS E 48 31.96 21.67 -2.53
C HIS E 48 33.29 22.27 -2.11
N TYR E 49 33.47 23.58 -2.33
CA TYR E 49 34.80 24.15 -2.25
C TYR E 49 35.38 24.15 -0.83
N LYS E 50 34.54 24.19 0.21
CA LYS E 50 35.09 24.10 1.57
C LYS E 50 35.66 22.73 1.89
N TYR E 51 35.12 21.66 1.30
CA TYR E 51 35.33 20.31 1.80
C TYR E 51 36.17 19.41 0.91
N HIS E 52 36.29 19.71 -0.37
CA HIS E 52 36.99 18.83 -1.31
C HIS E 52 38.42 18.50 -0.86
N GLU E 53 39.19 19.48 -0.42
CA GLU E 53 40.57 19.20 -0.03
C GLU E 53 40.65 18.23 1.14
N LYS E 54 39.78 18.37 2.12
CA LYS E 54 39.77 17.45 3.26
C LYS E 54 39.45 16.02 2.85
N HIS E 55 38.48 15.83 1.96
CA HIS E 55 37.94 14.51 1.67
C HIS E 55 38.53 13.79 0.46
N TYR E 56 39.38 14.45 -0.33
CA TYR E 56 39.92 13.84 -1.55
C TYR E 56 40.46 12.42 -1.33
N ALA E 57 41.23 12.22 -0.26
CA ALA E 57 41.80 10.90 0.02
C ALA E 57 40.72 9.85 0.25
N ASN E 58 39.71 10.18 1.04
CA ASN E 58 38.62 9.25 1.33
C ASN E 58 37.74 9.03 0.11
N ALA E 59 37.46 10.09 -0.65
CA ALA E 59 36.60 9.98 -1.82
C ALA E 59 37.18 9.11 -2.93
N ALA E 60 38.49 9.11 -3.11
CA ALA E 60 39.09 8.19 -4.07
C ALA E 60 38.88 6.73 -3.68
N ILE E 61 39.08 6.39 -2.40
CA ILE E 61 38.83 5.02 -1.96
C ILE E 61 37.35 4.70 -2.00
N PHE E 62 36.50 5.67 -1.65
CA PHE E 62 35.05 5.48 -1.72
C PHE E 62 34.56 5.20 -3.14
N ALA E 63 35.17 5.84 -4.13
CA ALA E 63 34.88 5.53 -5.53
C ALA E 63 35.22 4.10 -5.93
N ASP E 64 36.20 3.46 -5.28
CA ASP E 64 36.48 2.05 -5.53
C ASP E 64 35.60 1.09 -4.73
N SER E 65 34.75 1.59 -3.85
CA SER E 65 34.00 0.75 -2.92
C SER E 65 32.78 0.07 -3.56
N LYS E 66 32.49 -1.13 -3.07
CA LYS E 66 31.30 -1.88 -3.44
C LYS E 66 30.08 -1.57 -2.57
N ASN E 67 30.27 -0.89 -1.44
CA ASN E 67 29.23 -0.64 -0.44
C ASN E 67 28.55 0.73 -0.56
N GLN E 68 28.84 1.51 -1.60
CA GLN E 68 28.68 2.97 -1.55
C GLN E 68 27.35 3.43 -0.96
N LYS E 69 26.24 2.86 -1.39
CA LYS E 69 24.93 3.31 -0.90
C LYS E 69 24.70 3.00 0.57
N THR E 70 25.26 1.89 1.07
CA THR E 70 25.19 1.58 2.49
C THR E 70 26.00 2.58 3.32
N ILE E 71 27.18 2.96 2.84
CA ILE E 71 27.97 3.99 3.50
C ILE E 71 27.18 5.29 3.61
N CYS E 72 26.55 5.71 2.52
CA CYS E 72 25.74 6.93 2.53
C CYS E 72 24.50 6.81 3.40
N GLN E 73 23.87 5.63 3.45
CA GLN E 73 22.68 5.47 4.30
C GLN E 73 22.99 5.68 5.78
N GLN E 74 24.10 5.12 6.27
CA GLN E 74 24.46 5.32 7.67
C GLN E 74 24.71 6.79 7.99
N ALA E 75 25.36 7.50 7.06
CA ALA E 75 25.60 8.93 7.22
C ALA E 75 24.30 9.73 7.27
N VAL E 76 23.37 9.46 6.35
CA VAL E 76 22.09 10.17 6.34
C VAL E 76 21.29 9.87 7.60
N ASP E 77 21.29 8.63 8.06
CA ASP E 77 20.62 8.32 9.31
C ASP E 77 21.25 9.00 10.52
N THR E 78 22.57 9.22 10.51
CA THR E 78 23.18 10.04 11.56
C THR E 78 22.68 11.48 11.55
N VAL E 79 22.51 12.06 10.36
CA VAL E 79 21.94 13.41 10.26
C VAL E 79 20.48 13.44 10.71
N LEU E 80 19.69 12.44 10.30
CA LEU E 80 18.30 12.37 10.76
C LEU E 80 18.20 12.13 12.25
N ALA E 81 19.08 11.30 12.81
CA ALA E 81 19.12 11.10 14.26
C ALA E 81 19.43 12.39 15.01
N LYS E 82 20.40 13.16 14.53
CA LYS E 82 20.70 14.46 15.12
C LYS E 82 19.47 15.38 15.13
N LYS E 83 18.75 15.44 14.01
CA LYS E 83 17.53 16.24 13.95
C LYS E 83 16.46 15.75 14.93
N ARG E 84 16.29 14.44 15.06
CA ARG E 84 15.33 13.88 16.01
C ARG E 84 15.67 14.24 17.46
N VAL E 85 16.94 14.08 17.83
CA VAL E 85 17.39 14.49 19.17
C VAL E 85 17.16 15.98 19.40
N ASP E 86 17.54 16.81 18.44
CA ASP E 86 17.32 18.25 18.59
C ASP E 86 15.85 18.61 18.72
N SER E 87 15.00 18.01 17.89
CA SER E 87 13.57 18.31 17.95
C SER E 87 12.98 18.05 19.34
N LEU E 88 13.46 17.01 20.01
CA LEU E 88 12.96 16.65 21.32
C LEU E 88 13.61 17.40 22.47
N GLN E 89 14.90 17.76 22.34
CA GLN E 89 15.66 18.29 23.47
C GLN E 89 15.91 19.79 23.44
N LEU E 90 15.96 20.44 22.28
CA LEU E 90 16.24 21.88 22.24
C LEU E 90 15.09 22.69 22.83
N THR E 91 15.43 23.78 23.49
CA THR E 91 14.43 24.80 23.78
C THR E 91 14.17 25.63 22.53
N ARG E 92 12.97 26.20 22.46
CA ARG E 92 12.56 26.99 21.30
C ARG E 92 13.52 28.15 20.99
N GLU E 93 14.12 28.75 22.02
CA GLU E 93 15.11 29.80 21.81
C GLU E 93 16.34 29.31 21.07
N GLN E 94 16.81 28.11 21.42
CA GLN E 94 17.94 27.51 20.71
C GLN E 94 17.57 27.15 19.29
N MET E 95 16.37 26.61 19.08
CA MET E 95 15.90 26.33 17.72
C MET E 95 15.94 27.58 16.85
N LEU E 96 15.39 28.69 17.35
CA LEU E 96 15.36 29.92 16.57
C LEU E 96 16.76 30.48 16.37
N THR E 97 17.60 30.39 17.39
CA THR E 97 18.99 30.80 17.26
C THR E 97 19.71 29.96 16.22
N ASN E 98 19.48 28.65 16.20
CA ASN E 98 20.07 27.82 15.17
C ASN E 98 19.63 28.25 13.77
N ARG E 99 18.36 28.59 13.60
CA ARG E 99 17.91 29.07 12.29
C ARG E 99 18.50 30.42 11.92
N PHE E 100 18.64 31.34 12.89
CA PHE E 100 19.33 32.60 12.58
C PHE E 100 20.76 32.36 12.14
N ASN E 101 21.45 31.42 12.77
CA ASN E 101 22.82 31.09 12.37
C ASN E 101 22.87 30.55 10.94
N ASP E 102 21.93 29.69 10.57
CA ASP E 102 21.84 29.25 9.18
C ASP E 102 21.60 30.41 8.23
N LEU E 103 20.71 31.34 8.59
CA LEU E 103 20.46 32.51 7.76
C LEU E 103 21.69 33.42 7.66
N LEU E 104 22.40 33.62 8.76
CA LEU E 104 23.58 34.47 8.74
C LEU E 104 24.71 33.87 7.91
N ASP E 105 24.89 32.55 7.95
CA ASP E 105 25.84 31.91 7.04
C ASP E 105 25.50 32.23 5.59
N ARG E 106 24.23 32.08 5.25
CA ARG E 106 23.74 32.34 3.91
C ARG E 106 23.92 33.81 3.51
N MET E 107 23.72 34.72 4.46
CA MET E 107 24.04 36.13 4.25
C MET E 107 25.52 36.39 4.05
N ASP E 108 26.38 35.79 4.89
CA ASP E 108 27.82 35.94 4.69
C ASP E 108 28.25 35.53 3.29
N ILE E 109 27.72 34.42 2.79
CA ILE E 109 28.04 33.98 1.44
C ILE E 109 27.57 35.00 0.39
N MET E 110 26.30 35.41 0.45
CA MET E 110 25.78 36.25 -0.63
C MET E 110 26.26 37.69 -0.57
N PHE E 111 26.62 38.20 0.61
CA PHE E 111 27.13 39.56 0.72
C PHE E 111 28.65 39.66 0.82
N GLY E 112 29.35 38.56 1.04
CA GLY E 112 30.80 38.56 0.88
C GLY E 112 31.23 38.77 -0.57
N SER E 113 32.53 39.01 -0.75
CA SER E 113 33.06 39.36 -2.07
C SER E 113 32.89 38.22 -3.07
N THR E 114 32.69 37.00 -2.62
CA THR E 114 32.42 35.88 -3.51
C THR E 114 30.95 35.82 -3.94
N GLY E 115 30.08 36.53 -3.24
CA GLY E 115 28.66 36.49 -3.48
C GLY E 115 28.21 37.35 -4.64
N SER E 116 26.88 37.45 -4.76
CA SER E 116 26.23 38.10 -5.89
C SER E 116 25.08 39.01 -5.47
N ALA E 117 24.92 39.29 -4.18
CA ALA E 117 23.81 40.11 -3.69
C ALA E 117 24.29 41.53 -3.40
N ASP E 118 23.57 42.51 -3.94
CA ASP E 118 23.81 43.93 -3.65
C ASP E 118 23.15 44.31 -2.32
N ILE E 119 23.97 44.61 -1.32
CA ILE E 119 23.48 44.99 0.00
C ILE E 119 22.56 46.22 -0.05
N GLU E 120 22.76 47.11 -1.01
CA GLU E 120 21.92 48.31 -1.11
C GLU E 120 20.51 47.98 -1.57
N GLU E 121 20.37 47.04 -2.50
CA GLU E 121 19.05 46.61 -2.93
C GLU E 121 18.31 45.87 -1.81
N TRP E 122 19.03 45.09 -1.03
CA TRP E 122 18.42 44.41 0.12
C TRP E 122 18.03 45.37 1.24
N MET E 123 18.86 46.38 1.54
CA MET E 123 18.43 47.42 2.49
C MET E 123 17.31 48.29 1.96
N ALA E 124 17.19 48.46 0.64
CA ALA E 124 15.98 49.08 0.10
C ALA E 124 14.74 48.25 0.42
N GLY E 125 14.87 46.92 0.41
CA GLY E 125 13.78 46.07 0.86
C GLY E 125 13.40 46.32 2.31
N VAL E 126 14.38 46.47 3.18
CA VAL E 126 14.11 46.83 4.57
C VAL E 126 13.32 48.12 4.67
N ALA E 127 13.68 49.13 3.88
CA ALA E 127 12.93 50.38 3.90
C ALA E 127 11.48 50.20 3.43
N TRP E 128 11.26 49.44 2.36
CA TRP E 128 9.89 49.20 1.90
C TRP E 128 9.10 48.39 2.92
N LEU E 129 9.70 47.33 3.47
CA LEU E 129 9.00 46.56 4.49
C LEU E 129 8.68 47.40 5.73
N HIS E 130 9.59 48.27 6.14
CA HIS E 130 9.31 49.10 7.32
C HIS E 130 8.12 50.03 7.12
N CYS E 131 7.87 50.49 5.89
CA CYS E 131 6.72 51.34 5.62
C CYS E 131 5.40 50.60 5.53
N LEU E 132 5.43 49.27 5.49
CA LEU E 132 4.19 48.51 5.36
C LEU E 132 3.31 48.64 6.61
N LEU E 133 3.88 48.47 7.79
CA LEU E 133 3.13 48.61 9.03
C LEU E 133 3.78 49.65 9.94
N PRO E 134 3.00 50.39 10.72
CA PRO E 134 3.59 51.19 11.80
C PRO E 134 4.45 50.34 12.72
N LYS E 135 5.63 50.86 13.08
CA LYS E 135 6.54 50.22 14.02
C LYS E 135 6.84 48.77 13.63
N MET E 136 7.14 48.57 12.36
CA MET E 136 7.33 47.22 11.81
C MET E 136 8.39 46.41 12.56
N ASP E 137 9.51 47.04 12.96
CA ASP E 137 10.56 46.27 13.63
C ASP E 137 10.14 45.79 15.02
N SER E 138 9.37 46.58 15.76
CA SER E 138 8.81 46.10 17.01
C SER E 138 7.76 45.02 16.77
N VAL E 139 6.96 45.16 15.73
CA VAL E 139 5.99 44.11 15.37
C VAL E 139 6.71 42.80 15.09
N VAL E 140 7.78 42.83 14.29
CA VAL E 140 8.52 41.61 13.99
C VAL E 140 9.14 41.02 15.25
N TYR E 141 9.74 41.87 16.08
CA TYR E 141 10.37 41.40 17.32
C TYR E 141 9.36 40.83 18.30
N ASP E 142 8.21 41.47 18.45
CA ASP E 142 7.16 40.93 19.32
C ASP E 142 6.59 39.63 18.78
N PHE E 143 6.47 39.50 17.46
CA PHE E 143 6.08 38.21 16.89
C PHE E 143 7.08 37.11 17.22
N LEU E 144 8.36 37.35 16.99
CA LEU E 144 9.39 36.38 17.34
C LEU E 144 9.30 35.94 18.80
N LYS E 145 9.20 36.91 19.72
CA LYS E 145 9.04 36.59 21.13
C LYS E 145 7.83 35.69 21.38
N CYS E 146 6.70 36.05 20.78
CA CYS E 146 5.47 35.27 20.94
C CYS E 146 5.65 33.82 20.46
N MET E 147 6.25 33.64 19.28
CA MET E 147 6.50 32.29 18.78
C MET E 147 7.50 31.53 19.65
N VAL E 148 8.50 32.22 20.19
CA VAL E 148 9.46 31.57 21.08
C VAL E 148 8.82 31.14 22.39
N TYR E 149 8.03 32.02 23.03
CA TYR E 149 7.47 31.66 24.33
C TYR E 149 6.32 30.66 24.23
N ASN E 150 5.57 30.65 23.13
CA ASN E 150 4.56 29.61 22.89
C ASN E 150 3.56 29.48 24.05
N ILE E 151 3.21 30.61 24.65
CA ILE E 151 2.34 30.65 25.83
C ILE E 151 0.90 30.32 25.44
N PRO E 152 0.24 29.35 26.07
CA PRO E 152 -1.17 29.05 25.77
C PRO E 152 -2.08 30.27 25.72
N LYS E 153 -3.06 30.21 24.81
CA LYS E 153 -3.93 31.32 24.39
C LYS E 153 -3.19 32.42 23.66
N LYS E 154 -2.06 32.86 24.20
CA LYS E 154 -1.30 33.98 23.65
C LYS E 154 -0.39 33.56 22.50
N ARG E 155 -0.92 32.86 21.49
CA ARG E 155 -0.09 32.18 20.50
C ARG E 155 -0.31 32.59 19.05
N TYR E 156 -1.49 33.04 18.66
CA TYR E 156 -1.82 33.26 17.26
C TYR E 156 -2.14 34.72 16.96
N TRP E 157 -1.68 35.18 15.80
CA TRP E 157 -1.84 36.55 15.32
C TRP E 157 -2.71 36.58 14.07
N LEU E 158 -3.50 37.64 13.93
CA LEU E 158 -4.43 37.82 12.81
C LEU E 158 -3.96 38.94 11.88
N PHE E 159 -3.71 38.58 10.62
CA PHE E 159 -3.40 39.54 9.54
C PHE E 159 -4.66 39.76 8.71
N LYS E 160 -5.16 40.98 8.69
CA LYS E 160 -6.49 41.27 8.15
C LYS E 160 -6.40 42.39 7.14
N GLY E 161 -7.01 42.22 5.97
CA GLY E 161 -7.12 43.31 5.03
C GLY E 161 -7.35 42.96 3.58
N PRO E 162 -7.62 43.99 2.75
CA PRO E 162 -7.94 43.78 1.34
C PRO E 162 -6.94 42.99 0.51
N ILE E 163 -7.36 42.63 -0.70
CA ILE E 163 -6.46 42.06 -1.70
C ILE E 163 -5.32 43.02 -2.03
N ASP E 164 -4.14 42.46 -2.25
CA ASP E 164 -2.90 43.22 -2.48
C ASP E 164 -2.60 44.22 -1.38
N SER E 165 -2.54 43.72 -0.14
CA SER E 165 -2.17 44.54 1.01
C SER E 165 -0.93 44.05 1.74
N GLY E 166 -0.28 42.99 1.26
CA GLY E 166 0.99 42.54 1.82
C GLY E 166 0.89 41.38 2.79
N LYS E 167 -0.27 40.75 2.93
CA LYS E 167 -0.45 39.70 3.93
C LYS E 167 0.44 38.49 3.64
N THR E 168 0.30 37.91 2.44
CA THR E 168 1.17 36.81 2.05
C THR E 168 2.64 37.22 2.03
N THR E 169 2.92 38.47 1.66
CA THR E 169 4.31 38.95 1.66
C THR E 169 4.94 38.84 3.05
N LEU E 170 4.31 39.44 4.06
CA LEU E 170 4.91 39.37 5.41
C LEU E 170 4.86 37.96 5.98
N ALA E 171 3.80 37.20 5.70
CA ALA E 171 3.70 35.82 6.16
C ALA E 171 4.79 34.93 5.55
N ALA E 172 5.02 35.05 4.25
CA ALA E 172 6.09 34.29 3.61
C ALA E 172 7.47 34.68 4.13
N ALA E 173 7.68 35.96 4.42
CA ALA E 173 8.94 36.38 5.02
C ALA E 173 9.11 35.82 6.43
N LEU E 174 8.05 35.84 7.23
CA LEU E 174 8.11 35.28 8.58
C LEU E 174 8.27 33.77 8.58
N LEU E 175 7.70 33.08 7.60
CA LEU E 175 7.98 31.65 7.46
C LEU E 175 9.45 31.36 7.18
N GLU E 176 10.07 32.12 6.29
CA GLU E 176 11.49 31.87 6.01
C GLU E 176 12.35 32.23 7.21
N LEU E 177 11.99 33.27 7.94
CA LEU E 177 12.76 33.67 9.11
C LEU E 177 12.68 32.62 10.21
N CYS E 178 11.46 32.25 10.62
CA CYS E 178 11.29 31.36 11.75
C CYS E 178 11.33 29.89 11.37
N GLY E 179 11.00 29.55 10.13
CA GLY E 179 10.81 28.18 9.72
C GLY E 179 9.39 27.71 9.98
N GLY E 180 8.78 27.07 9.00
CA GLY E 180 7.42 26.62 9.15
C GLY E 180 6.81 26.26 7.81
N LYS E 181 5.52 25.94 7.84
CA LYS E 181 4.77 25.52 6.67
C LYS E 181 3.45 26.28 6.59
N ALA E 182 2.96 26.47 5.38
CA ALA E 182 1.63 27.03 5.17
C ALA E 182 0.54 25.96 5.24
N LEU E 183 -0.65 26.36 5.67
CA LEU E 183 -1.79 25.46 5.80
C LEU E 183 -3.01 26.02 5.10
N ASN E 184 -3.63 25.20 4.25
CA ASN E 184 -4.85 25.54 3.49
C ASN E 184 -6.10 24.93 4.14
N VAL E 185 -6.61 25.61 5.17
CA VAL E 185 -7.81 25.11 5.87
C VAL E 185 -9.12 25.39 5.15
N ASN E 186 -9.07 25.90 3.93
CA ASN E 186 -10.30 26.08 3.15
C ASN E 186 -10.89 24.77 2.63
N LEU E 187 -10.17 23.66 2.77
CA LEU E 187 -10.66 22.35 2.38
C LEU E 187 -11.95 21.97 3.09
N PRO E 188 -12.67 20.97 2.57
CA PRO E 188 -13.73 20.34 3.37
C PRO E 188 -13.17 19.68 4.62
N LEU E 189 -14.04 19.52 5.61
CA LEU E 189 -13.63 19.07 6.93
C LEU E 189 -13.04 17.66 6.95
N ASP E 190 -13.24 16.83 5.93
CA ASP E 190 -12.69 15.47 5.97
C ASP E 190 -11.20 15.40 5.59
N ARG E 191 -10.83 15.91 4.42
CA ARG E 191 -9.43 15.86 3.98
C ARG E 191 -8.53 16.82 4.75
N LEU E 192 -9.12 17.72 5.53
CA LEU E 192 -8.38 18.62 6.40
C LEU E 192 -7.34 17.94 7.30
N ASN E 193 -7.55 16.68 7.67
CA ASN E 193 -6.65 16.02 8.61
C ASN E 193 -5.25 15.76 8.05
N PHE E 194 -5.14 15.33 6.80
CA PHE E 194 -3.82 15.26 6.16
C PHE E 194 -3.22 16.64 5.91
N GLU E 195 -4.04 17.67 5.76
CA GLU E 195 -3.52 19.03 5.64
C GLU E 195 -2.86 19.50 6.93
N LEU E 196 -3.55 19.39 8.06
CA LEU E 196 -2.96 19.71 9.35
C LEU E 196 -1.72 18.87 9.65
N GLY E 197 -1.59 17.70 9.04
CA GLY E 197 -0.43 16.84 9.21
C GLY E 197 0.92 17.42 8.80
N VAL E 198 0.95 18.41 7.90
CA VAL E 198 2.25 18.99 7.54
C VAL E 198 2.86 19.82 8.65
N ALA E 199 2.07 20.16 9.68
CA ALA E 199 2.54 20.87 10.86
C ALA E 199 3.43 20.03 11.78
N ILE E 200 3.60 18.74 11.51
CA ILE E 200 4.41 17.88 12.39
C ILE E 200 5.85 18.39 12.47
N ASP E 201 6.29 18.69 13.70
CA ASP E 201 7.63 19.17 14.06
C ASP E 201 8.00 20.53 13.46
N GLN E 202 7.05 21.32 12.98
CA GLN E 202 7.35 22.65 12.47
C GLN E 202 7.37 23.67 13.59
N PHE E 203 8.16 24.72 13.41
CA PHE E 203 8.21 25.80 14.40
C PHE E 203 6.99 26.72 14.30
N LEU E 204 6.70 27.30 13.13
CA LEU E 204 5.45 27.98 12.86
C LEU E 204 4.52 27.14 11.98
N VAL E 205 3.25 27.57 11.93
CA VAL E 205 2.38 27.36 10.77
C VAL E 205 1.62 28.63 10.46
N VAL E 206 1.27 28.78 9.18
CA VAL E 206 0.51 29.93 8.69
C VAL E 206 -0.76 29.43 8.05
N PHE E 207 -1.91 29.90 8.53
CA PHE E 207 -3.19 29.65 7.90
C PHE E 207 -3.44 30.71 6.82
N GLU E 208 -2.93 30.41 5.63
CA GLU E 208 -2.95 31.35 4.52
C GLU E 208 -4.31 31.45 3.84
N ASP E 209 -4.70 32.68 3.55
CA ASP E 209 -5.91 33.01 2.77
C ASP E 209 -7.14 32.19 3.17
N VAL E 210 -7.53 32.27 4.44
CA VAL E 210 -8.74 31.59 4.88
C VAL E 210 -9.97 32.35 4.42
N LYS E 211 -10.91 31.65 3.80
CA LYS E 211 -12.16 32.20 3.31
C LYS E 211 -13.27 32.05 4.34
N GLY E 212 -13.99 33.13 4.59
CA GLY E 212 -15.18 33.10 5.43
C GLY E 212 -16.45 32.77 4.68
N THR E 213 -17.57 33.23 5.23
CA THR E 213 -18.83 33.25 4.52
C THR E 213 -19.62 34.46 4.98
N GLY E 214 -20.57 34.89 4.14
CA GLY E 214 -21.19 36.20 4.31
C GLY E 214 -20.26 37.34 3.92
N GLY E 215 -20.80 38.55 3.86
CA GLY E 215 -20.08 39.67 3.28
C GLY E 215 -19.84 39.54 1.79
N GLU E 216 -20.48 38.57 1.14
CA GLU E 216 -20.29 38.33 -0.29
C GLU E 216 -20.70 39.53 -1.13
N SER E 217 -21.57 40.40 -0.61
CA SER E 217 -21.87 41.66 -1.28
C SER E 217 -20.63 42.51 -1.49
N ARG E 218 -19.57 42.27 -0.71
CA ARG E 218 -18.29 42.92 -0.91
C ARG E 218 -17.47 42.26 -2.03
N ASP E 219 -18.07 41.35 -2.78
CA ASP E 219 -17.38 40.51 -3.76
C ASP E 219 -16.28 39.66 -3.12
N LEU E 220 -16.60 39.04 -1.99
CA LEU E 220 -15.70 38.12 -1.31
C LEU E 220 -16.18 36.68 -1.50
N PRO E 221 -15.37 35.77 -2.05
CA PRO E 221 -15.79 34.37 -2.14
C PRO E 221 -16.12 33.78 -0.77
N SER E 222 -17.27 33.13 -0.68
CA SER E 222 -17.61 32.33 0.48
C SER E 222 -16.87 31.00 0.47
N GLY E 223 -16.58 30.48 1.65
CA GLY E 223 -15.81 29.24 1.77
C GLY E 223 -15.90 28.67 3.16
N GLN E 224 -15.16 27.57 3.36
CA GLN E 224 -15.29 26.76 4.57
C GLN E 224 -14.26 27.06 5.65
N GLY E 225 -13.29 27.93 5.39
CA GLY E 225 -12.15 28.08 6.28
C GLY E 225 -12.43 28.52 7.70
N ILE E 226 -13.10 29.67 7.87
CA ILE E 226 -13.25 30.28 9.19
C ILE E 226 -14.08 29.41 10.12
N ASN E 227 -15.12 28.75 9.61
CA ASN E 227 -15.87 27.81 10.43
C ASN E 227 -15.07 26.55 10.76
N ASN E 228 -14.15 26.11 9.89
CA ASN E 228 -13.18 25.10 10.30
C ASN E 228 -12.29 25.57 11.46
N LEU E 229 -11.92 26.85 11.52
CA LEU E 229 -11.05 27.31 12.60
C LEU E 229 -11.73 27.30 13.97
N ASP E 230 -13.02 27.63 14.05
CA ASP E 230 -13.67 27.56 15.35
C ASP E 230 -13.83 26.12 15.80
N ASN E 231 -13.98 25.19 14.85
CA ASN E 231 -13.93 23.77 15.16
C ASN E 231 -12.57 23.32 15.68
N LEU E 232 -11.48 23.90 15.17
CA LEU E 232 -10.11 23.57 15.57
C LEU E 232 -9.63 24.30 16.84
N ARG E 233 -10.51 24.75 17.74
CA ARG E 233 -10.11 25.53 18.92
C ARG E 233 -8.86 25.02 19.64
N ASP E 234 -8.85 23.74 19.99
CA ASP E 234 -7.80 23.22 20.86
C ASP E 234 -6.45 23.13 20.18
N TYR E 235 -6.42 23.05 18.84
CA TYR E 235 -5.18 23.20 18.11
C TYR E 235 -4.59 24.60 18.26
N LEU E 236 -5.44 25.64 18.29
CA LEU E 236 -4.94 27.00 18.47
C LEU E 236 -4.54 27.31 19.91
N ASP E 237 -5.37 26.93 20.89
CA ASP E 237 -5.14 27.35 22.28
C ASP E 237 -3.82 26.83 22.85
N GLY E 238 -3.40 25.64 22.46
CA GLY E 238 -2.08 25.16 22.82
C GLY E 238 -1.93 24.75 24.27
N SER E 239 -3.03 24.66 25.00
CA SER E 239 -2.98 24.18 26.38
C SER E 239 -2.64 22.70 26.45
N VAL E 240 -3.10 21.89 25.50
CA VAL E 240 -2.95 20.44 25.54
C VAL E 240 -2.61 19.90 24.16
N LYS E 241 -2.24 18.62 24.14
CA LYS E 241 -1.65 17.96 22.99
C LYS E 241 -2.72 17.43 22.02
N VAL E 242 -2.39 17.46 20.73
CA VAL E 242 -3.27 17.00 19.65
C VAL E 242 -2.56 15.94 18.82
N ASN E 243 -3.36 15.13 18.13
CA ASN E 243 -2.86 14.06 17.28
C ASN E 243 -2.89 14.45 15.81
N LEU E 244 -1.77 14.24 15.12
CA LEU E 244 -1.56 14.66 13.73
C LEU E 244 -1.18 13.47 12.85
N GLU E 245 -1.57 13.53 11.57
CA GLU E 245 -1.47 12.38 10.65
C GLU E 245 -0.79 12.76 9.33
N LYS E 246 0.21 11.98 8.94
CA LYS E 246 0.88 12.10 7.65
C LYS E 246 0.60 10.88 6.77
N LYS E 247 0.75 11.08 5.45
CA LYS E 247 0.71 9.97 4.49
C LYS E 247 1.75 8.89 4.77
N HIS E 248 1.29 7.63 4.75
CA HIS E 248 2.00 6.41 5.12
C HIS E 248 2.56 6.39 6.55
N LEU E 249 2.13 7.29 7.43
CA LEU E 249 2.66 7.34 8.79
C LEU E 249 1.52 7.39 9.80
N ASN E 250 1.71 6.66 10.92
CA ASN E 250 0.75 6.61 12.03
C ASN E 250 0.83 7.86 12.91
N LYS E 251 -0.28 8.14 13.60
CA LYS E 251 -0.47 9.44 14.24
C LYS E 251 0.55 9.76 15.33
N ARG E 252 0.96 11.03 15.38
CA ARG E 252 1.89 11.55 16.38
C ARG E 252 1.21 12.64 17.22
N THR E 253 1.60 12.72 18.49
CA THR E 253 0.98 13.61 19.47
C THR E 253 1.92 14.76 19.83
N GLN E 254 1.45 16.00 19.68
CA GLN E 254 2.25 17.15 20.10
C GLN E 254 1.36 18.38 20.33
N ILE E 255 1.95 19.42 20.92
CA ILE E 255 1.32 20.73 21.02
C ILE E 255 1.47 21.49 19.70
N PHE E 256 0.35 21.84 19.10
CA PHE E 256 0.33 22.34 17.72
C PHE E 256 1.07 23.68 17.60
N PRO E 257 1.87 23.87 16.55
CA PRO E 257 2.70 25.07 16.45
C PRO E 257 1.90 26.36 16.53
N PRO E 258 2.49 27.43 17.07
CA PRO E 258 1.90 28.78 17.00
C PRO E 258 2.00 29.33 15.58
N GLY E 259 1.36 30.47 15.31
CA GLY E 259 1.28 30.89 13.92
C GLY E 259 0.45 32.13 13.64
N ILE E 260 0.18 32.30 12.34
CA ILE E 260 -0.44 33.49 11.75
C ILE E 260 -1.70 33.07 11.00
N VAL E 261 -2.78 33.83 11.18
CA VAL E 261 -3.98 33.72 10.36
C VAL E 261 -4.07 34.93 9.44
N THR E 262 -4.18 34.69 8.14
CA THR E 262 -4.32 35.75 7.14
C THR E 262 -5.68 35.65 6.46
N MET E 263 -6.43 36.76 6.42
CA MET E 263 -7.74 36.75 5.78
C MET E 263 -8.07 38.11 5.18
N ASN E 264 -8.95 38.09 4.18
CA ASN E 264 -9.71 39.26 3.79
C ASN E 264 -10.75 39.58 4.86
N GLU E 265 -11.39 40.74 4.72
CA GLU E 265 -12.19 41.30 5.82
C GLU E 265 -13.53 40.62 6.06
N TYR E 266 -13.58 39.30 6.06
CA TYR E 266 -14.74 38.58 6.56
C TYR E 266 -14.96 38.86 8.05
N SER E 267 -16.22 38.80 8.48
CA SER E 267 -16.53 38.94 9.91
C SER E 267 -16.05 37.72 10.68
N VAL E 268 -15.50 37.96 11.87
CA VAL E 268 -15.03 36.87 12.72
C VAL E 268 -16.03 36.54 13.83
N PRO E 269 -16.30 35.26 14.11
CA PRO E 269 -16.94 34.90 15.38
C PRO E 269 -16.14 35.44 16.57
N LYS E 270 -16.87 35.91 17.57
CA LYS E 270 -16.22 36.46 18.77
C LYS E 270 -15.36 35.42 19.49
N THR E 271 -15.80 34.15 19.49
CA THR E 271 -15.00 33.07 20.06
C THR E 271 -13.66 32.93 19.37
N LEU E 272 -13.66 32.93 18.04
CA LEU E 272 -12.41 32.85 17.28
C LEU E 272 -11.57 34.10 17.45
N GLN E 273 -12.20 35.28 17.48
CA GLN E 273 -11.47 36.51 17.75
C GLN E 273 -10.74 36.48 19.09
N ALA E 274 -11.34 35.88 20.12
CA ALA E 274 -10.66 35.73 21.40
C ALA E 274 -9.49 34.75 21.38
N ARG E 275 -9.30 33.94 20.34
CA ARG E 275 -8.08 33.16 20.22
C ARG E 275 -6.86 34.01 19.86
N PHE E 276 -7.05 35.13 19.18
CA PHE E 276 -5.95 35.92 18.66
C PHE E 276 -5.53 36.98 19.66
N VAL E 277 -4.22 37.07 19.90
CA VAL E 277 -3.70 38.03 20.86
C VAL E 277 -3.44 39.40 20.23
N LYS E 278 -3.09 39.44 18.95
CA LYS E 278 -2.89 40.71 18.26
C LYS E 278 -3.51 40.62 16.88
N GLN E 279 -4.23 41.67 16.49
CA GLN E 279 -4.72 41.84 15.13
C GLN E 279 -3.94 42.96 14.46
N ILE E 280 -3.36 42.65 13.31
CA ILE E 280 -2.63 43.60 12.49
C ILE E 280 -3.45 43.88 11.24
N ASP E 281 -3.84 45.14 11.07
CA ASP E 281 -4.59 45.56 9.90
C ASP E 281 -3.65 45.96 8.77
N PHE E 282 -3.82 45.36 7.60
CA PHE E 282 -3.05 45.67 6.41
C PHE E 282 -3.92 46.46 5.45
N ARG E 283 -3.55 47.72 5.22
CA ARG E 283 -4.29 48.62 4.36
C ARG E 283 -3.47 48.97 3.12
N PRO E 284 -4.05 48.94 1.91
CA PRO E 284 -3.30 49.36 0.72
C PRO E 284 -2.79 50.79 0.84
N LYS E 285 -1.52 50.98 0.51
CA LYS E 285 -0.92 52.30 0.39
C LYS E 285 -0.49 52.51 -1.04
N ASP E 286 -1.01 53.56 -1.67
CA ASP E 286 -0.65 53.86 -3.05
C ASP E 286 0.83 54.18 -3.22
N TYR E 287 1.47 54.79 -2.21
CA TYR E 287 2.90 55.08 -2.36
C TYR E 287 3.75 53.82 -2.40
N LEU E 288 3.40 52.78 -1.66
CA LEU E 288 4.09 51.50 -1.82
C LEU E 288 3.88 50.91 -3.22
N LYS E 289 2.69 51.08 -3.78
CA LYS E 289 2.42 50.64 -5.14
C LYS E 289 3.29 51.36 -6.17
N HIS E 290 3.32 52.70 -6.12
CA HIS E 290 4.14 53.45 -7.05
C HIS E 290 5.64 53.29 -6.78
N CYS E 291 6.00 52.96 -5.55
CA CYS E 291 7.41 52.64 -5.24
C CYS E 291 7.86 51.34 -5.89
N LEU E 292 7.02 50.30 -5.83
CA LEU E 292 7.36 49.04 -6.48
C LEU E 292 7.36 49.13 -8.00
N GLU E 293 6.54 49.99 -8.59
CA GLU E 293 6.65 50.25 -10.02
C GLU E 293 8.03 50.71 -10.44
N ARG E 294 8.74 51.41 -9.55
CA ARG E 294 9.99 52.06 -9.91
C ARG E 294 11.23 51.37 -9.37
N SER E 295 11.16 50.70 -8.22
CA SER E 295 12.23 49.82 -7.75
C SER E 295 11.82 48.36 -7.89
N GLU E 296 11.43 47.96 -9.10
CA GLU E 296 10.97 46.62 -9.38
C GLU E 296 12.02 45.53 -9.11
N PHE E 297 13.31 45.86 -9.00
CA PHE E 297 14.29 44.88 -8.54
C PHE E 297 13.92 44.27 -7.18
N LEU E 298 13.14 44.99 -6.37
CA LEU E 298 12.63 44.41 -5.12
C LEU E 298 11.74 43.19 -5.37
N LEU E 299 10.83 43.27 -6.34
CA LEU E 299 10.04 42.10 -6.72
C LEU E 299 10.87 41.09 -7.51
N GLU E 300 11.64 41.57 -8.49
CA GLU E 300 12.34 40.65 -9.39
C GLU E 300 13.33 39.75 -8.65
N LYS E 301 13.99 40.26 -7.62
CA LYS E 301 14.94 39.46 -6.86
C LYS E 301 14.35 38.81 -5.61
N ARG E 302 13.02 38.89 -5.44
CA ARG E 302 12.32 38.28 -4.30
C ARG E 302 12.77 38.83 -2.95
N ILE E 303 13.13 40.10 -2.89
CA ILE E 303 13.73 40.67 -1.68
C ILE E 303 12.67 40.87 -0.60
N ILE E 304 11.51 41.43 -0.96
CA ILE E 304 10.50 41.74 0.05
C ILE E 304 9.78 40.49 0.58
N GLN E 305 9.85 39.36 -0.12
CA GLN E 305 9.31 38.12 0.44
C GLN E 305 10.30 37.35 1.30
N SER E 306 11.55 37.75 1.36
CA SER E 306 12.59 36.94 2.00
C SER E 306 12.77 37.24 3.48
N GLY E 307 13.00 36.19 4.26
CA GLY E 307 13.33 36.31 5.68
C GLY E 307 14.66 36.97 5.94
N ILE E 308 15.56 36.95 4.97
CA ILE E 308 16.83 37.66 5.11
C ILE E 308 16.58 39.16 5.24
N ALA E 309 15.60 39.68 4.51
CA ALA E 309 15.24 41.09 4.62
C ALA E 309 14.68 41.44 6.00
N LEU E 310 13.84 40.58 6.58
CA LEU E 310 13.39 40.80 7.95
C LEU E 310 14.52 40.68 8.97
N LEU E 311 15.47 39.79 8.74
CA LEU E 311 16.62 39.69 9.64
C LEU E 311 17.50 40.92 9.53
N LEU E 312 17.72 41.42 8.31
CA LEU E 312 18.42 42.70 8.15
C LEU E 312 17.70 43.82 8.87
N MET E 313 16.38 43.84 8.80
CA MET E 313 15.60 44.81 9.57
C MET E 313 15.88 44.69 11.08
N LEU E 314 15.93 43.46 11.59
CA LEU E 314 16.22 43.27 13.02
C LEU E 314 17.65 43.65 13.35
N ILE E 315 18.60 43.33 12.49
CA ILE E 315 20.00 43.72 12.73
C ILE E 315 20.13 45.23 12.71
N TRP E 316 19.47 45.89 11.75
CA TRP E 316 19.57 47.34 11.66
C TRP E 316 18.86 48.02 12.84
N TYR E 317 17.59 47.67 13.08
CA TYR E 317 16.80 48.41 14.06
C TYR E 317 16.99 48.00 15.52
N ARG E 318 17.16 46.70 15.82
CA ARG E 318 17.11 46.29 17.23
C ARG E 318 18.46 46.39 17.94
N PRO E 319 18.45 46.64 19.26
CA PRO E 319 19.70 46.58 20.04
C PRO E 319 20.23 45.16 20.17
N VAL E 320 21.56 45.07 20.31
CA VAL E 320 22.24 43.77 20.34
C VAL E 320 21.77 42.92 21.51
N ALA E 321 21.44 43.53 22.64
CA ALA E 321 21.06 42.78 23.83
C ALA E 321 19.78 41.96 23.68
N GLU E 322 18.95 42.28 22.70
CA GLU E 322 17.73 41.52 22.47
C GLU E 322 17.97 40.18 21.78
N PHE E 323 19.14 39.98 21.19
CA PHE E 323 19.49 38.71 20.56
C PHE E 323 20.10 37.74 21.57
N ALA E 324 19.98 36.45 21.29
CA ALA E 324 20.55 35.44 22.17
C ALA E 324 22.06 35.55 22.24
N GLN E 325 22.61 35.32 23.43
CA GLN E 325 24.03 35.53 23.68
C GLN E 325 24.93 34.74 22.75
N SER E 326 24.48 33.56 22.29
CA SER E 326 25.28 32.78 21.35
C SER E 326 25.53 33.49 20.02
N ILE E 327 24.56 34.27 19.54
CA ILE E 327 24.67 34.91 18.24
C ILE E 327 25.10 36.38 18.32
N GLN E 328 25.07 36.98 19.51
CA GLN E 328 25.43 38.39 19.66
C GLN E 328 26.78 38.74 19.03
N SER E 329 27.74 37.83 19.10
CA SER E 329 29.04 38.08 18.47
C SER E 329 28.97 38.24 16.97
N ARG E 330 28.06 37.52 16.29
CA ARG E 330 27.87 37.72 14.86
C ARG E 330 27.06 38.98 14.58
N ILE E 331 26.07 39.28 15.43
CA ILE E 331 25.23 40.46 15.22
C ILE E 331 26.06 41.74 15.23
N VAL E 332 27.04 41.85 16.14
CA VAL E 332 27.89 43.05 16.14
C VAL E 332 28.75 43.17 14.89
N GLU E 333 29.27 42.06 14.37
CA GLU E 333 30.00 42.13 13.10
C GLU E 333 29.10 42.51 11.93
N TRP E 334 27.87 42.01 11.92
CA TRP E 334 26.92 42.43 10.90
C TRP E 334 26.47 43.87 11.08
N LYS E 335 26.25 44.33 12.31
CA LYS E 335 25.90 45.73 12.53
C LYS E 335 27.00 46.68 12.08
N GLU E 336 28.24 46.40 12.44
CA GLU E 336 29.33 47.28 12.02
C GLU E 336 29.49 47.31 10.51
N ARG E 337 29.28 46.17 9.84
CA ARG E 337 29.25 46.18 8.38
C ARG E 337 28.15 47.07 7.82
N LEU E 338 26.93 46.95 8.35
CA LEU E 338 25.84 47.80 7.87
C LEU E 338 26.07 49.27 8.18
N ASP E 339 26.55 49.60 9.38
CA ASP E 339 26.91 50.98 9.67
C ASP E 339 27.99 51.51 8.74
N LYS E 340 28.92 50.66 8.35
CA LYS E 340 29.98 51.08 7.44
C LYS E 340 29.43 51.33 6.03
N GLU E 341 28.63 50.41 5.52
CA GLU E 341 28.14 50.56 4.15
C GLU E 341 27.01 51.57 4.00
N PHE E 342 26.20 51.80 5.04
CA PHE E 342 25.13 52.80 5.00
C PHE E 342 25.28 53.81 6.12
N SER E 343 25.33 55.09 5.76
CA SER E 343 24.96 56.12 6.70
C SER E 343 23.48 56.04 7.01
N LEU E 344 23.08 56.66 8.12
CA LEU E 344 21.65 56.92 8.32
C LEU E 344 21.08 57.85 7.27
N SER E 345 21.90 58.75 6.72
CA SER E 345 21.38 59.71 5.75
C SER E 345 20.88 59.04 4.48
N VAL E 346 21.60 58.04 3.98
CA VAL E 346 21.10 57.32 2.82
C VAL E 346 19.89 56.46 3.18
N TYR E 347 19.88 55.88 4.38
CA TYR E 347 18.72 55.11 4.80
C TYR E 347 17.49 55.97 5.04
N GLN E 348 17.66 57.16 5.61
CA GLN E 348 16.55 58.12 5.69
C GLN E 348 16.10 58.59 4.31
N LYS E 349 17.04 58.77 3.38
CA LYS E 349 16.66 59.10 2.00
C LYS E 349 15.85 57.96 1.37
N MET E 350 16.27 56.71 1.56
CA MET E 350 15.48 55.59 1.08
C MET E 350 14.07 55.61 1.64
N LYS E 351 13.94 55.74 2.96
CA LYS E 351 12.64 55.74 3.60
C LYS E 351 11.79 56.93 3.17
N PHE E 352 12.41 58.08 2.92
CA PHE E 352 11.69 59.21 2.34
C PHE E 352 11.25 58.94 0.91
N ASN E 353 12.11 58.34 0.09
CA ASN E 353 11.71 57.98 -1.27
C ASN E 353 10.51 57.06 -1.30
N VAL E 354 10.41 56.14 -0.33
CA VAL E 354 9.24 55.27 -0.25
C VAL E 354 7.96 56.08 -0.02
N ALA E 355 8.00 57.02 0.92
CA ALA E 355 6.80 57.78 1.22
C ALA E 355 6.37 58.69 0.08
N MET E 356 7.30 59.12 -0.77
CA MET E 356 6.96 59.91 -1.95
C MET E 356 6.45 59.06 -3.11
N GLY E 357 6.51 57.74 -3.04
CA GLY E 357 6.19 56.92 -4.19
C GLY E 357 7.18 57.04 -5.31
N ILE E 358 8.39 57.45 -5.00
CA ILE E 358 9.49 57.54 -5.95
C ILE E 358 10.30 56.25 -5.87
N GLY E 359 11.12 55.98 -6.87
CA GLY E 359 12.05 54.87 -6.77
C GLY E 359 12.98 54.99 -5.58
N VAL E 360 13.16 53.89 -4.84
CA VAL E 360 13.87 53.95 -3.56
C VAL E 360 15.29 54.45 -3.74
N LEU E 361 15.96 54.02 -4.81
CA LEU E 361 17.38 54.34 -4.97
C LEU E 361 17.64 55.72 -5.56
N ASP E 362 16.64 56.41 -6.09
CA ASP E 362 16.89 57.70 -6.74
C ASP E 362 17.29 58.75 -5.72
N LYS F 1 40.12 -13.16 -11.70
CA LYS F 1 40.31 -11.72 -11.61
C LYS F 1 38.97 -11.03 -11.35
N GLN F 2 39.02 -9.84 -10.77
CA GLN F 2 37.83 -9.13 -10.28
C GLN F 2 37.20 -8.22 -11.34
N VAL F 3 35.87 -8.07 -11.25
CA VAL F 3 35.15 -7.07 -12.03
C VAL F 3 35.49 -5.68 -11.51
N SER F 4 35.79 -4.76 -12.40
CA SER F 4 35.87 -3.35 -12.03
C SER F 4 34.48 -2.72 -12.04
N TRP F 5 33.95 -2.43 -10.85
CA TRP F 5 32.67 -1.75 -10.74
C TRP F 5 32.78 -0.30 -11.19
N LYS F 6 33.97 0.29 -11.03
CA LYS F 6 34.24 1.64 -11.49
C LYS F 6 34.14 1.77 -13.01
N LEU F 7 34.67 0.79 -13.76
CA LEU F 7 34.48 0.79 -15.22
C LEU F 7 33.02 0.69 -15.64
N VAL F 8 32.22 -0.13 -14.95
CA VAL F 8 30.79 -0.19 -15.27
C VAL F 8 30.13 1.16 -15.01
N THR F 9 30.52 1.81 -13.92
CA THR F 9 29.98 3.13 -13.62
C THR F 9 30.41 4.17 -14.66
N GLU F 10 31.63 4.07 -15.17
CA GLU F 10 32.05 4.96 -16.27
C GLU F 10 31.18 4.79 -17.51
N TYR F 11 30.90 3.55 -17.92
CA TYR F 11 30.00 3.34 -19.05
C TYR F 11 28.62 3.94 -18.80
N ALA F 12 28.08 3.73 -17.60
CA ALA F 12 26.76 4.26 -17.27
C ALA F 12 26.75 5.78 -17.30
N MET F 13 27.81 6.40 -16.81
CA MET F 13 27.91 7.86 -16.82
C MET F 13 28.09 8.40 -18.23
N GLU F 14 28.95 7.77 -19.03
CA GLU F 14 29.18 8.24 -20.40
C GLU F 14 27.95 8.08 -21.29
N THR F 15 27.08 7.12 -21.01
CA THR F 15 25.85 6.93 -21.79
C THR F 15 24.59 7.43 -21.09
N LYS F 16 24.71 7.98 -19.88
CA LYS F 16 23.60 8.47 -19.06
C LYS F 16 22.46 7.45 -18.88
N CYS F 17 22.82 6.20 -18.64
CA CYS F 17 21.83 5.16 -18.35
C CYS F 17 21.22 5.34 -16.96
N ASP F 18 19.93 5.58 -16.91
CA ASP F 18 19.17 5.57 -15.66
C ASP F 18 18.34 4.30 -15.51
N ASP F 19 18.58 3.29 -16.36
CA ASP F 19 17.84 2.04 -16.34
C ASP F 19 18.82 0.88 -16.10
N VAL F 20 18.57 0.13 -15.03
CA VAL F 20 19.41 -0.98 -14.62
C VAL F 20 19.41 -2.13 -15.64
N LEU F 21 18.27 -2.40 -16.27
CA LEU F 21 18.22 -3.49 -17.25
C LEU F 21 18.85 -3.10 -18.57
N LEU F 22 18.69 -1.85 -18.98
CA LEU F 22 19.36 -1.36 -20.17
C LEU F 22 20.88 -1.44 -20.00
N LEU F 23 21.39 -0.96 -18.87
CA LEU F 23 22.80 -1.07 -18.57
C LEU F 23 23.29 -2.52 -18.56
N LEU F 24 22.56 -3.41 -17.89
CA LEU F 24 22.94 -4.82 -17.85
C LEU F 24 23.01 -5.43 -19.25
N GLY F 25 21.98 -5.21 -20.05
CA GLY F 25 21.97 -5.77 -21.40
C GLY F 25 23.08 -5.21 -22.28
N MET F 26 23.22 -3.90 -22.31
CA MET F 26 24.24 -3.30 -23.15
C MET F 26 25.64 -3.72 -22.75
N TYR F 27 25.90 -3.80 -21.45
CA TYR F 27 27.22 -4.21 -20.98
C TYR F 27 27.52 -5.68 -21.30
N LEU F 28 26.51 -6.54 -21.22
CA LEU F 28 26.71 -7.94 -21.58
C LEU F 28 27.05 -8.13 -23.05
N GLU F 29 26.60 -7.25 -23.93
CA GLU F 29 27.00 -7.33 -25.33
C GLU F 29 28.52 -7.21 -25.52
N PHE F 30 29.21 -6.52 -24.62
CA PHE F 30 30.66 -6.38 -24.73
C PHE F 30 31.44 -7.65 -24.40
N GLN F 31 30.79 -8.71 -23.91
CA GLN F 31 31.50 -9.94 -23.58
C GLN F 31 32.05 -10.66 -24.81
N TYR F 32 31.48 -10.42 -25.99
CA TYR F 32 31.90 -11.07 -27.21
C TYR F 32 33.11 -10.36 -27.84
N SER F 33 33.92 -11.12 -28.58
CA SER F 33 35.20 -10.62 -29.05
C SER F 33 35.06 -9.39 -29.93
N PHE F 34 35.89 -8.39 -29.67
CA PHE F 34 35.88 -7.17 -30.49
C PHE F 34 36.32 -7.43 -31.92
N GLU F 35 37.34 -8.27 -32.10
CA GLU F 35 37.95 -8.45 -33.42
C GLU F 35 36.94 -8.83 -34.49
N MET F 36 35.90 -9.57 -34.13
CA MET F 36 34.94 -10.10 -35.09
C MET F 36 33.53 -9.55 -34.88
N CYS F 37 33.40 -8.46 -34.14
CA CYS F 37 32.09 -7.97 -33.71
C CYS F 37 31.35 -7.30 -34.86
N LEU F 38 30.25 -7.93 -35.31
CA LEU F 38 29.47 -7.39 -36.42
C LEU F 38 28.89 -6.00 -36.12
N LYS F 39 28.49 -5.74 -34.88
CA LYS F 39 27.94 -4.42 -34.55
C LYS F 39 29.00 -3.33 -34.58
N CYS F 40 30.22 -3.65 -34.20
CA CYS F 40 31.33 -2.73 -34.38
C CYS F 40 31.78 -2.63 -35.84
N ILE F 41 31.69 -3.72 -36.60
CA ILE F 41 32.05 -3.68 -38.01
C ILE F 41 31.08 -2.79 -38.80
N LYS F 42 29.78 -2.92 -38.56
CA LYS F 42 28.80 -2.15 -39.32
C LYS F 42 28.27 -0.91 -38.60
N LYS F 43 28.70 -0.67 -37.36
CA LYS F 43 28.46 0.59 -36.62
C LYS F 43 27.00 1.06 -36.59
N GLU F 44 26.13 0.17 -36.12
CA GLU F 44 24.72 0.52 -35.96
C GLU F 44 24.55 1.62 -34.93
N GLN F 45 25.01 1.39 -33.70
CA GLN F 45 24.69 2.19 -32.53
C GLN F 45 25.93 2.76 -31.85
N PRO F 46 25.95 4.07 -31.54
CA PRO F 46 27.17 4.66 -30.96
C PRO F 46 27.48 4.13 -29.57
N SER F 47 26.46 3.86 -28.77
CA SER F 47 26.63 3.28 -27.44
C SER F 47 27.31 1.92 -27.44
N HIS F 48 27.59 1.34 -28.60
CA HIS F 48 28.33 0.09 -28.68
C HIS F 48 29.72 0.28 -29.26
N TYR F 49 29.82 0.72 -30.51
CA TYR F 49 31.11 0.71 -31.20
C TYR F 49 32.13 1.67 -30.59
N LYS F 50 31.69 2.71 -29.87
CA LYS F 50 32.64 3.55 -29.15
C LYS F 50 33.29 2.83 -27.97
N TYR F 51 32.56 1.94 -27.31
CA TYR F 51 32.90 1.49 -25.97
C TYR F 51 33.38 0.03 -25.91
N HIS F 52 33.09 -0.77 -26.91
CA HIS F 52 33.35 -2.22 -26.83
C HIS F 52 34.82 -2.55 -26.57
N GLU F 53 35.75 -1.85 -27.23
CA GLU F 53 37.17 -2.14 -27.02
C GLU F 53 37.60 -1.87 -25.59
N LYS F 54 37.20 -0.74 -25.05
CA LYS F 54 37.59 -0.35 -23.69
C LYS F 54 37.05 -1.31 -22.65
N HIS F 55 35.81 -1.77 -22.81
CA HIS F 55 35.13 -2.56 -21.79
C HIS F 55 35.19 -4.08 -22.00
N TYR F 56 35.72 -4.58 -23.12
CA TYR F 56 35.72 -6.01 -23.41
C TYR F 56 36.29 -6.86 -22.27
N ALA F 57 37.48 -6.52 -21.78
CA ALA F 57 38.09 -7.31 -20.71
C ALA F 57 37.22 -7.36 -19.46
N ASN F 58 36.63 -6.22 -19.10
CA ASN F 58 35.78 -6.17 -17.91
C ASN F 58 34.47 -6.94 -18.13
N ALA F 59 33.90 -6.84 -19.33
CA ALA F 59 32.65 -7.52 -19.63
C ALA F 59 32.78 -9.04 -19.65
N ALA F 60 33.92 -9.58 -20.07
CA ALA F 60 34.16 -11.00 -19.94
C ALA F 60 34.09 -11.45 -18.49
N ILE F 61 34.76 -10.74 -17.59
CA ILE F 61 34.72 -11.08 -16.17
C ILE F 61 33.35 -10.80 -15.57
N PHE F 62 32.66 -9.75 -16.05
CA PHE F 62 31.31 -9.45 -15.61
C PHE F 62 30.31 -10.55 -15.98
N ALA F 63 30.45 -11.14 -17.16
CA ALA F 63 29.59 -12.26 -17.54
C ALA F 63 29.77 -13.48 -16.64
N ASP F 64 30.95 -13.66 -16.05
CA ASP F 64 31.17 -14.71 -15.07
C ASP F 64 30.73 -14.33 -13.66
N SER F 65 30.30 -13.10 -13.44
CA SER F 65 29.94 -12.63 -12.10
C SER F 65 28.64 -13.23 -11.59
N LYS F 66 28.57 -13.39 -10.26
CA LYS F 66 27.38 -13.79 -9.55
C LYS F 66 26.60 -12.61 -8.96
N ASN F 67 27.10 -11.38 -9.11
CA ASN F 67 26.54 -10.18 -8.50
C ASN F 67 25.90 -9.21 -9.50
N GLN F 68 25.69 -9.62 -10.75
CA GLN F 68 25.57 -8.68 -11.87
C GLN F 68 24.57 -7.54 -11.65
N LYS F 69 23.39 -7.83 -11.12
CA LYS F 69 22.39 -6.78 -10.93
C LYS F 69 22.80 -5.79 -9.84
N THR F 70 23.53 -6.24 -8.83
CA THR F 70 24.05 -5.32 -7.81
C THR F 70 25.06 -4.35 -8.40
N ILE F 71 25.92 -4.82 -9.29
CA ILE F 71 26.88 -3.92 -9.92
C ILE F 71 26.16 -2.84 -10.72
N CYS F 72 25.14 -3.24 -11.49
CA CYS F 72 24.40 -2.27 -12.29
C CYS F 72 23.57 -1.31 -11.42
N GLN F 73 23.02 -1.80 -10.31
CA GLN F 73 22.25 -0.93 -9.43
C GLN F 73 23.12 0.20 -8.88
N GLN F 74 24.33 -0.12 -8.43
CA GLN F 74 25.25 0.91 -7.95
C GLN F 74 25.60 1.91 -9.04
N ALA F 75 25.88 1.42 -10.26
CA ALA F 75 26.17 2.32 -11.38
C ALA F 75 25.00 3.23 -11.73
N VAL F 76 23.78 2.70 -11.74
CA VAL F 76 22.59 3.52 -12.00
C VAL F 76 22.33 4.52 -10.88
N ASP F 77 22.56 4.12 -9.63
CA ASP F 77 22.44 5.09 -8.54
C ASP F 77 23.47 6.21 -8.63
N THR F 78 24.65 5.93 -9.16
CA THR F 78 25.62 6.99 -9.46
C THR F 78 25.09 7.98 -10.49
N VAL F 79 24.47 7.50 -11.56
CA VAL F 79 23.88 8.40 -12.55
C VAL F 79 22.71 9.19 -11.96
N LEU F 80 21.85 8.53 -11.20
CA LEU F 80 20.76 9.25 -10.52
C LEU F 80 21.29 10.27 -9.53
N ALA F 81 22.39 9.98 -8.86
CA ALA F 81 23.00 10.96 -7.96
C ALA F 81 23.53 12.18 -8.70
N LYS F 82 24.17 11.99 -9.84
CA LYS F 82 24.63 13.14 -10.62
C LYS F 82 23.45 14.01 -11.09
N LYS F 83 22.38 13.40 -11.60
CA LYS F 83 21.18 14.17 -11.93
C LYS F 83 20.65 14.97 -10.73
N ARG F 84 20.62 14.35 -9.55
CA ARG F 84 20.07 15.01 -8.39
C ARG F 84 20.92 16.19 -7.94
N VAL F 85 22.24 16.01 -7.88
CA VAL F 85 23.15 17.13 -7.63
C VAL F 85 22.95 18.25 -8.65
N ASP F 86 22.91 17.90 -9.93
CA ASP F 86 22.73 18.93 -10.95
C ASP F 86 21.38 19.65 -10.83
N SER F 87 20.32 18.93 -10.51
CA SER F 87 19.02 19.56 -10.29
C SER F 87 19.07 20.61 -9.20
N LEU F 88 19.63 20.29 -8.05
CA LEU F 88 19.67 21.25 -6.95
C LEU F 88 20.69 22.36 -7.15
N GLN F 89 21.79 22.11 -7.86
CA GLN F 89 22.89 23.06 -7.90
C GLN F 89 23.04 23.88 -9.17
N LEU F 90 22.52 23.43 -10.32
CA LEU F 90 22.73 24.20 -11.54
C LEU F 90 21.90 25.48 -11.57
N THR F 91 22.51 26.54 -12.08
CA THR F 91 21.77 27.73 -12.46
C THR F 91 20.95 27.48 -13.72
N ARG F 92 19.84 28.19 -13.82
CA ARG F 92 18.78 27.83 -14.76
C ARG F 92 19.22 27.99 -16.22
N GLU F 93 20.20 28.86 -16.49
CA GLU F 93 20.83 28.93 -17.80
C GLU F 93 21.53 27.64 -18.16
N GLN F 94 22.27 27.08 -17.20
CA GLN F 94 23.01 25.84 -17.43
C GLN F 94 22.06 24.67 -17.64
N MET F 95 20.93 24.66 -16.94
CA MET F 95 19.92 23.62 -17.18
C MET F 95 19.42 23.65 -18.61
N LEU F 96 19.08 24.83 -19.13
CA LEU F 96 18.68 24.94 -20.54
C LEU F 96 19.83 24.61 -21.49
N THR F 97 21.05 25.00 -21.15
CA THR F 97 22.22 24.67 -21.97
C THR F 97 22.48 23.18 -22.02
N ASN F 98 22.24 22.46 -20.92
CA ASN F 98 22.33 21.00 -20.95
C ASN F 98 21.27 20.38 -21.84
N ARG F 99 20.04 20.90 -21.78
CA ARG F 99 18.99 20.50 -22.70
C ARG F 99 19.35 20.75 -24.16
N PHE F 100 19.90 21.93 -24.48
CA PHE F 100 20.35 22.18 -25.85
C PHE F 100 21.50 21.28 -26.28
N ASN F 101 22.47 21.04 -25.40
CA ASN F 101 23.53 20.08 -25.72
C ASN F 101 22.98 18.69 -26.01
N ASP F 102 22.06 18.21 -25.18
CA ASP F 102 21.42 16.92 -25.46
C ASP F 102 20.67 16.91 -26.79
N LEU F 103 19.94 17.99 -27.10
CA LEU F 103 19.27 18.08 -28.40
C LEU F 103 20.26 18.13 -29.56
N LEU F 104 21.40 18.82 -29.41
CA LEU F 104 22.43 18.75 -30.44
C LEU F 104 23.08 17.38 -30.56
N ASP F 105 23.19 16.62 -29.47
CA ASP F 105 23.59 15.22 -29.61
C ASP F 105 22.59 14.43 -30.43
N ARG F 106 21.30 14.61 -30.15
CA ARG F 106 20.25 14.03 -30.98
C ARG F 106 20.31 14.53 -32.42
N MET F 107 20.58 15.83 -32.62
CA MET F 107 20.83 16.33 -33.98
C MET F 107 21.95 15.57 -34.67
N ASP F 108 23.11 15.46 -34.03
CA ASP F 108 24.27 14.87 -34.69
C ASP F 108 24.07 13.42 -35.09
N ILE F 109 23.19 12.67 -34.43
CA ILE F 109 22.85 11.33 -34.88
C ILE F 109 21.61 11.33 -35.77
N MET F 110 20.62 12.17 -35.44
CA MET F 110 19.39 12.21 -36.23
C MET F 110 19.72 12.60 -37.67
N PHE F 111 20.56 13.61 -37.82
CA PHE F 111 21.11 14.04 -39.11
C PHE F 111 22.49 13.44 -39.37
N GLY F 112 22.79 12.27 -38.78
CA GLY F 112 24.09 11.65 -38.93
C GLY F 112 24.33 11.08 -40.31
N SER F 113 25.47 10.39 -40.44
CA SER F 113 25.74 9.63 -41.65
C SER F 113 24.71 8.52 -41.86
N THR F 114 24.20 7.95 -40.78
CA THR F 114 23.06 7.03 -40.81
C THR F 114 21.73 7.78 -40.80
N GLY F 115 21.76 9.10 -41.00
CA GLY F 115 20.63 9.94 -40.64
C GLY F 115 19.41 9.69 -41.50
N SER F 116 18.33 9.23 -40.88
CA SER F 116 17.00 9.23 -41.49
C SER F 116 16.46 10.64 -41.69
N ALA F 117 17.00 11.62 -40.98
CA ALA F 117 16.68 13.03 -41.22
C ALA F 117 17.45 13.57 -42.41
N ASP F 118 16.74 13.92 -43.46
CA ASP F 118 17.23 14.88 -44.44
C ASP F 118 17.11 16.29 -43.88
N ILE F 119 18.09 17.14 -44.21
CA ILE F 119 18.02 18.54 -43.82
C ILE F 119 16.82 19.22 -44.46
N GLU F 120 16.44 18.78 -45.65
CA GLU F 120 15.44 19.51 -46.44
C GLU F 120 14.08 19.60 -45.78
N GLU F 121 13.50 18.47 -45.35
CA GLU F 121 12.21 18.54 -44.66
C GLU F 121 12.28 19.23 -43.30
N TRP F 122 13.37 19.06 -42.56
CA TRP F 122 13.50 19.79 -41.30
C TRP F 122 13.59 21.30 -41.52
N MET F 123 14.32 21.75 -42.55
CA MET F 123 14.34 23.17 -42.87
C MET F 123 13.01 23.67 -43.43
N ALA F 124 12.24 22.83 -44.12
CA ALA F 124 10.87 23.20 -44.47
C ALA F 124 10.00 23.34 -43.23
N GLY F 125 10.20 22.47 -42.24
CA GLY F 125 9.56 22.67 -40.95
C GLY F 125 9.89 24.00 -40.32
N VAL F 126 11.17 24.36 -40.31
CA VAL F 126 11.59 25.68 -39.84
C VAL F 126 10.87 26.80 -40.57
N ALA F 127 10.80 26.73 -41.91
CA ALA F 127 10.12 27.78 -42.66
C ALA F 127 8.62 27.83 -42.36
N TRP F 128 7.97 26.68 -42.20
CA TRP F 128 6.59 26.67 -41.73
C TRP F 128 6.44 27.34 -40.37
N LEU F 129 7.29 26.98 -39.42
CA LEU F 129 7.24 27.63 -38.11
C LEU F 129 7.51 29.12 -38.19
N HIS F 130 8.55 29.52 -38.94
CA HIS F 130 8.88 30.93 -39.04
C HIS F 130 7.82 31.76 -39.74
N CYS F 131 6.93 31.11 -40.50
CA CYS F 131 5.80 31.79 -41.12
C CYS F 131 4.56 31.84 -40.23
N LEU F 132 4.52 31.07 -39.14
CA LEU F 132 3.30 30.95 -38.35
C LEU F 132 2.93 32.25 -37.63
N LEU F 133 3.92 32.99 -37.12
CA LEU F 133 3.64 34.16 -36.29
C LEU F 133 4.56 35.32 -36.65
N PRO F 134 4.06 36.56 -36.66
CA PRO F 134 4.93 37.71 -36.93
C PRO F 134 6.19 37.76 -36.08
N LYS F 135 7.33 37.90 -36.75
CA LYS F 135 8.66 37.99 -36.13
C LYS F 135 8.92 36.83 -35.16
N MET F 136 8.62 35.62 -35.64
CA MET F 136 8.61 34.41 -34.83
C MET F 136 9.88 34.16 -34.02
N ASP F 137 11.06 34.30 -34.63
CA ASP F 137 12.27 33.90 -33.90
C ASP F 137 12.56 34.81 -32.71
N SER F 138 12.17 36.07 -32.78
CA SER F 138 12.23 36.89 -31.57
C SER F 138 11.24 36.42 -30.52
N VAL F 139 10.06 35.98 -30.94
CA VAL F 139 9.09 35.41 -29.99
C VAL F 139 9.62 34.16 -29.30
N VAL F 140 10.33 33.29 -30.02
CA VAL F 140 10.94 32.13 -29.36
C VAL F 140 12.10 32.55 -28.47
N TYR F 141 12.95 33.46 -28.93
CA TYR F 141 14.07 33.93 -28.10
C TYR F 141 13.56 34.65 -26.86
N ASP F 142 12.55 35.50 -27.00
CA ASP F 142 11.93 36.14 -25.84
C ASP F 142 11.30 35.13 -24.89
N PHE F 143 10.68 34.08 -25.42
CA PHE F 143 10.15 33.04 -24.56
C PHE F 143 11.24 32.37 -23.73
N LEU F 144 12.31 31.92 -24.39
CA LEU F 144 13.41 31.29 -23.66
C LEU F 144 14.00 32.22 -22.59
N LYS F 145 14.19 33.49 -22.90
CA LYS F 145 14.74 34.41 -21.91
C LYS F 145 13.82 34.57 -20.69
N CYS F 146 12.53 34.81 -20.91
CA CYS F 146 11.66 34.96 -19.74
C CYS F 146 11.53 33.65 -18.96
N MET F 147 11.52 32.51 -19.64
CA MET F 147 11.49 31.23 -18.93
C MET F 147 12.79 30.92 -18.20
N VAL F 148 13.94 31.35 -18.74
CA VAL F 148 15.19 31.20 -18.02
C VAL F 148 15.32 32.20 -16.88
N TYR F 149 14.92 33.45 -17.10
CA TYR F 149 15.01 34.45 -16.04
C TYR F 149 14.01 34.21 -14.92
N ASN F 150 12.83 33.69 -15.22
CA ASN F 150 11.90 33.22 -14.18
C ASN F 150 11.57 34.33 -13.17
N ILE F 151 11.45 35.55 -13.68
CA ILE F 151 11.28 36.77 -12.86
C ILE F 151 9.85 36.86 -12.36
N PRO F 152 9.62 37.04 -11.05
CA PRO F 152 8.25 37.13 -10.50
C PRO F 152 7.30 38.09 -11.21
N LYS F 153 6.02 37.70 -11.21
CA LYS F 153 4.91 38.32 -11.93
C LYS F 153 5.07 38.36 -13.44
N LYS F 154 6.26 38.64 -13.94
CA LYS F 154 6.53 38.73 -15.38
C LYS F 154 6.94 37.38 -15.98
N ARG F 155 6.14 36.34 -15.75
CA ARG F 155 6.46 34.99 -16.21
C ARG F 155 5.48 34.45 -17.26
N TYR F 156 4.19 34.39 -16.98
CA TYR F 156 3.27 33.64 -17.84
C TYR F 156 2.80 34.42 -19.08
N TRP F 157 2.77 33.70 -20.21
CA TRP F 157 2.34 34.20 -21.51
C TRP F 157 0.96 33.64 -21.88
N LEU F 158 0.10 34.49 -22.44
CA LEU F 158 -1.25 34.09 -22.85
C LEU F 158 -1.33 33.92 -24.37
N PHE F 159 -1.51 32.68 -24.82
CA PHE F 159 -1.83 32.37 -26.22
C PHE F 159 -3.35 32.39 -26.37
N LYS F 160 -3.88 33.46 -26.93
CA LYS F 160 -5.32 33.59 -27.15
C LYS F 160 -5.59 33.46 -28.64
N GLY F 161 -6.51 32.57 -29.04
CA GLY F 161 -6.85 32.47 -30.44
C GLY F 161 -7.86 31.41 -30.84
N PRO F 162 -8.46 31.57 -32.05
CA PRO F 162 -9.40 30.58 -32.58
C PRO F 162 -8.91 29.15 -32.57
N ILE F 163 -9.86 28.20 -32.59
CA ILE F 163 -9.52 26.80 -32.81
C ILE F 163 -8.83 26.61 -34.16
N ASP F 164 -8.05 25.53 -34.25
CA ASP F 164 -7.23 25.22 -35.43
C ASP F 164 -6.30 26.36 -35.81
N SER F 165 -5.83 27.14 -34.83
CA SER F 165 -4.94 28.27 -35.12
C SER F 165 -3.47 27.97 -34.84
N GLY F 166 -3.13 26.79 -34.31
CA GLY F 166 -1.75 26.40 -34.10
C GLY F 166 -1.16 26.65 -32.74
N LYS F 167 -1.98 27.00 -31.74
CA LYS F 167 -1.44 27.32 -30.41
C LYS F 167 -0.92 26.08 -29.67
N THR F 168 -1.69 24.98 -29.65
CA THR F 168 -1.15 23.74 -29.08
C THR F 168 0.08 23.27 -29.86
N THR F 169 0.08 23.50 -31.17
CA THR F 169 1.22 23.13 -32.01
C THR F 169 2.54 23.73 -31.51
N LEU F 170 2.56 25.03 -31.23
CA LEU F 170 3.80 25.65 -30.78
C LEU F 170 4.10 25.34 -29.32
N ALA F 171 3.09 25.36 -28.45
CA ALA F 171 3.31 25.05 -27.04
C ALA F 171 3.88 23.64 -26.86
N ALA F 172 3.35 22.65 -27.57
CA ALA F 172 3.89 21.30 -27.52
C ALA F 172 5.34 21.23 -28.00
N ALA F 173 5.74 22.07 -28.95
CA ALA F 173 7.12 22.08 -29.40
C ALA F 173 8.07 22.69 -28.38
N LEU F 174 7.65 23.75 -27.70
CA LEU F 174 8.50 24.38 -26.69
C LEU F 174 8.75 23.48 -25.48
N LEU F 175 7.82 22.60 -25.13
CA LEU F 175 8.09 21.60 -24.09
C LEU F 175 9.26 20.70 -24.42
N GLU F 176 9.42 20.32 -25.69
CA GLU F 176 10.56 19.49 -26.05
C GLU F 176 11.87 20.28 -26.09
N LEU F 177 11.81 21.53 -26.53
CA LEU F 177 13.02 22.36 -26.57
C LEU F 177 13.56 22.64 -25.17
N CYS F 178 12.68 22.86 -24.20
CA CYS F 178 13.09 23.20 -22.83
C CYS F 178 13.08 22.02 -21.88
N GLY F 179 12.24 21.03 -22.09
CA GLY F 179 11.72 20.19 -21.02
C GLY F 179 10.57 20.85 -20.26
N GLY F 180 9.56 20.07 -19.92
CA GLY F 180 8.39 20.58 -19.24
C GLY F 180 7.21 19.62 -19.39
N LYS F 181 6.06 20.05 -18.87
CA LYS F 181 4.84 19.25 -18.98
C LYS F 181 3.61 20.16 -19.08
N ALA F 182 2.52 19.57 -19.58
CA ALA F 182 1.25 20.25 -19.76
C ALA F 182 0.22 19.80 -18.72
N LEU F 183 -0.63 20.73 -18.28
CA LEU F 183 -1.64 20.47 -17.25
C LEU F 183 -3.05 20.84 -17.72
N ASN F 184 -4.03 20.04 -17.27
CA ASN F 184 -5.46 20.21 -17.62
C ASN F 184 -6.26 20.86 -16.49
N VAL F 185 -6.07 22.16 -16.33
CA VAL F 185 -6.66 22.93 -15.22
C VAL F 185 -8.17 23.14 -15.29
N ASN F 186 -8.86 22.47 -16.23
CA ASN F 186 -10.30 22.68 -16.39
C ASN F 186 -11.15 22.08 -15.27
N LEU F 187 -10.57 21.27 -14.40
CA LEU F 187 -11.27 20.45 -13.41
C LEU F 187 -12.10 21.24 -12.41
N PRO F 188 -12.99 20.57 -11.66
CA PRO F 188 -13.56 21.19 -10.45
C PRO F 188 -12.49 21.53 -9.42
N LEU F 189 -12.89 22.31 -8.43
CA LEU F 189 -11.95 22.89 -7.48
C LEU F 189 -11.18 21.85 -6.66
N ASP F 190 -11.70 20.64 -6.51
CA ASP F 190 -11.00 19.66 -5.68
C ASP F 190 -9.88 18.93 -6.44
N ARG F 191 -10.18 18.42 -7.63
CA ARG F 191 -9.21 17.57 -8.33
C ARG F 191 -7.96 18.31 -8.79
N LEU F 192 -8.03 19.62 -9.01
CA LEU F 192 -6.86 20.35 -9.49
C LEU F 192 -5.74 20.45 -8.46
N ASN F 193 -6.02 20.17 -7.19
CA ASN F 193 -4.94 19.99 -6.21
C ASN F 193 -3.96 18.89 -6.63
N PHE F 194 -4.46 17.77 -7.14
CA PHE F 194 -3.55 16.74 -7.66
C PHE F 194 -3.01 17.05 -9.05
N GLU F 195 -3.80 17.68 -9.92
CA GLU F 195 -3.30 18.01 -11.25
C GLU F 195 -2.12 18.97 -11.19
N LEU F 196 -2.17 19.96 -10.30
CA LEU F 196 -1.05 20.87 -10.14
C LEU F 196 0.23 20.17 -9.69
N GLY F 197 0.14 19.01 -9.05
CA GLY F 197 1.32 18.24 -8.69
C GLY F 197 2.15 17.77 -9.86
N VAL F 198 1.58 17.74 -11.07
CA VAL F 198 2.34 17.39 -12.26
C VAL F 198 3.50 18.36 -12.51
N ALA F 199 3.43 19.57 -11.97
CA ALA F 199 4.49 20.55 -12.13
C ALA F 199 5.73 20.28 -11.28
N ILE F 200 5.69 19.32 -10.36
CA ILE F 200 6.82 19.14 -9.45
C ILE F 200 8.10 18.82 -10.21
N ASP F 201 9.16 19.57 -9.90
CA ASP F 201 10.50 19.44 -10.48
C ASP F 201 10.57 19.63 -11.99
N GLN F 202 9.52 20.15 -12.62
CA GLN F 202 9.58 20.50 -14.03
C GLN F 202 10.38 21.78 -14.23
N PHE F 203 11.08 21.88 -15.38
CA PHE F 203 11.62 23.18 -15.77
C PHE F 203 10.50 24.15 -16.13
N LEU F 204 9.47 23.70 -16.84
CA LEU F 204 8.48 24.60 -17.45
C LEU F 204 7.13 23.89 -17.54
N VAL F 205 6.03 24.66 -17.50
CA VAL F 205 4.69 24.09 -17.69
C VAL F 205 3.85 24.92 -18.65
N VAL F 206 2.84 24.28 -19.22
CA VAL F 206 1.81 24.95 -20.01
C VAL F 206 0.43 24.52 -19.52
N PHE F 207 -0.51 25.45 -19.47
CA PHE F 207 -1.92 25.15 -19.22
C PHE F 207 -2.64 25.05 -20.56
N GLU F 208 -3.11 23.86 -20.88
CA GLU F 208 -3.59 23.53 -22.21
C GLU F 208 -5.11 23.58 -22.29
N ASP F 209 -5.62 24.24 -23.33
CA ASP F 209 -7.05 24.25 -23.65
C ASP F 209 -7.92 24.65 -22.46
N VAL F 210 -7.57 25.77 -21.83
CA VAL F 210 -8.34 26.30 -20.71
C VAL F 210 -9.69 26.79 -21.23
N LYS F 211 -10.77 26.21 -20.71
CA LYS F 211 -12.12 26.74 -20.96
C LYS F 211 -12.47 27.87 -19.99
N GLY F 212 -13.24 28.84 -20.48
CA GLY F 212 -13.72 29.94 -19.68
C GLY F 212 -15.21 29.87 -19.39
N THR F 213 -15.65 30.74 -18.47
CA THR F 213 -17.07 30.80 -18.11
C THR F 213 -17.92 31.34 -19.24
N GLY F 214 -17.46 32.39 -19.92
CA GLY F 214 -18.23 33.03 -20.98
C GLY F 214 -18.10 32.35 -22.32
N GLY F 215 -18.45 33.09 -23.37
CA GLY F 215 -18.29 32.65 -24.74
C GLY F 215 -19.39 31.76 -25.28
N GLU F 216 -20.36 31.36 -24.47
CA GLU F 216 -21.49 30.58 -24.97
C GLU F 216 -22.31 31.33 -26.01
N SER F 217 -22.40 32.65 -25.88
CA SER F 217 -23.02 33.48 -26.92
C SER F 217 -22.21 33.51 -28.21
N ARG F 218 -21.02 32.92 -28.23
CA ARG F 218 -20.22 32.73 -29.44
C ARG F 218 -20.01 31.24 -29.72
N ASP F 219 -20.82 30.39 -29.11
CA ASP F 219 -20.72 28.93 -29.21
C ASP F 219 -19.37 28.40 -28.74
N LEU F 220 -18.72 29.09 -27.81
CA LEU F 220 -17.64 28.45 -27.05
C LEU F 220 -18.22 27.74 -25.82
N PRO F 221 -17.78 26.51 -25.50
CA PRO F 221 -18.32 25.82 -24.33
C PRO F 221 -17.84 26.46 -23.04
N SER F 222 -18.77 26.66 -22.11
CA SER F 222 -18.43 27.16 -20.78
C SER F 222 -17.67 26.13 -19.95
N GLY F 223 -16.76 26.63 -19.12
CA GLY F 223 -16.03 25.78 -18.18
C GLY F 223 -15.27 26.61 -17.18
N GLN F 224 -14.95 25.98 -16.05
CA GLN F 224 -14.45 26.70 -14.88
C GLN F 224 -12.94 26.97 -14.89
N GLY F 225 -12.21 26.51 -15.92
CA GLY F 225 -10.77 26.71 -15.95
C GLY F 225 -10.30 28.12 -15.63
N ILE F 226 -10.84 29.12 -16.32
CA ILE F 226 -10.42 30.51 -16.07
C ILE F 226 -10.73 30.93 -14.64
N ASN F 227 -11.91 30.57 -14.15
CA ASN F 227 -12.28 30.90 -12.78
C ASN F 227 -11.39 30.20 -11.76
N ASN F 228 -10.88 29.01 -12.08
CA ASN F 228 -9.83 28.39 -11.27
C ASN F 228 -8.54 29.21 -11.25
N LEU F 229 -8.06 29.63 -12.42
CA LEU F 229 -6.78 30.35 -12.48
C LEU F 229 -6.80 31.64 -11.67
N ASP F 230 -7.94 32.32 -11.61
CA ASP F 230 -8.02 33.52 -10.78
C ASP F 230 -7.80 33.22 -9.31
N ASN F 231 -8.03 31.99 -8.87
CA ASN F 231 -7.67 31.57 -7.52
C ASN F 231 -6.24 31.07 -7.38
N LEU F 232 -5.62 30.57 -8.45
CA LEU F 232 -4.23 30.11 -8.42
C LEU F 232 -3.19 31.23 -8.52
N ARG F 233 -3.58 32.43 -8.07
CA ARG F 233 -2.77 33.63 -8.09
C ARG F 233 -1.28 33.44 -7.77
N ASP F 234 -1.00 32.83 -6.61
CA ASP F 234 0.39 32.71 -6.15
C ASP F 234 1.21 31.74 -6.98
N TYR F 235 0.57 30.72 -7.55
CA TYR F 235 1.27 29.82 -8.45
C TYR F 235 1.74 30.55 -9.70
N LEU F 236 0.92 31.44 -10.24
CA LEU F 236 1.34 32.22 -11.39
C LEU F 236 2.48 33.17 -11.03
N ASP F 237 2.28 34.00 -10.01
CA ASP F 237 3.22 35.07 -9.69
C ASP F 237 4.63 34.56 -9.43
N GLY F 238 4.75 33.42 -8.75
CA GLY F 238 6.07 32.87 -8.51
C GLY F 238 6.91 33.72 -7.58
N SER F 239 6.26 34.56 -6.78
CA SER F 239 6.93 35.36 -5.76
C SER F 239 7.16 34.57 -4.48
N VAL F 240 6.24 33.68 -4.12
CA VAL F 240 6.33 32.86 -2.92
C VAL F 240 6.29 31.39 -3.31
N LYS F 241 6.86 30.56 -2.43
CA LYS F 241 6.78 29.11 -2.61
C LYS F 241 5.36 28.61 -2.39
N VAL F 242 4.98 27.60 -3.16
CA VAL F 242 3.71 26.91 -3.02
C VAL F 242 3.98 25.46 -2.68
N ASN F 243 3.03 24.84 -1.98
CA ASN F 243 3.11 23.44 -1.62
C ASN F 243 2.32 22.60 -2.63
N LEU F 244 3.02 21.67 -3.29
CA LEU F 244 2.49 20.84 -4.37
C LEU F 244 2.42 19.39 -3.95
N GLU F 245 1.38 18.69 -4.40
CA GLU F 245 1.01 17.39 -3.86
C GLU F 245 0.66 16.42 -4.96
N LYS F 246 0.93 15.14 -4.70
CA LYS F 246 0.79 14.08 -5.67
C LYS F 246 0.01 12.90 -5.09
N LYS F 247 -0.44 12.03 -5.97
CA LYS F 247 -1.06 10.75 -5.61
C LYS F 247 -0.28 9.98 -4.55
N HIS F 248 -0.83 9.95 -3.34
CA HIS F 248 -0.26 9.29 -2.15
C HIS F 248 1.23 9.60 -1.90
N LEU F 249 1.66 10.81 -2.27
CA LEU F 249 2.95 11.36 -1.85
C LEU F 249 2.72 12.65 -1.05
N ASN F 250 3.58 12.87 -0.07
CA ASN F 250 3.52 14.07 0.77
C ASN F 250 4.06 15.32 0.03
N LYS F 251 3.67 16.49 0.54
CA LYS F 251 3.82 17.74 -0.21
C LYS F 251 5.27 18.18 -0.36
N ARG F 252 5.58 18.76 -1.52
CA ARG F 252 6.81 19.49 -1.81
C ARG F 252 6.54 20.99 -1.88
N THR F 253 7.41 21.80 -1.29
CA THR F 253 7.34 23.26 -1.40
C THR F 253 8.39 23.77 -2.38
N GLN F 254 7.95 24.49 -3.42
CA GLN F 254 8.86 25.07 -4.40
C GLN F 254 8.17 26.26 -5.08
N ILE F 255 8.97 27.05 -5.80
CA ILE F 255 8.41 28.07 -6.69
C ILE F 255 7.82 27.38 -7.91
N PHE F 256 6.57 27.70 -8.23
CA PHE F 256 5.90 27.03 -9.32
C PHE F 256 6.59 27.35 -10.65
N PRO F 257 6.84 26.36 -11.51
CA PRO F 257 7.49 26.63 -12.81
C PRO F 257 6.77 27.71 -13.60
N PRO F 258 7.47 28.47 -14.42
CA PRO F 258 6.82 29.42 -15.32
C PRO F 258 6.10 28.70 -16.45
N GLY F 259 5.27 29.42 -17.20
CA GLY F 259 4.57 28.74 -18.28
C GLY F 259 3.82 29.59 -19.30
N ILE F 260 2.96 28.90 -20.04
CA ILE F 260 2.07 29.45 -21.07
C ILE F 260 0.64 29.08 -20.71
N VAL F 261 -0.29 29.99 -20.96
CA VAL F 261 -1.72 29.69 -20.95
C VAL F 261 -2.25 29.73 -22.38
N THR F 262 -2.86 28.64 -22.82
CA THR F 262 -3.48 28.55 -24.14
C THR F 262 -4.99 28.55 -24.00
N MET F 263 -5.64 29.47 -24.71
CA MET F 263 -7.03 29.82 -24.44
C MET F 263 -7.69 30.22 -25.74
N ASN F 264 -8.98 29.93 -25.87
CA ASN F 264 -9.75 30.42 -27.00
C ASN F 264 -10.19 31.87 -26.74
N GLU F 265 -11.10 32.39 -27.55
CA GLU F 265 -11.52 33.78 -27.47
C GLU F 265 -12.44 34.09 -26.28
N TYR F 266 -12.15 33.50 -25.12
CA TYR F 266 -12.92 33.78 -23.91
C TYR F 266 -12.65 35.18 -23.36
N SER F 267 -13.65 35.73 -22.67
CA SER F 267 -13.45 36.91 -21.83
C SER F 267 -12.74 36.55 -20.53
N VAL F 268 -11.92 37.48 -20.04
CA VAL F 268 -11.05 37.21 -18.89
C VAL F 268 -11.27 38.21 -17.75
N PRO F 269 -11.09 37.79 -16.49
CA PRO F 269 -10.93 38.76 -15.40
C PRO F 269 -9.77 39.73 -15.63
N LYS F 270 -9.97 40.96 -15.16
CA LYS F 270 -8.90 41.96 -15.15
C LYS F 270 -7.72 41.52 -14.29
N THR F 271 -7.98 40.85 -13.16
CA THR F 271 -6.91 40.32 -12.33
C THR F 271 -6.04 39.31 -13.06
N LEU F 272 -6.66 38.38 -13.78
CA LEU F 272 -5.92 37.37 -14.52
C LEU F 272 -5.17 37.98 -15.70
N GLN F 273 -5.81 38.87 -16.43
CA GLN F 273 -5.14 39.54 -17.54
C GLN F 273 -3.92 40.32 -17.08
N ALA F 274 -4.03 41.01 -15.95
CA ALA F 274 -2.87 41.73 -15.40
C ALA F 274 -1.73 40.81 -15.01
N ARG F 275 -1.98 39.52 -14.81
CA ARG F 275 -0.96 38.56 -14.43
C ARG F 275 -0.32 37.81 -15.61
N PHE F 276 -0.63 38.15 -16.85
CA PHE F 276 0.13 37.70 -18.01
C PHE F 276 0.93 38.86 -18.59
N VAL F 277 2.23 38.64 -18.79
CA VAL F 277 3.13 39.69 -19.26
C VAL F 277 2.98 39.94 -20.75
N LYS F 278 2.71 38.90 -21.53
CA LYS F 278 2.57 39.03 -22.98
C LYS F 278 1.33 38.29 -23.42
N GLN F 279 0.48 38.96 -24.19
CA GLN F 279 -0.59 38.29 -24.91
C GLN F 279 -0.23 38.18 -26.38
N ILE F 280 -0.29 36.97 -26.91
CA ILE F 280 -0.12 36.68 -28.33
C ILE F 280 -1.46 36.24 -28.87
N ASP F 281 -2.03 37.01 -29.79
CA ASP F 281 -3.19 36.58 -30.54
C ASP F 281 -2.75 35.66 -31.68
N PHE F 282 -2.92 34.36 -31.47
CA PHE F 282 -2.89 33.42 -32.59
C PHE F 282 -4.15 33.63 -33.42
N ARG F 283 -4.00 33.81 -34.74
CA ARG F 283 -5.15 33.79 -35.64
C ARG F 283 -4.85 32.99 -36.90
N PRO F 284 -5.80 32.17 -37.36
CA PRO F 284 -5.55 31.35 -38.55
C PRO F 284 -5.49 32.19 -39.82
N LYS F 285 -4.74 31.68 -40.80
CA LYS F 285 -4.66 32.27 -42.12
C LYS F 285 -4.66 31.17 -43.18
N ASP F 286 -5.48 31.37 -44.21
CA ASP F 286 -5.87 30.28 -45.11
C ASP F 286 -4.74 29.74 -45.97
N TYR F 287 -3.74 30.55 -46.31
CA TYR F 287 -2.65 30.00 -47.10
C TYR F 287 -1.82 29.00 -46.30
N LEU F 288 -1.80 29.11 -44.98
CA LEU F 288 -1.22 28.05 -44.17
C LEU F 288 -2.14 26.82 -44.11
N LYS F 289 -3.45 27.03 -44.04
CA LYS F 289 -4.40 25.93 -44.17
C LYS F 289 -4.18 25.14 -45.46
N HIS F 290 -4.06 25.85 -46.57
CA HIS F 290 -3.79 25.21 -47.87
C HIS F 290 -2.40 24.58 -47.93
N CYS F 291 -1.40 25.24 -47.35
CA CYS F 291 -0.06 24.67 -47.34
C CYS F 291 -0.02 23.31 -46.63
N LEU F 292 -0.74 23.18 -45.51
CA LEU F 292 -0.69 21.95 -44.74
C LEU F 292 -1.20 20.74 -45.53
N GLU F 293 -2.37 20.86 -46.14
CA GLU F 293 -2.88 19.77 -46.98
C GLU F 293 -1.98 19.51 -48.17
N ARG F 294 -1.28 20.52 -48.66
CA ARG F 294 -0.25 20.36 -49.68
C ARG F 294 1.07 19.81 -49.15
N SER F 295 1.24 19.62 -47.84
CA SER F 295 2.57 19.43 -47.25
C SER F 295 2.59 18.38 -46.13
N GLU F 296 2.15 17.16 -46.42
CA GLU F 296 2.30 16.09 -45.43
C GLU F 296 3.76 15.80 -45.09
N PHE F 297 4.70 16.20 -45.95
CA PHE F 297 6.12 16.11 -45.62
C PHE F 297 6.51 16.86 -44.36
N LEU F 298 5.66 17.77 -43.85
CA LEU F 298 5.88 18.38 -42.55
C LEU F 298 5.47 17.48 -41.40
N LEU F 299 4.45 16.67 -41.59
CA LEU F 299 3.83 15.89 -40.52
C LEU F 299 4.45 14.50 -40.38
N GLU F 300 4.90 13.90 -41.48
CA GLU F 300 5.66 12.67 -41.40
C GLU F 300 7.02 12.90 -40.76
N LYS F 301 7.58 11.81 -40.22
CA LYS F 301 8.81 11.80 -39.42
C LYS F 301 8.77 12.80 -38.25
N ARG F 302 7.57 13.21 -37.84
CA ARG F 302 7.33 14.02 -36.62
C ARG F 302 7.98 15.41 -36.65
N ILE F 303 8.19 15.99 -37.83
CA ILE F 303 9.04 17.17 -37.95
C ILE F 303 8.34 18.42 -37.41
N ILE F 304 7.08 18.65 -37.80
CA ILE F 304 6.29 19.70 -37.16
C ILE F 304 6.07 19.37 -35.68
N GLN F 305 5.85 20.41 -34.87
CA GLN F 305 5.62 20.30 -33.43
C GLN F 305 6.77 19.67 -32.65
N SER F 306 7.95 19.52 -33.23
CA SER F 306 9.09 18.94 -32.51
C SER F 306 10.13 20.01 -32.18
N GLY F 307 10.61 19.98 -30.93
CA GLY F 307 11.51 21.01 -30.43
C GLY F 307 12.85 21.07 -31.12
N ILE F 308 13.31 19.96 -31.69
CA ILE F 308 14.54 19.96 -32.46
C ILE F 308 14.40 20.79 -33.74
N ALA F 309 13.19 20.93 -34.27
CA ALA F 309 12.97 21.88 -35.36
C ALA F 309 13.05 23.34 -34.90
N LEU F 310 12.51 23.64 -33.71
CA LEU F 310 12.63 25.01 -33.19
C LEU F 310 14.07 25.38 -32.87
N LEU F 311 14.87 24.45 -32.38
CA LEU F 311 16.29 24.69 -32.21
C LEU F 311 16.95 25.04 -33.52
N LEU F 312 16.61 24.32 -34.58
CA LEU F 312 17.17 24.60 -35.89
C LEU F 312 16.76 25.98 -36.40
N MET F 313 15.53 26.40 -36.12
CA MET F 313 15.12 27.77 -36.40
C MET F 313 15.95 28.80 -35.62
N LEU F 314 16.26 28.54 -34.35
CA LEU F 314 17.15 29.45 -33.62
C LEU F 314 18.56 29.47 -34.20
N ILE F 315 19.11 28.31 -34.56
CA ILE F 315 20.44 28.30 -35.15
C ILE F 315 20.47 29.09 -36.46
N TRP F 316 19.44 28.96 -37.28
CA TRP F 316 19.40 29.69 -38.55
C TRP F 316 19.23 31.20 -38.37
N TYR F 317 18.36 31.63 -37.46
CA TYR F 317 18.04 33.05 -37.35
C TYR F 317 18.83 33.87 -36.32
N ARG F 318 19.23 33.29 -35.19
CA ARG F 318 19.85 34.11 -34.14
C ARG F 318 21.35 34.29 -34.35
N PRO F 319 21.91 35.42 -33.89
CA PRO F 319 23.37 35.56 -33.86
C PRO F 319 24.01 34.70 -32.78
N VAL F 320 25.20 34.17 -33.10
CA VAL F 320 25.83 33.14 -32.28
C VAL F 320 26.07 33.62 -30.85
N ALA F 321 26.35 34.91 -30.67
CA ALA F 321 26.63 35.44 -29.35
C ALA F 321 25.48 35.30 -28.35
N GLU F 322 24.27 35.01 -28.82
CA GLU F 322 23.15 34.85 -27.90
C GLU F 322 23.11 33.50 -27.20
N PHE F 323 23.76 32.48 -27.73
CA PHE F 323 23.84 31.20 -27.02
C PHE F 323 24.93 31.22 -25.96
N ALA F 324 24.82 30.30 -25.02
CA ALA F 324 25.80 30.19 -23.94
C ALA F 324 27.19 29.89 -24.49
N GLN F 325 28.19 30.44 -23.80
CA GLN F 325 29.58 30.34 -24.23
C GLN F 325 30.04 28.89 -24.48
N SER F 326 29.54 27.93 -23.70
CA SER F 326 29.94 26.55 -23.91
C SER F 326 29.33 25.94 -25.17
N ILE F 327 28.09 26.28 -25.52
CA ILE F 327 27.46 25.70 -26.69
C ILE F 327 27.73 26.49 -27.97
N GLN F 328 28.21 27.73 -27.86
CA GLN F 328 28.61 28.49 -29.04
C GLN F 328 29.57 27.72 -29.95
N SER F 329 30.47 26.93 -29.39
CA SER F 329 31.38 26.12 -30.19
C SER F 329 30.65 25.11 -31.07
N ARG F 330 29.66 24.40 -30.53
CA ARG F 330 28.89 23.45 -31.34
C ARG F 330 27.93 24.13 -32.30
N ILE F 331 27.38 25.28 -31.91
CA ILE F 331 26.42 25.98 -32.74
C ILE F 331 27.03 26.55 -34.03
N VAL F 332 28.28 27.01 -33.98
CA VAL F 332 28.91 27.44 -35.25
C VAL F 332 29.09 26.28 -36.22
N GLU F 333 29.34 25.07 -35.72
CA GLU F 333 29.42 23.93 -36.63
C GLU F 333 28.08 23.61 -37.28
N TRP F 334 26.99 23.68 -36.52
CA TRP F 334 25.67 23.50 -37.11
C TRP F 334 25.25 24.68 -37.99
N LYS F 335 25.69 25.90 -37.70
CA LYS F 335 25.53 27.00 -38.66
C LYS F 335 26.08 26.63 -40.04
N GLU F 336 27.35 26.24 -40.10
CA GLU F 336 27.96 26.02 -41.41
C GLU F 336 27.39 24.79 -42.12
N ARG F 337 26.93 23.79 -41.38
CA ARG F 337 26.25 22.67 -42.03
C ARG F 337 24.93 23.11 -42.65
N LEU F 338 24.17 23.97 -41.99
CA LEU F 338 22.99 24.58 -42.62
C LEU F 338 23.38 25.49 -43.78
N ASP F 339 24.40 26.33 -43.61
CA ASP F 339 24.81 27.22 -44.70
C ASP F 339 25.19 26.45 -45.95
N LYS F 340 25.93 25.35 -45.80
CA LYS F 340 26.34 24.56 -46.96
C LYS F 340 25.15 23.93 -47.65
N GLU F 341 24.26 23.30 -46.90
CA GLU F 341 23.17 22.55 -47.52
C GLU F 341 22.03 23.45 -47.98
N PHE F 342 21.63 24.41 -47.17
CA PHE F 342 20.58 25.38 -47.53
C PHE F 342 21.16 26.76 -47.80
N SER F 343 21.53 26.98 -49.05
CA SER F 343 21.87 28.33 -49.49
C SER F 343 20.68 29.27 -49.30
N LEU F 344 20.99 30.53 -49.01
CA LEU F 344 19.96 31.50 -48.64
C LEU F 344 18.89 31.64 -49.73
N SER F 345 19.29 31.52 -50.99
CA SER F 345 18.32 31.57 -52.09
C SER F 345 17.41 30.34 -52.09
N VAL F 346 17.94 29.17 -51.74
CA VAL F 346 17.10 27.98 -51.63
C VAL F 346 16.10 28.15 -50.49
N TYR F 347 16.56 28.60 -49.33
CA TYR F 347 15.65 28.86 -48.22
C TYR F 347 14.62 29.93 -48.56
N GLN F 348 15.08 31.06 -49.11
CA GLN F 348 14.15 32.13 -49.46
C GLN F 348 13.08 31.66 -50.43
N LYS F 349 13.46 30.89 -51.45
CA LYS F 349 12.46 30.35 -52.37
C LYS F 349 11.51 29.39 -51.67
N MET F 350 12.02 28.57 -50.77
CA MET F 350 11.16 27.70 -49.99
C MET F 350 10.19 28.49 -49.10
N LYS F 351 10.67 29.54 -48.45
CA LYS F 351 9.76 30.40 -47.68
C LYS F 351 8.80 31.17 -48.58
N PHE F 352 9.25 31.59 -49.76
CA PHE F 352 8.31 32.19 -50.72
C PHE F 352 7.23 31.20 -51.16
N ASN F 353 7.59 29.95 -51.39
CA ASN F 353 6.57 28.93 -51.64
C ASN F 353 5.58 28.81 -50.48
N VAL F 354 6.08 28.81 -49.25
CA VAL F 354 5.18 28.82 -48.10
C VAL F 354 4.29 30.06 -48.11
N ALA F 355 4.83 31.22 -48.48
CA ALA F 355 4.00 32.41 -48.61
C ALA F 355 2.98 32.27 -49.72
N MET F 356 3.31 31.58 -50.80
CA MET F 356 2.34 31.23 -51.83
C MET F 356 1.44 30.07 -51.44
N GLY F 357 1.56 29.55 -50.22
CA GLY F 357 0.69 28.48 -49.75
C GLY F 357 0.92 27.14 -50.39
N ILE F 358 2.15 26.85 -50.82
CA ILE F 358 2.49 25.61 -51.51
C ILE F 358 3.77 25.05 -50.91
N GLY F 359 3.98 23.75 -51.09
CA GLY F 359 5.13 23.06 -50.54
C GLY F 359 6.43 23.31 -51.29
N VAL F 360 7.42 22.45 -50.99
CA VAL F 360 8.73 22.55 -51.62
C VAL F 360 8.65 22.28 -53.12
N LEU F 361 9.33 23.13 -53.89
CA LEU F 361 9.53 22.95 -55.33
C LEU F 361 10.91 23.48 -55.69
N ASP F 362 11.45 22.97 -56.80
CA ASP F 362 12.77 23.39 -57.30
C ASP F 362 13.83 23.34 -56.20
PG ANP H . -17.72 -9.31 -27.86
O1G ANP H . -16.31 -9.34 -27.42
O2G ANP H . -18.55 -10.07 -26.92
O3G ANP H . -18.21 -7.93 -28.07
PB ANP H . -16.72 -10.06 -30.30
O1B ANP H . -15.45 -9.70 -29.65
O2B ANP H . -17.20 -9.21 -31.40
N3B ANP H . -17.91 -10.15 -29.23
PA ANP H . -15.57 -12.61 -30.82
O1A ANP H . -15.29 -12.93 -29.41
O2A ANP H . -14.48 -12.14 -31.70
O3A ANP H . -16.76 -11.56 -30.88
O5' ANP H . -16.25 -13.90 -31.47
C5' ANP H . -16.80 -14.88 -30.58
C4' ANP H . -17.24 -16.05 -31.41
O4' ANP H . -18.25 -15.63 -32.36
C3' ANP H . -16.13 -16.64 -32.27
O3' ANP H . -15.40 -17.59 -31.52
C2' ANP H . -16.92 -17.29 -33.41
O2' ANP H . -17.43 -18.55 -32.98
C1' ANP H . -18.07 -16.30 -33.59
N9 ANP H . -17.85 -15.29 -34.62
C8 ANP H . -16.84 -14.38 -34.67
N7 ANP H . -16.99 -13.45 -35.58
C5 ANP H . -18.20 -13.77 -36.16
C6 ANP H . -18.97 -13.14 -37.16
N6 ANP H . -18.62 -12.00 -37.75
N1 ANP H . -20.17 -13.66 -37.47
C2 ANP H . -20.56 -14.77 -36.83
N3 ANP H . -19.92 -15.46 -35.88
C4 ANP H . -18.75 -14.90 -35.58
HNB1 ANP H . -18.60 -9.70 -29.55
H5'1 ANP H . -17.58 -14.48 -30.13
H5'2 ANP H . -16.18 -15.14 -29.88
H4' ANP H . -17.65 -16.73 -30.84
H3' ANP H . -15.46 -15.99 -32.56
HO3' ANP H . -14.66 -17.19 -31.36
H2' ANP H . -16.41 -17.40 -34.23
HO2' ANP H . -16.84 -18.78 -32.42
H1' ANP H . -18.91 -16.76 -33.81
H8 ANP H . -16.07 -14.43 -34.06
HN61 ANP H . -19.21 -11.56 -38.21
HN62 ANP H . -17.80 -11.69 -37.63
H2 ANP H . -21.43 -15.14 -37.10
MG MG I . -14.71 -9.54 -27.67
MG MG J . -25.08 -21.99 -3.35
PG ANP K . -27.79 -21.29 -2.40
O1G ANP K . -28.13 -20.48 -3.57
O2G ANP K . -26.33 -21.51 -2.33
O3G ANP K . -28.34 -20.74 -1.15
PB ANP K . -27.76 -23.85 -3.66
O1B ANP K . -26.39 -23.49 -4.06
O2B ANP K . -28.79 -23.96 -4.69
N3B ANP K . -28.32 -22.80 -2.57
PA ANP K . -26.63 -26.00 -2.16
O1A ANP K . -25.89 -25.10 -1.26
O2A ANP K . -25.90 -26.69 -3.26
O3A ANP K . -27.86 -25.20 -2.79
O5' ANP K . -27.35 -27.08 -1.26
C5' ANP K . -27.38 -26.81 0.15
C4' ANP K . -28.12 -27.93 0.84
O4' ANP K . -29.46 -28.02 0.33
C3' ANP K . -27.52 -29.30 0.61
O3' ANP K . -26.50 -29.56 1.56
C2' ANP K . -28.72 -30.21 0.80
O2' ANP K . -28.92 -30.43 2.19
C1' ANP K . -29.85 -29.37 0.22
N9 ANP K . -30.17 -29.65 -1.17
C8 ANP K . -29.29 -29.63 -2.23
N7 ANP K . -29.85 -29.82 -3.39
C5 ANP K . -31.21 -29.96 -3.09
C6 ANP K . -32.34 -30.14 -3.89
N6 ANP K . -32.31 -30.18 -5.22
N1 ANP K . -33.55 -30.19 -3.28
C2 ANP K . -33.59 -30.10 -1.95
N3 ANP K . -32.58 -29.93 -1.09
C4 ANP K . -31.41 -29.86 -1.72
HNB1 ANP K . -28.14 -23.11 -1.76
H5'1 ANP K . -27.84 -25.96 0.29
H5'2 ANP K . -26.48 -26.70 0.52
H4' ANP K . -28.19 -27.73 1.80
H3' ANP K . -27.07 -29.39 -0.26
HO3' ANP K . -25.79 -29.59 1.09
H2' ANP K . -28.65 -31.07 0.34
HO2' ANP K . -28.14 -30.36 2.50
H1' ANP K . -30.69 -29.48 0.74
H8 ANP K . -28.34 -29.49 -2.09
HN61 ANP K . -33.06 -30.12 -5.66
HN62 ANP K . -31.53 -30.23 -5.62
H2 ANP K . -34.47 -30.17 -1.55
PG ANP L . -25.88 -6.19 23.07
O1G ANP L . -25.96 -7.12 21.93
O2G ANP L . -24.48 -6.17 23.52
O3G ANP L . -26.43 -4.85 22.81
PB ANP L . -26.29 -8.31 24.75
O1B ANP L . -25.25 -8.85 23.86
O2B ANP L . -27.57 -9.03 24.83
N3B ANP L . -26.66 -6.79 24.35
PA ANP L . -24.63 -8.78 27.10
O1A ANP L . -24.73 -10.24 26.91
O2A ANP L . -23.36 -8.10 26.80
O3A ANP L . -25.80 -8.08 26.27
O5' ANP L . -25.07 -8.44 28.58
C5' ANP L . -24.81 -7.10 29.07
C4' ANP L . -25.06 -7.09 30.55
O4' ANP L . -26.46 -7.30 30.82
C3' ANP L . -24.33 -8.19 31.30
O3' ANP L . -23.06 -7.71 31.71
C2' ANP L . -25.24 -8.46 32.48
O2' ANP L . -24.94 -7.56 33.54
C1' ANP L . -26.63 -8.16 31.92
N9 ANP L . -27.38 -9.32 31.45
C8 ANP L . -26.96 -10.27 30.56
N7 ANP L . -27.90 -11.09 30.17
C5 ANP L . -29.03 -10.64 30.83
C6 ANP L . -30.38 -11.05 30.80
N6 ANP L . -30.83 -12.02 30.01
N1 ANP L . -31.27 -10.35 31.55
C2 ANP L . -30.81 -9.34 32.28
N3 ANP L . -29.57 -8.87 32.39
C4 ANP L . -28.73 -9.56 31.63
HNB1 ANP L . -26.32 -6.26 24.98
H5'1 ANP L . -25.42 -6.48 28.62
H5'2 ANP L . -23.91 -6.80 28.84
H4' ANP L . -24.83 -6.20 30.91
H3' ANP L . -24.13 -8.98 30.75
HO3' ANP L . -22.52 -8.14 31.21
H2' ANP L . -25.20 -9.37 32.82
HO2' ANP L . -24.12 -7.38 33.39
H1' ANP L . -27.20 -7.69 32.57
H8 ANP L . -26.03 -10.31 30.26
HN61 ANP L . -31.71 -12.14 29.97
HN62 ANP L . -30.26 -12.49 29.53
H2 ANP L . -31.49 -8.88 32.82
MG MG M . -24.09 -7.76 22.83
PG ANP N . -14.66 22.36 25.15
O1G ANP N . -15.19 21.04 25.55
O2G ANP N . -13.28 22.15 24.68
O3G ANP N . -15.51 23.05 24.18
PB ANP N . -13.77 22.64 27.72
O1B ANP N . -13.10 21.37 27.36
O2B ANP N . -14.81 22.54 28.77
N3B ANP N . -14.48 23.31 26.44
PA ANP N . -11.30 23.69 28.85
O1A ANP N . -11.34 22.66 29.91
O2A ANP N . -10.30 23.58 27.77
O3A ANP N . -12.75 23.80 28.19
O5' ANP N . -11.18 25.13 29.55
C5' ANP N . -11.07 26.27 28.70
C4' ANP N . -10.87 27.52 29.53
O4' ANP N . -11.84 27.55 30.61
C3' ANP N . -9.50 27.60 30.19
O3' ANP N . -8.99 28.93 30.13
C2' ANP N . -9.78 27.21 31.64
O2' ANP N . -8.84 27.78 32.53
C1' ANP N . -11.17 27.80 31.83
N9 ANP N . -11.94 27.20 32.91
C8 ANP N . -12.15 25.85 33.10
N7 ANP N . -12.85 25.57 34.17
C5 ANP N . -13.15 26.82 34.72
C6 ANP N . -13.88 27.20 35.84
N6 ANP N . -14.50 26.35 36.66
N1 ANP N . -13.97 28.52 36.11
C2 ANP N . -13.36 29.39 35.30
N3 ANP N . -12.64 29.14 34.19
C4 ANP N . -12.58 27.83 33.95
HNB1 ANP N . -13.93 23.91 26.10
H5'1 ANP N . -11.89 26.35 28.17
H5'2 ANP N . -10.35 26.17 28.04
H4' ANP N . -11.04 28.31 28.99
H3' ANP N . -8.80 27.05 29.75
HO3' ANP N . -8.65 29.02 30.90
H2' ANP N . -9.81 26.23 31.79
HO2' ANP N . -9.00 27.36 33.26
H1' ANP N . -11.14 28.77 31.97
H8 ANP N . -11.79 25.20 32.48
HN61 ANP N . -14.30 25.49 36.58
HN62 ANP N . -15.06 26.66 37.27
H2 ANP N . -13.45 30.34 35.54
MG MG O . -13.11 20.67 25.70
PG ANP P . -4.40 38.22 -1.16
O1G ANP P . -5.16 38.35 0.09
O2G ANP P . -3.50 37.06 -1.11
O3G ANP P . -5.29 38.21 -2.35
PB ANP P . -2.19 39.68 -0.26
O1B ANP P . -1.81 38.40 0.38
O2B ANP P . -2.66 40.75 0.63
N3B ANP P . -3.37 39.45 -1.34
PA ANP P . 0.54 40.01 -1.30
O1A ANP P . 0.75 38.79 -2.12
O2A ANP P . 1.13 40.07 0.06
O3A ANP P . -1.03 40.31 -1.19
O5' ANP P . 1.03 41.25 -2.15
C5' ANP P . 0.74 41.29 -3.56
C4' ANP P . 1.31 42.57 -4.10
O4' ANP P . 0.69 43.68 -3.43
C3' ANP P . 2.78 42.77 -3.81
O3' ANP P . 3.58 42.07 -4.76
C2' ANP P . 2.94 44.28 -3.97
O2' ANP P . 3.15 44.62 -5.34
C1' ANP P . 1.57 44.79 -3.49
N9 ANP P . 1.58 45.40 -2.17
C8 ANP P . 1.90 44.78 -1.00
N7 ANP P . 1.57 45.44 0.08
C5 ANP P . 0.97 46.60 -0.42
C6 ANP P . 0.35 47.68 0.21
N6 ANP P . 0.17 47.77 1.53
N1 ANP P . -0.19 48.64 -0.58
C2 ANP P . -0.09 48.51 -1.90
N3 ANP P . 0.48 47.53 -2.60
C4 ANP P . 0.97 46.59 -1.80
HNB1 ANP P . -2.99 39.22 -2.11
H5'1 ANP P . -0.23 41.28 -3.68
H5'2 ANP P . 1.09 40.51 -4.03
H4' ANP P . 1.11 42.66 -5.06
H3' ANP P . 3.08 42.43 -2.94
HO3' ANP P . 4.19 41.72 -4.27
H2' ANP P . 3.65 44.67 -3.43
HO2' ANP P . 3.54 43.93 -5.62
H1' ANP P . 1.18 45.44 -4.11
H8 ANP P . 2.34 43.90 -1.00
HN61 ANP P . -0.38 48.37 1.84
HN62 ANP P . 0.61 47.21 2.05
H2 ANP P . -0.48 49.24 -2.43
MG MG Q . -1.90 36.65 -0.53
PG ANP R . -7.58 23.91 -30.63
O1G ANP R . -7.85 25.11 -29.82
O2G ANP R . -6.71 22.96 -29.90
O3G ANP R . -8.84 23.29 -31.10
PB ANP R . -5.28 25.11 -31.83
O1B ANP R . -4.63 24.93 -30.52
O2B ANP R . -5.62 26.51 -32.19
N3B ANP R . -6.68 24.28 -31.92
PA ANP R . -3.37 23.34 -32.89
O1A ANP R . -3.96 22.26 -32.08
O2A ANP R . -2.12 23.98 -32.43
O3A ANP R . -4.47 24.49 -33.08
O5' ANP R . -3.17 22.83 -34.38
C5' ANP R . -4.18 22.00 -35.02
C4' ANP R . -3.83 21.94 -36.48
O4' ANP R . -4.03 23.25 -37.09
C3' ANP R . -2.37 21.56 -36.76
O3' ANP R . -2.29 20.46 -37.66
C2' ANP R . -1.79 22.82 -37.40
O2' ANP R . -0.78 22.52 -38.35
C1' ANP R . -3.03 23.40 -38.06
N9 ANP R . -2.92 24.80 -38.43
C8 ANP R . -1.87 25.65 -38.18
N7 ANP R . -1.97 26.82 -38.76
C5 ANP R . -3.18 26.75 -39.43
C6 ANP R . -3.87 27.66 -40.25
N6 ANP R . -3.38 28.86 -40.59
N1 ANP R . -5.03 27.26 -40.80
C2 ANP R . -5.49 26.05 -40.52
N3 ANP R . -4.93 25.09 -39.78
C4 ANP R . -3.79 25.51 -39.23
HNB1 ANP R . -6.49 23.46 -32.20
H5'1 ANP R . -4.15 21.11 -34.63
H5'2 ANP R . -5.08 22.35 -34.88
H4' ANP R . -4.45 21.32 -36.94
H3' ANP R . -1.89 21.25 -35.97
HO3' ANP R . -2.44 19.79 -37.17
H2' ANP R . -1.44 23.45 -36.74
HO2' ANP R . -0.96 21.71 -38.55
H1' ANP R . -3.29 22.89 -38.86
H8 ANP R . -1.13 25.37 -37.61
HN61 ANP R . -2.54 29.04 -40.37
HN62 ANP R . -3.88 29.38 -41.08
H2 ANP R . -6.36 25.82 -40.91
MG MG S . -4.67 23.07 -30.32
#